data_2L2S
#
_entry.id   2L2S
#
loop_
_entity.id
_entity.type
_entity.pdbx_description
1 polymer 'Peptidyl-prolyl cis-trans isomerase'
2 non-polymer 1-{[(4-methylphenyl)sulfanyl]acetyl}piperidine
#
_entity_poly.entity_id   1
_entity_poly.type   'polypeptide(L)'
_entity_poly.pdbx_seq_one_letter_code
;GPGSMTVVTTESGLKYEDLTEGSGAEARAGQTVSVHYTGWLTDGQKFDSSKDRNDPFAFVLGGGMVIKGWDEGVQGMKVG
GVRRLTIPPQLGYGARGAGGVIPPNATLVFEVELLDV
;
_entity_poly.pdbx_strand_id   A
#
# COMPACT_ATOMS: atom_id res chain seq x y z
N GLY A 1 15.98 -11.23 -16.04
CA GLY A 1 17.05 -11.83 -15.25
C GLY A 1 17.21 -11.17 -13.90
N PRO A 2 17.74 -9.93 -13.89
CA PRO A 2 17.96 -9.16 -12.66
C PRO A 2 16.65 -8.72 -12.02
N GLY A 3 15.64 -8.49 -12.84
CA GLY A 3 14.35 -8.06 -12.33
C GLY A 3 13.62 -7.14 -13.30
N SER A 4 12.33 -6.93 -13.05
CA SER A 4 11.52 -6.07 -13.90
C SER A 4 11.26 -4.72 -13.24
N MET A 5 10.84 -3.74 -14.03
CA MET A 5 10.56 -2.41 -13.51
C MET A 5 9.63 -1.65 -14.44
N THR A 6 8.38 -1.45 -14.01
CA THR A 6 7.40 -0.74 -14.81
C THR A 6 6.36 -0.06 -13.93
N VAL A 7 5.78 1.03 -14.44
CA VAL A 7 4.76 1.77 -13.69
C VAL A 7 3.49 1.92 -14.50
N VAL A 8 2.35 1.68 -13.86
CA VAL A 8 1.05 1.79 -14.52
C VAL A 8 -0.01 2.34 -13.57
N THR A 9 -0.92 3.14 -14.11
CA THR A 9 -1.98 3.74 -13.31
C THR A 9 -3.32 3.08 -13.61
N THR A 10 -4.23 3.15 -12.64
CA THR A 10 -5.56 2.55 -12.80
C THR A 10 -6.61 3.63 -13.08
N GLU A 11 -7.83 3.19 -13.39
CA GLU A 11 -8.92 4.11 -13.68
C GLU A 11 -9.32 4.90 -12.43
N SER A 12 -9.12 4.28 -11.27
CA SER A 12 -9.46 4.92 -9.99
C SER A 12 -8.54 6.11 -9.72
N GLY A 13 -7.33 6.04 -10.25
CA GLY A 13 -6.37 7.12 -10.05
C GLY A 13 -5.13 6.65 -9.32
N LEU A 14 -5.30 5.75 -8.37
CA LEU A 14 -4.18 5.22 -7.60
C LEU A 14 -3.15 4.57 -8.52
N LYS A 15 -1.96 4.33 -7.97
CA LYS A 15 -0.88 3.71 -8.74
C LYS A 15 -0.17 2.64 -7.91
N TYR A 16 0.60 1.79 -8.58
CA TYR A 16 1.33 0.73 -7.91
C TYR A 16 2.56 0.32 -8.71
N GLU A 17 3.58 -0.17 -8.00
CA GLU A 17 4.82 -0.60 -8.65
C GLU A 17 5.24 -1.97 -8.14
N ASP A 18 5.91 -2.73 -9.01
CA ASP A 18 6.37 -4.07 -8.66
C ASP A 18 7.73 -4.00 -7.96
N LEU A 19 7.82 -4.63 -6.80
CA LEU A 19 9.05 -4.65 -6.03
C LEU A 19 9.57 -6.08 -5.85
N THR A 20 8.65 -7.02 -5.70
CA THR A 20 9.02 -8.42 -5.52
C THR A 20 7.83 -9.34 -5.83
N GLU A 21 7.97 -10.14 -6.87
CA GLU A 21 6.90 -11.06 -7.27
C GLU A 21 6.62 -12.07 -6.16
N GLY A 22 5.34 -12.33 -5.92
CA GLY A 22 4.95 -13.27 -4.88
C GLY A 22 4.32 -14.53 -5.44
N SER A 23 4.94 -15.67 -5.20
CA SER A 23 4.43 -16.95 -5.69
C SER A 23 3.66 -17.68 -4.59
N GLY A 24 2.58 -17.06 -4.12
CA GLY A 24 1.77 -17.66 -3.08
C GLY A 24 0.30 -17.70 -3.43
N ALA A 25 -0.37 -16.56 -3.27
CA ALA A 25 -1.79 -16.46 -3.58
C ALA A 25 -2.29 -15.04 -3.36
N GLU A 26 -3.07 -14.53 -4.32
CA GLU A 26 -3.62 -13.19 -4.23
C GLU A 26 -4.52 -13.05 -3.02
N ALA A 27 -4.54 -11.86 -2.43
CA ALA A 27 -5.36 -11.59 -1.25
C ALA A 27 -6.83 -11.88 -1.54
N ARG A 28 -7.52 -12.45 -0.55
CA ARG A 28 -8.93 -12.78 -0.70
C ARG A 28 -9.81 -11.70 -0.07
N ALA A 29 -11.05 -11.60 -0.55
CA ALA A 29 -11.99 -10.61 -0.03
C ALA A 29 -12.82 -11.20 1.11
N GLY A 30 -13.12 -10.37 2.11
CA GLY A 30 -13.91 -10.83 3.24
C GLY A 30 -13.10 -11.66 4.21
N GLN A 31 -11.82 -11.82 3.93
CA GLN A 31 -10.93 -12.60 4.78
C GLN A 31 -9.81 -11.73 5.34
N THR A 32 -9.29 -12.12 6.50
CA THR A 32 -8.21 -11.37 7.14
C THR A 32 -6.86 -11.72 6.53
N VAL A 33 -6.03 -10.70 6.32
CA VAL A 33 -4.71 -10.90 5.74
C VAL A 33 -3.67 -10.07 6.48
N SER A 34 -2.51 -10.68 6.72
CA SER A 34 -1.41 -9.99 7.41
C SER A 34 -0.38 -9.48 6.42
N VAL A 35 -0.18 -8.16 6.42
CA VAL A 35 0.78 -7.54 5.52
C VAL A 35 1.48 -6.37 6.19
N HIS A 36 2.67 -6.02 5.70
CA HIS A 36 3.44 -4.92 6.26
C HIS A 36 3.27 -3.66 5.39
N TYR A 37 2.99 -2.54 6.05
CA TYR A 37 2.80 -1.27 5.36
C TYR A 37 3.86 -0.26 5.78
N THR A 38 4.35 0.51 4.81
CA THR A 38 5.36 1.52 5.08
C THR A 38 5.03 2.83 4.39
N GLY A 39 4.81 3.87 5.18
CA GLY A 39 4.49 5.17 4.63
C GLY A 39 5.72 6.02 4.36
N TRP A 40 5.86 6.51 3.14
CA TRP A 40 7.00 7.34 2.76
C TRP A 40 6.53 8.63 2.09
N LEU A 41 7.17 9.73 2.45
CA LEU A 41 6.82 11.04 1.88
C LEU A 41 7.35 11.16 0.46
N THR A 42 7.04 12.28 -0.19
CA THR A 42 7.49 12.52 -1.56
C THR A 42 9.01 12.57 -1.64
N ASP A 43 9.66 12.94 -0.53
CA ASP A 43 11.11 13.02 -0.48
C ASP A 43 11.70 11.70 -0.02
N GLY A 44 10.89 10.89 0.65
CA GLY A 44 11.36 9.61 1.14
C GLY A 44 11.31 9.52 2.65
N GLN A 45 10.77 10.55 3.29
CA GLN A 45 10.67 10.58 4.74
C GLN A 45 9.62 9.59 5.25
N LYS A 46 10.06 8.65 6.06
CA LYS A 46 9.15 7.64 6.61
C LYS A 46 8.29 8.22 7.72
N PHE A 47 6.99 8.05 7.61
CA PHE A 47 6.05 8.56 8.60
C PHE A 47 5.15 7.45 9.13
N ASP A 48 5.57 6.21 8.93
CA ASP A 48 4.80 5.05 9.39
C ASP A 48 5.52 3.75 9.03
N SER A 49 5.78 2.94 10.04
CA SER A 49 6.47 1.66 9.83
C SER A 49 5.78 0.54 10.62
N SER A 50 5.03 -0.29 9.90
CA SER A 50 4.32 -1.40 10.52
C SER A 50 5.27 -2.29 11.31
N LYS A 51 6.53 -2.28 10.91
CA LYS A 51 7.56 -3.09 11.59
C LYS A 51 7.68 -2.69 13.05
N ASP A 52 7.22 -1.49 13.37
CA ASP A 52 7.28 -0.98 14.74
C ASP A 52 6.60 -1.95 15.70
N ARG A 53 5.45 -2.46 15.30
CA ARG A 53 4.69 -3.40 16.13
C ARG A 53 5.39 -4.76 16.18
N ASN A 54 6.41 -4.93 15.34
CA ASN A 54 7.15 -6.18 15.29
C ASN A 54 6.25 -7.32 14.82
N ASP A 55 5.18 -6.98 14.13
CA ASP A 55 4.25 -7.98 13.62
C ASP A 55 3.49 -7.45 12.40
N PRO A 56 3.03 -8.37 11.54
CA PRO A 56 2.28 -8.01 10.33
C PRO A 56 0.90 -7.46 10.63
N PHE A 57 0.46 -6.49 9.83
CA PHE A 57 -0.85 -5.88 10.03
C PHE A 57 -1.96 -6.78 9.49
N ALA A 58 -2.69 -7.41 10.40
CA ALA A 58 -3.79 -8.30 10.03
C ALA A 58 -5.10 -7.54 9.94
N PHE A 59 -5.62 -7.41 8.73
CA PHE A 59 -6.88 -6.71 8.50
C PHE A 59 -7.74 -7.43 7.47
N VAL A 60 -9.04 -7.23 7.55
CA VAL A 60 -9.97 -7.87 6.61
C VAL A 60 -10.05 -7.09 5.30
N LEU A 61 -9.74 -7.77 4.20
CA LEU A 61 -9.78 -7.16 2.88
C LEU A 61 -11.21 -6.94 2.41
N GLY A 62 -11.53 -5.71 2.01
CA GLY A 62 -12.86 -5.39 1.55
C GLY A 62 -13.86 -5.25 2.70
N GLY A 63 -13.37 -4.78 3.84
CA GLY A 63 -14.23 -4.61 4.99
C GLY A 63 -14.62 -3.15 5.22
N GLY A 64 -13.66 -2.25 5.01
CA GLY A 64 -13.92 -0.83 5.19
C GLY A 64 -13.00 -0.21 6.22
N MET A 65 -11.92 -0.91 6.55
CA MET A 65 -10.96 -0.42 7.53
C MET A 65 -9.66 0.01 6.85
N VAL A 66 -9.75 0.34 5.56
CA VAL A 66 -8.59 0.76 4.79
C VAL A 66 -8.97 1.78 3.73
N ILE A 67 -7.98 2.23 2.97
CA ILE A 67 -8.22 3.21 1.91
C ILE A 67 -8.38 2.53 0.56
N LYS A 68 -8.90 3.27 -0.42
CA LYS A 68 -9.11 2.73 -1.75
C LYS A 68 -7.85 2.03 -2.26
N GLY A 69 -6.74 2.76 -2.27
CA GLY A 69 -5.48 2.20 -2.73
C GLY A 69 -5.13 0.90 -2.01
N TRP A 70 -5.63 0.75 -0.79
CA TRP A 70 -5.36 -0.44 0.00
C TRP A 70 -6.15 -1.63 -0.53
N ASP A 71 -7.47 -1.50 -0.56
CA ASP A 71 -8.33 -2.57 -1.05
C ASP A 71 -7.91 -3.01 -2.45
N GLU A 72 -7.67 -2.05 -3.33
CA GLU A 72 -7.27 -2.35 -4.70
C GLU A 72 -5.86 -2.93 -4.73
N GLY A 73 -4.97 -2.37 -3.91
CA GLY A 73 -3.60 -2.84 -3.86
C GLY A 73 -3.51 -4.29 -3.41
N VAL A 74 -4.12 -4.59 -2.26
CA VAL A 74 -4.09 -5.94 -1.73
C VAL A 74 -4.91 -6.89 -2.59
N GLN A 75 -5.98 -6.38 -3.19
CA GLN A 75 -6.84 -7.18 -4.05
C GLN A 75 -6.02 -7.92 -5.11
N GLY A 76 -4.88 -7.33 -5.47
CA GLY A 76 -4.02 -7.94 -6.47
C GLY A 76 -2.76 -8.54 -5.88
N MET A 77 -2.24 -7.89 -4.85
CA MET A 77 -1.03 -8.35 -4.18
C MET A 77 -1.16 -9.83 -3.80
N LYS A 78 -0.04 -10.54 -3.84
CA LYS A 78 -0.02 -11.96 -3.50
C LYS A 78 0.85 -12.22 -2.27
N VAL A 79 0.60 -13.33 -1.59
CA VAL A 79 1.37 -13.68 -0.40
C VAL A 79 2.87 -13.68 -0.68
N GLY A 80 3.61 -12.91 0.09
CA GLY A 80 5.05 -12.84 -0.09
C GLY A 80 5.44 -11.84 -1.16
N GLY A 81 4.45 -11.18 -1.75
CA GLY A 81 4.72 -10.20 -2.79
C GLY A 81 4.89 -8.80 -2.23
N VAL A 82 5.73 -8.00 -2.88
CA VAL A 82 5.98 -6.64 -2.45
C VAL A 82 5.79 -5.66 -3.60
N ARG A 83 4.90 -4.69 -3.40
CA ARG A 83 4.63 -3.68 -4.42
C ARG A 83 4.46 -2.30 -3.79
N ARG A 84 4.99 -1.28 -4.47
CA ARG A 84 4.91 0.08 -3.97
C ARG A 84 3.62 0.75 -4.44
N LEU A 85 2.65 0.86 -3.53
CA LEU A 85 1.36 1.48 -3.86
C LEU A 85 1.42 2.99 -3.65
N THR A 86 1.22 3.73 -4.74
CA THR A 86 1.25 5.19 -4.68
C THR A 86 -0.16 5.76 -4.59
N ILE A 87 -0.45 6.44 -3.48
CA ILE A 87 -1.77 7.04 -3.28
C ILE A 87 -1.68 8.56 -3.28
N PRO A 88 -2.58 9.21 -4.04
CA PRO A 88 -2.62 10.66 -4.13
C PRO A 88 -3.11 11.32 -2.85
N PRO A 89 -3.01 12.65 -2.78
CA PRO A 89 -3.43 13.42 -1.61
C PRO A 89 -4.95 13.44 -1.44
N GLN A 90 -5.65 12.86 -2.42
CA GLN A 90 -7.10 12.82 -2.38
C GLN A 90 -7.58 11.45 -1.88
N LEU A 91 -6.90 10.40 -2.31
CA LEU A 91 -7.26 9.04 -1.92
C LEU A 91 -6.47 8.61 -0.69
N GLY A 92 -5.90 9.58 0.02
CA GLY A 92 -5.13 9.28 1.21
C GLY A 92 -5.70 9.94 2.45
N TYR A 93 -4.91 10.80 3.08
CA TYR A 93 -5.34 11.51 4.28
C TYR A 93 -6.62 12.29 4.03
N GLY A 94 -6.64 13.03 2.92
CA GLY A 94 -7.81 13.83 2.59
C GLY A 94 -7.48 15.27 2.29
N ALA A 95 -8.50 16.09 2.05
CA ALA A 95 -8.30 17.49 1.75
C ALA A 95 -7.60 18.21 2.91
N ARG A 96 -7.78 17.69 4.11
CA ARG A 96 -7.17 18.27 5.30
C ARG A 96 -5.69 17.90 5.39
N GLY A 97 -5.41 16.60 5.39
CA GLY A 97 -4.04 16.14 5.48
C GLY A 97 -3.45 16.32 6.86
N ALA A 98 -2.23 15.83 7.06
CA ALA A 98 -1.56 15.95 8.34
C ALA A 98 -0.99 17.36 8.53
N GLY A 99 -0.84 17.76 9.79
CA GLY A 99 -0.30 19.08 10.08
C GLY A 99 1.02 19.34 9.39
N GLY A 100 2.09 18.75 9.93
CA GLY A 100 3.41 18.92 9.36
C GLY A 100 3.97 17.64 8.77
N VAL A 101 3.46 16.50 9.25
CA VAL A 101 3.93 15.21 8.77
C VAL A 101 3.78 15.10 7.26
N ILE A 102 2.56 15.30 6.77
CA ILE A 102 2.28 15.22 5.35
C ILE A 102 1.58 16.49 4.85
N PRO A 103 2.04 17.01 3.71
CA PRO A 103 1.47 18.22 3.11
C PRO A 103 0.07 17.98 2.55
N PRO A 104 -0.63 19.07 2.21
CA PRO A 104 -1.99 19.01 1.67
C PRO A 104 -2.02 18.45 0.25
N ASN A 105 -1.15 18.97 -0.61
CA ASN A 105 -1.08 18.52 -2.00
C ASN A 105 0.27 17.86 -2.28
N ALA A 106 0.26 16.53 -2.41
CA ALA A 106 1.47 15.78 -2.67
C ALA A 106 1.18 14.28 -2.81
N THR A 107 2.05 13.57 -3.52
CA THR A 107 1.88 12.15 -3.73
C THR A 107 2.48 11.35 -2.57
N LEU A 108 1.67 10.45 -2.02
CA LEU A 108 2.11 9.62 -0.90
C LEU A 108 2.58 8.25 -1.39
N VAL A 109 3.78 7.86 -0.98
CA VAL A 109 4.34 6.57 -1.37
C VAL A 109 4.22 5.56 -0.24
N PHE A 110 3.39 4.54 -0.45
CA PHE A 110 3.18 3.51 0.55
C PHE A 110 3.63 2.13 0.02
N GLU A 111 4.38 1.41 0.82
CA GLU A 111 4.87 0.09 0.44
C GLU A 111 4.03 -1.01 1.07
N VAL A 112 3.64 -1.99 0.26
CA VAL A 112 2.83 -3.11 0.73
C VAL A 112 3.57 -4.43 0.58
N GLU A 113 3.66 -5.18 1.67
CA GLU A 113 4.34 -6.47 1.66
C GLU A 113 3.48 -7.55 2.33
N LEU A 114 2.93 -8.45 1.51
CA LEU A 114 2.09 -9.52 2.01
C LEU A 114 2.94 -10.59 2.70
N LEU A 115 2.56 -10.93 3.93
CA LEU A 115 3.28 -11.94 4.70
C LEU A 115 2.45 -13.22 4.82
N ASP A 116 1.14 -13.07 4.85
CA ASP A 116 0.23 -14.21 4.97
C ASP A 116 -1.21 -13.78 4.74
N VAL A 117 -2.05 -14.74 4.34
CA VAL A 117 -3.46 -14.46 4.09
C VAL A 117 -4.36 -15.49 4.78
N GLY A 1 23.26 -8.06 -12.88
CA GLY A 1 22.20 -8.74 -13.60
C GLY A 1 21.24 -7.78 -14.26
N PRO A 2 20.31 -8.32 -15.07
CA PRO A 2 19.31 -7.52 -15.79
C PRO A 2 18.28 -6.91 -14.84
N GLY A 3 17.37 -6.11 -15.40
CA GLY A 3 16.34 -5.48 -14.60
C GLY A 3 15.33 -4.73 -15.44
N SER A 4 14.06 -5.05 -15.25
CA SER A 4 12.99 -4.40 -16.00
C SER A 4 11.65 -4.55 -15.28
N MET A 5 10.97 -3.42 -15.08
CA MET A 5 9.68 -3.43 -14.40
C MET A 5 8.63 -2.71 -15.24
N THR A 6 7.39 -2.70 -14.74
CA THR A 6 6.29 -2.04 -15.45
C THR A 6 5.40 -1.29 -14.47
N VAL A 7 5.15 -0.01 -14.77
CA VAL A 7 4.30 0.81 -13.93
C VAL A 7 3.08 1.33 -14.69
N VAL A 8 1.93 1.31 -14.04
CA VAL A 8 0.69 1.78 -14.66
C VAL A 8 -0.18 2.51 -13.65
N THR A 9 -0.88 3.53 -14.11
CA THR A 9 -1.77 4.32 -13.25
C THR A 9 -3.23 3.97 -13.50
N THR A 10 -4.04 4.13 -12.46
CA THR A 10 -5.47 3.82 -12.56
C THR A 10 -6.24 5.00 -13.15
N GLU A 11 -7.56 4.87 -13.20
CA GLU A 11 -8.41 5.93 -13.74
C GLU A 11 -8.66 7.02 -12.71
N SER A 12 -8.58 6.65 -11.43
CA SER A 12 -8.80 7.59 -10.34
C SER A 12 -7.50 8.33 -10.00
N GLY A 13 -6.37 7.67 -10.24
CA GLY A 13 -5.08 8.28 -9.95
C GLY A 13 -4.15 7.35 -9.19
N LEU A 14 -4.72 6.32 -8.59
CA LEU A 14 -3.93 5.35 -7.83
C LEU A 14 -2.87 4.71 -8.70
N LYS A 15 -1.69 4.50 -8.13
CA LYS A 15 -0.58 3.89 -8.86
C LYS A 15 0.12 2.83 -8.01
N TYR A 16 0.90 1.98 -8.66
CA TYR A 16 1.62 0.92 -7.96
C TYR A 16 2.87 0.51 -8.73
N GLU A 17 3.87 0.02 -8.01
CA GLU A 17 5.12 -0.40 -8.62
C GLU A 17 5.59 -1.74 -8.05
N ASP A 18 5.69 -2.74 -8.91
CA ASP A 18 6.13 -4.07 -8.49
C ASP A 18 7.50 -4.01 -7.82
N LEU A 19 7.62 -4.65 -6.67
CA LEU A 19 8.88 -4.67 -5.94
C LEU A 19 9.42 -6.11 -5.81
N THR A 20 8.51 -7.06 -5.68
CA THR A 20 8.89 -8.47 -5.55
C THR A 20 7.72 -9.38 -5.86
N GLU A 21 7.84 -10.15 -6.94
CA GLU A 21 6.79 -11.08 -7.34
C GLU A 21 6.54 -12.13 -6.25
N GLY A 22 5.32 -12.64 -6.20
CA GLY A 22 4.98 -13.65 -5.21
C GLY A 22 4.30 -14.86 -5.82
N SER A 23 4.78 -16.04 -5.46
CA SER A 23 4.23 -17.29 -5.98
C SER A 23 3.39 -18.00 -4.92
N GLY A 24 2.55 -17.24 -4.23
CA GLY A 24 1.71 -17.81 -3.21
C GLY A 24 0.24 -17.81 -3.58
N ALA A 25 -0.43 -16.69 -3.37
CA ALA A 25 -1.85 -16.56 -3.68
C ALA A 25 -2.35 -15.14 -3.43
N GLU A 26 -3.11 -14.60 -4.38
CA GLU A 26 -3.64 -13.25 -4.26
C GLU A 26 -4.52 -13.13 -3.01
N ALA A 27 -4.51 -11.94 -2.40
CA ALA A 27 -5.30 -11.70 -1.21
C ALA A 27 -6.78 -11.91 -1.48
N ARG A 28 -7.44 -12.64 -0.59
CA ARG A 28 -8.86 -12.92 -0.74
C ARG A 28 -9.71 -11.87 -0.02
N ALA A 29 -10.97 -11.77 -0.40
CA ALA A 29 -11.88 -10.81 0.21
C ALA A 29 -12.71 -11.44 1.31
N GLY A 30 -13.06 -10.66 2.33
CA GLY A 30 -13.85 -11.18 3.42
C GLY A 30 -13.02 -11.95 4.42
N GLN A 31 -11.72 -12.07 4.15
CA GLN A 31 -10.82 -12.80 5.03
C GLN A 31 -9.74 -11.88 5.58
N THR A 32 -9.22 -12.23 6.76
CA THR A 32 -8.18 -11.43 7.40
C THR A 32 -6.80 -11.84 6.91
N VAL A 33 -6.08 -10.89 6.32
CA VAL A 33 -4.74 -11.15 5.81
C VAL A 33 -3.70 -10.30 6.53
N SER A 34 -2.53 -10.89 6.78
CA SER A 34 -1.45 -10.18 7.47
C SER A 34 -0.43 -9.65 6.47
N VAL A 35 -0.22 -8.34 6.48
CA VAL A 35 0.74 -7.71 5.58
C VAL A 35 1.44 -6.54 6.26
N HIS A 36 2.59 -6.15 5.71
CA HIS A 36 3.36 -5.05 6.27
C HIS A 36 3.18 -3.78 5.42
N TYR A 37 2.92 -2.67 6.10
CA TYR A 37 2.73 -1.40 5.41
C TYR A 37 3.75 -0.36 5.88
N THR A 38 4.25 0.43 4.94
CA THR A 38 5.24 1.46 5.25
C THR A 38 4.89 2.78 4.57
N GLY A 39 4.79 3.84 5.37
CA GLY A 39 4.46 5.15 4.82
C GLY A 39 5.70 5.98 4.53
N TRP A 40 5.75 6.56 3.33
CA TRP A 40 6.89 7.37 2.94
C TRP A 40 6.42 8.68 2.30
N LEU A 41 7.04 9.78 2.69
CA LEU A 41 6.68 11.09 2.15
C LEU A 41 7.25 11.28 0.76
N THR A 42 6.82 12.34 0.09
CA THR A 42 7.27 12.63 -1.27
C THR A 42 8.81 12.70 -1.32
N ASP A 43 9.41 13.16 -0.24
CA ASP A 43 10.86 13.27 -0.17
C ASP A 43 11.48 11.97 0.33
N GLY A 44 10.66 11.12 0.93
CA GLY A 44 11.13 9.85 1.45
C GLY A 44 10.98 9.73 2.95
N GLN A 45 10.69 10.86 3.60
CA GLN A 45 10.51 10.87 5.05
C GLN A 45 9.47 9.85 5.48
N LYS A 46 9.91 8.81 6.17
CA LYS A 46 9.00 7.77 6.65
C LYS A 46 8.13 8.29 7.79
N PHE A 47 6.85 7.92 7.75
CA PHE A 47 5.91 8.35 8.78
C PHE A 47 5.00 7.20 9.20
N ASP A 48 5.44 5.97 8.93
CA ASP A 48 4.68 4.78 9.28
C ASP A 48 5.47 3.52 8.96
N SER A 49 5.65 2.67 9.97
CA SER A 49 6.39 1.42 9.81
C SER A 49 5.81 0.32 10.68
N SER A 50 5.31 -0.73 10.05
CA SER A 50 4.72 -1.85 10.76
C SER A 50 5.79 -2.64 11.52
N LYS A 51 6.97 -2.73 10.92
CA LYS A 51 8.08 -3.46 11.53
C LYS A 51 8.39 -2.91 12.92
N ASP A 52 8.02 -1.66 13.15
CA ASP A 52 8.25 -1.02 14.44
C ASP A 52 7.64 -1.83 15.58
N ARG A 53 6.39 -2.26 15.38
CA ARG A 53 5.69 -3.05 16.39
C ARG A 53 6.16 -4.50 16.36
N ASN A 54 6.88 -4.86 15.30
CA ASN A 54 7.38 -6.23 15.16
C ASN A 54 6.23 -7.22 15.03
N ASP A 55 5.29 -6.92 14.13
CA ASP A 55 4.14 -7.80 13.92
C ASP A 55 3.40 -7.40 12.65
N PRO A 56 2.93 -8.41 11.90
CA PRO A 56 2.19 -8.19 10.65
C PRO A 56 0.80 -7.60 10.89
N PHE A 57 0.37 -6.72 9.99
CA PHE A 57 -0.93 -6.08 10.10
C PHE A 57 -2.04 -6.98 9.55
N ALA A 58 -2.77 -7.62 10.46
CA ALA A 58 -3.86 -8.51 10.06
C ALA A 58 -5.18 -7.75 9.96
N PHE A 59 -5.65 -7.57 8.74
CA PHE A 59 -6.91 -6.86 8.50
C PHE A 59 -7.76 -7.59 7.46
N VAL A 60 -9.08 -7.42 7.57
CA VAL A 60 -10.00 -8.06 6.64
C VAL A 60 -10.06 -7.30 5.32
N LEU A 61 -9.72 -7.98 4.23
CA LEU A 61 -9.74 -7.37 2.91
C LEU A 61 -11.18 -7.19 2.41
N GLY A 62 -11.51 -5.96 2.03
CA GLY A 62 -12.84 -5.67 1.55
C GLY A 62 -13.73 -5.05 2.61
N GLY A 63 -13.16 -4.15 3.41
CA GLY A 63 -13.92 -3.52 4.46
C GLY A 63 -13.86 -2.00 4.38
N GLY A 64 -14.19 -1.33 5.49
CA GLY A 64 -14.17 0.12 5.50
C GLY A 64 -13.15 0.67 6.48
N MET A 65 -12.11 -0.10 6.74
CA MET A 65 -11.05 0.32 7.66
C MET A 65 -9.83 0.81 6.90
N VAL A 66 -9.69 0.35 5.65
CA VAL A 66 -8.56 0.76 4.82
C VAL A 66 -9.00 1.76 3.76
N ILE A 67 -8.04 2.20 2.94
CA ILE A 67 -8.33 3.16 1.88
C ILE A 67 -8.49 2.47 0.54
N LYS A 68 -9.05 3.19 -0.43
CA LYS A 68 -9.26 2.64 -1.77
C LYS A 68 -7.99 1.97 -2.28
N GLY A 69 -6.89 2.72 -2.31
CA GLY A 69 -5.63 2.18 -2.78
C GLY A 69 -5.24 0.90 -2.07
N TRP A 70 -5.70 0.76 -0.82
CA TRP A 70 -5.39 -0.42 -0.03
C TRP A 70 -6.15 -1.64 -0.55
N ASP A 71 -7.47 -1.54 -0.57
CA ASP A 71 -8.32 -2.63 -1.05
C ASP A 71 -7.90 -3.08 -2.44
N GLU A 72 -7.68 -2.11 -3.33
CA GLU A 72 -7.28 -2.40 -4.70
C GLU A 72 -5.88 -2.99 -4.73
N GLY A 73 -5.00 -2.46 -3.89
CA GLY A 73 -3.63 -2.95 -3.83
C GLY A 73 -3.55 -4.40 -3.40
N VAL A 74 -4.12 -4.71 -2.25
CA VAL A 74 -4.10 -6.08 -1.72
C VAL A 74 -4.94 -7.00 -2.59
N GLN A 75 -5.96 -6.44 -3.24
CA GLN A 75 -6.84 -7.23 -4.10
C GLN A 75 -6.04 -7.94 -5.19
N GLY A 76 -4.85 -7.42 -5.47
CA GLY A 76 -4.01 -8.02 -6.49
C GLY A 76 -2.75 -8.63 -5.91
N MET A 77 -2.20 -8.00 -4.88
CA MET A 77 -1.00 -8.50 -4.24
C MET A 77 -1.13 -9.97 -3.86
N LYS A 78 -0.03 -10.70 -3.89
CA LYS A 78 -0.03 -12.11 -3.55
C LYS A 78 0.86 -12.39 -2.34
N VAL A 79 0.59 -13.49 -1.65
CA VAL A 79 1.36 -13.86 -0.46
C VAL A 79 2.86 -13.87 -0.77
N GLY A 80 3.62 -13.13 0.01
CA GLY A 80 5.06 -13.06 -0.19
C GLY A 80 5.46 -12.05 -1.25
N GLY A 81 4.46 -11.37 -1.81
CA GLY A 81 4.73 -10.38 -2.83
C GLY A 81 4.79 -8.97 -2.28
N VAL A 82 5.72 -8.17 -2.79
CA VAL A 82 5.88 -6.80 -2.33
C VAL A 82 5.69 -5.81 -3.48
N ARG A 83 4.91 -4.77 -3.24
CA ARG A 83 4.64 -3.76 -4.26
C ARG A 83 4.47 -2.38 -3.62
N ARG A 84 5.01 -1.35 -4.28
CA ARG A 84 4.92 0.01 -3.78
C ARG A 84 3.64 0.67 -4.26
N LEU A 85 2.66 0.78 -3.36
CA LEU A 85 1.38 1.39 -3.69
C LEU A 85 1.44 2.91 -3.49
N THR A 86 1.26 3.65 -4.57
CA THR A 86 1.28 5.11 -4.51
C THR A 86 -0.12 5.69 -4.47
N ILE A 87 -0.45 6.40 -3.41
CA ILE A 87 -1.76 7.02 -3.26
C ILE A 87 -1.66 8.53 -3.23
N PRO A 88 -2.53 9.20 -4.02
CA PRO A 88 -2.56 10.66 -4.10
C PRO A 88 -3.09 11.30 -2.82
N PRO A 89 -2.98 12.63 -2.74
CA PRO A 89 -3.44 13.39 -1.57
C PRO A 89 -4.97 13.42 -1.46
N GLN A 90 -5.63 12.84 -2.46
CA GLN A 90 -7.09 12.79 -2.46
C GLN A 90 -7.59 11.44 -1.96
N LEU A 91 -6.96 10.37 -2.43
CA LEU A 91 -7.34 9.03 -2.03
C LEU A 91 -6.53 8.56 -0.82
N GLY A 92 -5.89 9.51 -0.16
CA GLY A 92 -5.09 9.19 1.01
C GLY A 92 -5.47 10.01 2.22
N TYR A 93 -4.63 10.98 2.57
CA TYR A 93 -4.88 11.85 3.72
C TYR A 93 -6.10 12.73 3.47
N GLY A 94 -6.39 12.99 2.20
CA GLY A 94 -7.53 13.83 1.86
C GLY A 94 -7.25 15.29 2.08
N ALA A 95 -8.28 16.12 1.94
CA ALA A 95 -8.15 17.56 2.13
C ALA A 95 -7.62 17.89 3.53
N ARG A 96 -7.97 17.05 4.50
CA ARG A 96 -7.54 17.25 5.88
C ARG A 96 -6.02 17.40 5.94
N GLY A 97 -5.32 16.32 5.60
CA GLY A 97 -3.87 16.34 5.64
C GLY A 97 -3.31 16.46 7.04
N ALA A 98 -2.21 15.77 7.30
CA ALA A 98 -1.59 15.79 8.62
C ALA A 98 -1.13 17.21 8.98
N GLY A 99 -1.14 17.51 10.28
CA GLY A 99 -0.73 18.83 10.73
C GLY A 99 0.64 19.22 10.19
N GLY A 100 1.68 18.53 10.63
CA GLY A 100 3.02 18.83 10.18
C GLY A 100 3.30 18.29 8.79
N VAL A 101 3.95 17.13 8.73
CA VAL A 101 4.28 16.51 7.45
C VAL A 101 3.03 16.26 6.62
N ILE A 102 3.21 15.69 5.43
CA ILE A 102 2.09 15.41 4.54
C ILE A 102 1.42 16.69 4.08
N PRO A 103 2.10 17.42 3.18
CA PRO A 103 1.60 18.69 2.63
C PRO A 103 0.41 18.47 1.70
N PRO A 104 -0.29 19.57 1.36
CA PRO A 104 -1.45 19.53 0.47
C PRO A 104 -1.07 19.22 -0.97
N ASN A 105 -1.96 18.54 -1.69
CA ASN A 105 -1.71 18.18 -3.08
C ASN A 105 -0.37 17.48 -3.23
N ALA A 106 -0.08 16.58 -2.30
CA ALA A 106 1.18 15.83 -2.34
C ALA A 106 0.92 14.33 -2.50
N THR A 107 1.80 13.67 -3.24
CA THR A 107 1.67 12.23 -3.48
C THR A 107 2.31 11.43 -2.35
N LEU A 108 1.53 10.54 -1.76
CA LEU A 108 2.02 9.70 -0.66
C LEU A 108 2.46 8.33 -1.18
N VAL A 109 3.65 7.91 -0.78
CA VAL A 109 4.20 6.63 -1.20
C VAL A 109 4.09 5.60 -0.08
N PHE A 110 3.26 4.58 -0.29
CA PHE A 110 3.06 3.53 0.69
C PHE A 110 3.49 2.18 0.14
N GLU A 111 4.26 1.45 0.94
CA GLU A 111 4.75 0.12 0.53
C GLU A 111 3.94 -0.98 1.20
N VAL A 112 3.35 -1.84 0.38
CA VAL A 112 2.54 -2.95 0.90
C VAL A 112 3.15 -4.30 0.49
N GLU A 113 3.42 -5.13 1.49
CA GLU A 113 4.00 -6.45 1.23
C GLU A 113 3.20 -7.54 1.94
N LEU A 114 2.59 -8.43 1.16
CA LEU A 114 1.80 -9.51 1.71
C LEU A 114 2.68 -10.52 2.45
N LEU A 115 2.30 -10.83 3.68
CA LEU A 115 3.05 -11.77 4.50
C LEU A 115 2.31 -13.10 4.61
N ASP A 116 0.99 -13.03 4.71
CA ASP A 116 0.16 -14.24 4.83
C ASP A 116 -1.31 -13.90 4.64
N VAL A 117 -2.09 -14.90 4.23
CA VAL A 117 -3.52 -14.71 4.01
C VAL A 117 -4.33 -15.79 4.72
N GLY A 1 20.14 -3.72 -8.60
CA GLY A 1 19.59 -2.82 -9.59
C GLY A 1 18.58 -1.86 -9.00
N PRO A 2 17.91 -1.08 -9.87
CA PRO A 2 16.91 -0.10 -9.46
C PRO A 2 15.64 -0.76 -8.92
N GLY A 3 15.44 -2.02 -9.29
CA GLY A 3 14.26 -2.75 -8.84
C GLY A 3 13.03 -2.41 -9.65
N SER A 4 12.64 -1.14 -9.62
CA SER A 4 11.46 -0.68 -10.35
C SER A 4 11.86 -0.05 -11.68
N MET A 5 11.00 -0.19 -12.68
CA MET A 5 11.26 0.37 -14.00
C MET A 5 10.10 1.25 -14.46
N THR A 6 8.94 0.64 -14.64
CA THR A 6 7.75 1.37 -15.08
C THR A 6 6.62 1.23 -14.07
N VAL A 7 6.08 2.37 -13.63
CA VAL A 7 4.99 2.38 -12.67
C VAL A 7 3.64 2.55 -13.36
N VAL A 8 2.86 1.47 -13.40
CA VAL A 8 1.54 1.50 -14.03
C VAL A 8 0.55 2.29 -13.18
N THR A 9 -0.35 3.02 -13.85
CA THR A 9 -1.36 3.81 -13.16
C THR A 9 -2.74 3.60 -13.77
N THR A 10 -3.76 3.62 -12.93
CA THR A 10 -5.14 3.42 -13.38
C THR A 10 -5.87 4.75 -13.46
N GLU A 11 -7.18 4.69 -13.74
CA GLU A 11 -8.00 5.89 -13.85
C GLU A 11 -8.38 6.41 -12.47
N SER A 12 -8.41 5.52 -11.49
CA SER A 12 -8.76 5.89 -10.12
C SER A 12 -7.78 6.90 -9.56
N GLY A 13 -6.56 6.89 -10.09
CA GLY A 13 -5.54 7.81 -9.63
C GLY A 13 -4.39 7.11 -8.91
N LEU A 14 -4.74 6.15 -8.05
CA LEU A 14 -3.74 5.40 -7.30
C LEU A 14 -2.74 4.74 -8.24
N LYS A 15 -1.63 4.28 -7.67
CA LYS A 15 -0.60 3.61 -8.45
C LYS A 15 0.09 2.52 -7.65
N TYR A 16 0.84 1.65 -8.32
CA TYR A 16 1.55 0.57 -7.67
C TYR A 16 2.76 0.14 -8.47
N GLU A 17 3.82 -0.26 -7.77
CA GLU A 17 5.05 -0.70 -8.43
C GLU A 17 5.45 -2.08 -7.94
N ASP A 18 5.82 -2.95 -8.88
CA ASP A 18 6.24 -4.31 -8.55
C ASP A 18 7.65 -4.31 -7.98
N LEU A 19 7.79 -4.84 -6.77
CA LEU A 19 9.09 -4.91 -6.11
C LEU A 19 9.55 -6.35 -5.97
N THR A 20 8.62 -7.23 -5.60
CA THR A 20 8.93 -8.65 -5.43
C THR A 20 7.73 -9.52 -5.80
N GLU A 21 7.90 -10.35 -6.82
CA GLU A 21 6.84 -11.24 -7.27
C GLU A 21 6.54 -12.30 -6.22
N GLY A 22 5.43 -12.13 -5.49
CA GLY A 22 5.06 -13.08 -4.47
C GLY A 22 4.87 -14.49 -5.02
N SER A 23 3.95 -14.63 -5.96
CA SER A 23 3.69 -15.94 -6.56
C SER A 23 3.12 -16.91 -5.54
N GLY A 24 2.45 -16.36 -4.53
CA GLY A 24 1.86 -17.19 -3.48
C GLY A 24 0.37 -17.38 -3.66
N ALA A 25 -0.38 -16.29 -3.55
CA ALA A 25 -1.83 -16.34 -3.70
C ALA A 25 -2.44 -14.95 -3.57
N GLU A 26 -3.26 -14.57 -4.54
CA GLU A 26 -3.90 -13.27 -4.54
C GLU A 26 -4.80 -13.11 -3.31
N ALA A 27 -4.63 -11.99 -2.60
CA ALA A 27 -5.42 -11.73 -1.41
C ALA A 27 -6.92 -11.85 -1.70
N ARG A 28 -7.63 -12.55 -0.82
CA ARG A 28 -9.07 -12.75 -0.99
C ARG A 28 -9.84 -11.72 -0.18
N ALA A 29 -11.11 -11.53 -0.56
CA ALA A 29 -11.97 -10.57 0.12
C ALA A 29 -12.80 -11.26 1.21
N GLY A 30 -13.13 -10.50 2.25
CA GLY A 30 -13.92 -11.05 3.35
C GLY A 30 -13.09 -11.86 4.32
N GLN A 31 -11.79 -11.98 4.03
CA GLN A 31 -10.88 -12.73 4.88
C GLN A 31 -9.80 -11.82 5.46
N THR A 32 -9.26 -12.19 6.62
CA THR A 32 -8.23 -11.42 7.28
C THR A 32 -6.84 -11.82 6.77
N VAL A 33 -6.17 -10.87 6.11
CA VAL A 33 -4.83 -11.13 5.58
C VAL A 33 -3.78 -10.31 6.32
N SER A 34 -2.61 -10.91 6.52
CA SER A 34 -1.52 -10.23 7.22
C SER A 34 -0.50 -9.68 6.23
N VAL A 35 -0.27 -8.37 6.30
CA VAL A 35 0.69 -7.72 5.41
C VAL A 35 1.43 -6.60 6.12
N HIS A 36 2.54 -6.17 5.54
CA HIS A 36 3.35 -5.10 6.13
C HIS A 36 3.20 -3.81 5.33
N TYR A 37 2.97 -2.71 6.02
CA TYR A 37 2.81 -1.41 5.37
C TYR A 37 3.90 -0.44 5.81
N THR A 38 4.36 0.39 4.88
CA THR A 38 5.41 1.36 5.17
C THR A 38 5.08 2.71 4.54
N GLY A 39 4.82 3.70 5.38
CA GLY A 39 4.51 5.03 4.89
C GLY A 39 5.76 5.87 4.65
N TRP A 40 5.87 6.43 3.46
CA TRP A 40 7.01 7.26 3.11
C TRP A 40 6.56 8.59 2.49
N LEU A 41 7.18 9.68 2.94
CA LEU A 41 6.84 11.00 2.44
C LEU A 41 7.38 11.20 1.03
N THR A 42 6.98 12.31 0.40
CA THR A 42 7.44 12.62 -0.95
C THR A 42 8.96 12.62 -1.03
N ASP A 43 9.61 12.92 0.08
CA ASP A 43 11.07 12.96 0.13
C ASP A 43 11.63 11.60 0.52
N GLY A 44 10.80 10.77 1.15
CA GLY A 44 11.22 9.45 1.57
C GLY A 44 11.22 9.29 3.08
N GLN A 45 10.73 10.31 3.77
CA GLN A 45 10.66 10.28 5.23
C GLN A 45 9.63 9.27 5.71
N LYS A 46 10.10 8.30 6.50
CA LYS A 46 9.21 7.26 7.03
C LYS A 46 8.34 7.81 8.17
N PHE A 47 7.04 7.62 8.05
CA PHE A 47 6.10 8.10 9.06
C PHE A 47 5.16 6.98 9.50
N ASP A 48 5.53 5.74 9.17
CA ASP A 48 4.71 4.58 9.54
C ASP A 48 5.40 3.29 9.09
N SER A 49 5.61 2.39 10.04
CA SER A 49 6.26 1.11 9.75
C SER A 49 5.83 0.04 10.75
N SER A 50 4.97 -0.87 10.31
CA SER A 50 4.48 -1.94 11.16
C SER A 50 5.64 -2.74 11.74
N LYS A 51 6.76 -2.74 11.04
CA LYS A 51 7.95 -3.47 11.49
C LYS A 51 8.37 -3.01 12.88
N ASP A 52 8.08 -1.76 13.20
CA ASP A 52 8.43 -1.20 14.50
C ASP A 52 7.89 -2.08 15.63
N ARG A 53 6.62 -2.45 15.53
CA ARG A 53 5.98 -3.28 16.54
C ARG A 53 6.43 -4.73 16.40
N ASN A 54 7.11 -5.04 15.31
CA ASN A 54 7.60 -6.40 15.06
C ASN A 54 6.43 -7.37 14.90
N ASP A 55 5.46 -6.99 14.09
CA ASP A 55 4.29 -7.83 13.85
C ASP A 55 3.55 -7.39 12.59
N PRO A 56 3.08 -8.37 11.81
CA PRO A 56 2.35 -8.11 10.57
C PRO A 56 0.97 -7.52 10.82
N PHE A 57 0.54 -6.63 9.93
CA PHE A 57 -0.76 -5.98 10.06
C PHE A 57 -1.86 -6.85 9.45
N ALA A 58 -2.63 -7.51 10.31
CA ALA A 58 -3.71 -8.38 9.87
C ALA A 58 -5.03 -7.62 9.82
N PHE A 59 -5.67 -7.62 8.65
CA PHE A 59 -6.94 -6.93 8.47
C PHE A 59 -7.80 -7.63 7.42
N VAL A 60 -9.11 -7.42 7.50
CA VAL A 60 -10.03 -8.04 6.56
C VAL A 60 -10.09 -7.25 5.25
N LEU A 61 -9.79 -7.93 4.15
CA LEU A 61 -9.81 -7.29 2.83
C LEU A 61 -11.24 -7.05 2.36
N GLY A 62 -11.52 -5.81 1.95
CA GLY A 62 -12.85 -5.48 1.48
C GLY A 62 -13.79 -5.09 2.62
N GLY A 63 -13.22 -4.55 3.69
CA GLY A 63 -14.02 -4.16 4.83
C GLY A 63 -14.29 -2.67 4.87
N GLY A 64 -13.91 -2.03 5.98
CA GLY A 64 -14.12 -0.61 6.11
C GLY A 64 -13.13 0.04 7.08
N MET A 65 -11.89 -0.45 7.06
CA MET A 65 -10.85 0.08 7.95
C MET A 65 -9.57 0.34 7.17
N VAL A 66 -9.71 0.65 5.89
CA VAL A 66 -8.56 0.92 5.03
C VAL A 66 -8.89 1.97 3.97
N ILE A 67 -7.91 2.30 3.15
CA ILE A 67 -8.09 3.29 2.09
C ILE A 67 -8.25 2.61 0.74
N LYS A 68 -8.72 3.38 -0.25
CA LYS A 68 -8.91 2.86 -1.60
C LYS A 68 -7.67 2.12 -2.08
N GLY A 69 -6.53 2.81 -2.05
CA GLY A 69 -5.29 2.21 -2.48
C GLY A 69 -4.98 0.91 -1.75
N TRP A 70 -5.52 0.78 -0.54
CA TRP A 70 -5.29 -0.42 0.27
C TRP A 70 -6.08 -1.60 -0.30
N ASP A 71 -7.40 -1.44 -0.36
CA ASP A 71 -8.27 -2.49 -0.88
C ASP A 71 -7.83 -2.93 -2.26
N GLU A 72 -7.57 -1.97 -3.13
CA GLU A 72 -7.14 -2.26 -4.50
C GLU A 72 -5.77 -2.92 -4.50
N GLY A 73 -4.86 -2.39 -3.70
CA GLY A 73 -3.52 -2.93 -3.62
C GLY A 73 -3.51 -4.42 -3.30
N VAL A 74 -4.11 -4.78 -2.18
CA VAL A 74 -4.17 -6.18 -1.76
C VAL A 74 -5.11 -6.98 -2.67
N GLN A 75 -6.07 -6.30 -3.27
CA GLN A 75 -7.02 -6.95 -4.17
C GLN A 75 -6.30 -7.74 -5.25
N GLY A 76 -5.09 -7.32 -5.58
CA GLY A 76 -4.31 -8.00 -6.59
C GLY A 76 -3.02 -8.57 -6.05
N MET A 77 -2.50 -7.95 -5.00
CA MET A 77 -1.26 -8.40 -4.38
C MET A 77 -1.32 -9.90 -4.06
N LYS A 78 -0.16 -10.55 -4.09
CA LYS A 78 -0.08 -11.98 -3.81
C LYS A 78 0.76 -12.24 -2.57
N VAL A 79 0.49 -13.36 -1.89
CA VAL A 79 1.21 -13.72 -0.69
C VAL A 79 2.72 -13.73 -0.94
N GLY A 80 3.46 -12.98 -0.14
CA GLY A 80 4.90 -12.93 -0.29
C GLY A 80 5.33 -11.92 -1.34
N GLY A 81 4.37 -11.25 -1.95
CA GLY A 81 4.67 -10.27 -2.96
C GLY A 81 4.76 -8.86 -2.41
N VAL A 82 5.80 -8.13 -2.79
CA VAL A 82 6.01 -6.77 -2.32
C VAL A 82 5.86 -5.76 -3.47
N ARG A 83 5.07 -4.72 -3.24
CA ARG A 83 4.85 -3.69 -4.24
C ARG A 83 4.65 -2.33 -3.59
N ARG A 84 5.22 -1.30 -4.21
CA ARG A 84 5.11 0.06 -3.70
C ARG A 84 3.85 0.74 -4.21
N LEU A 85 2.84 0.84 -3.35
CA LEU A 85 1.57 1.46 -3.71
C LEU A 85 1.62 2.96 -3.46
N THR A 86 1.42 3.74 -4.52
CA THR A 86 1.44 5.20 -4.43
C THR A 86 0.03 5.76 -4.32
N ILE A 87 -0.24 6.45 -3.22
CA ILE A 87 -1.55 7.04 -2.99
C ILE A 87 -1.48 8.57 -2.99
N PRO A 88 -2.39 9.21 -3.73
CA PRO A 88 -2.45 10.68 -3.83
C PRO A 88 -2.91 11.32 -2.53
N PRO A 89 -2.80 12.65 -2.46
CA PRO A 89 -3.20 13.42 -1.28
C PRO A 89 -4.71 13.43 -1.08
N GLN A 90 -5.44 12.88 -2.04
CA GLN A 90 -6.89 12.83 -1.97
C GLN A 90 -7.36 11.45 -1.49
N LEU A 91 -6.72 10.41 -1.99
CA LEU A 91 -7.08 9.04 -1.61
C LEU A 91 -6.23 8.57 -0.43
N GLY A 92 -5.61 9.51 0.25
CA GLY A 92 -4.77 9.17 1.39
C GLY A 92 -5.32 9.71 2.70
N TYR A 93 -4.66 10.71 3.25
CA TYR A 93 -5.09 11.31 4.51
C TYR A 93 -6.44 12.00 4.35
N GLY A 94 -6.66 12.59 3.18
CA GLY A 94 -7.92 13.27 2.92
C GLY A 94 -7.71 14.68 2.40
N ALA A 95 -8.81 15.37 2.11
CA ALA A 95 -8.75 16.73 1.61
C ALA A 95 -8.00 17.65 2.57
N ARG A 96 -8.12 17.37 3.86
CA ARG A 96 -7.46 18.16 4.89
C ARG A 96 -5.98 17.79 4.99
N GLY A 97 -5.72 16.55 5.38
CA GLY A 97 -4.35 16.08 5.51
C GLY A 97 -3.61 16.78 6.64
N ALA A 98 -2.77 16.03 7.34
CA ALA A 98 -1.99 16.58 8.45
C ALA A 98 -1.26 17.84 8.03
N GLY A 99 -1.50 18.94 8.76
CA GLY A 99 -0.85 20.19 8.44
C GLY A 99 0.60 20.23 8.88
N GLY A 100 1.49 19.76 8.01
CA GLY A 100 2.90 19.73 8.33
C GLY A 100 3.64 18.60 7.63
N VAL A 101 3.10 17.40 7.73
CA VAL A 101 3.71 16.23 7.09
C VAL A 101 2.96 15.82 5.84
N ILE A 102 1.64 16.04 5.86
CA ILE A 102 0.80 15.69 4.72
C ILE A 102 0.22 16.94 4.06
N PRO A 103 1.07 17.67 3.32
CA PRO A 103 0.66 18.90 2.63
C PRO A 103 -0.28 18.62 1.45
N PRO A 104 -0.89 19.68 0.92
CA PRO A 104 -1.82 19.57 -0.21
C PRO A 104 -1.10 19.21 -1.51
N ASN A 105 -1.82 18.52 -2.40
CA ASN A 105 -1.25 18.12 -3.68
C ASN A 105 0.08 17.40 -3.48
N ALA A 106 0.16 16.59 -2.43
CA ALA A 106 1.37 15.84 -2.14
C ALA A 106 1.15 14.34 -2.34
N THR A 107 2.06 13.70 -3.08
CA THR A 107 1.97 12.27 -3.34
C THR A 107 2.59 11.46 -2.22
N LEU A 108 1.81 10.56 -1.63
CA LEU A 108 2.29 9.71 -0.55
C LEU A 108 2.73 8.35 -1.07
N VAL A 109 3.93 7.93 -0.68
CA VAL A 109 4.47 6.65 -1.11
C VAL A 109 4.34 5.60 0.00
N PHE A 110 3.49 4.60 -0.25
CA PHE A 110 3.27 3.54 0.73
C PHE A 110 3.70 2.19 0.16
N GLU A 111 4.44 1.43 0.97
CA GLU A 111 4.93 0.13 0.55
C GLU A 111 4.15 -0.99 1.24
N VAL A 112 3.52 -1.85 0.43
CA VAL A 112 2.74 -2.96 0.97
C VAL A 112 3.30 -4.30 0.51
N GLU A 113 3.52 -5.20 1.46
CA GLU A 113 4.05 -6.53 1.14
C GLU A 113 3.22 -7.62 1.81
N LEU A 114 2.62 -8.48 1.01
CA LEU A 114 1.80 -9.57 1.52
C LEU A 114 2.65 -10.56 2.31
N LEU A 115 2.23 -10.86 3.53
CA LEU A 115 2.95 -11.80 4.38
C LEU A 115 2.18 -13.11 4.53
N ASP A 116 0.86 -13.02 4.52
CA ASP A 116 0.00 -14.20 4.64
C ASP A 116 -1.46 -13.85 4.38
N VAL A 117 -2.25 -14.85 4.02
CA VAL A 117 -3.66 -14.64 3.73
C VAL A 117 -4.52 -15.73 4.39
N GLY A 1 5.02 -12.33 -22.46
CA GLY A 1 5.80 -11.96 -21.28
C GLY A 1 4.92 -11.57 -20.11
N PRO A 2 5.53 -11.49 -18.92
CA PRO A 2 4.81 -11.12 -17.70
C PRO A 2 4.40 -9.65 -17.69
N GLY A 3 3.25 -9.37 -17.06
CA GLY A 3 2.76 -8.01 -17.00
C GLY A 3 3.22 -7.28 -15.75
N SER A 4 4.50 -7.44 -15.41
CA SER A 4 5.05 -6.80 -14.23
C SER A 4 6.37 -6.10 -14.56
N MET A 5 6.46 -5.58 -15.79
CA MET A 5 7.66 -4.89 -16.23
C MET A 5 7.41 -3.39 -16.33
N THR A 6 6.15 -3.02 -16.58
CA THR A 6 5.78 -1.62 -16.70
C THR A 6 4.84 -1.19 -15.58
N VAL A 7 4.71 0.12 -15.38
CA VAL A 7 3.85 0.65 -14.34
C VAL A 7 2.53 1.15 -14.93
N VAL A 8 1.42 0.69 -14.35
CA VAL A 8 0.10 1.08 -14.82
C VAL A 8 -0.63 1.91 -13.78
N THR A 9 -1.40 2.90 -14.23
CA THR A 9 -2.15 3.76 -13.33
C THR A 9 -3.65 3.63 -13.56
N THR A 10 -4.42 3.72 -12.48
CA THR A 10 -5.87 3.60 -12.56
C THR A 10 -6.49 4.91 -13.02
N GLU A 11 -7.82 4.93 -13.12
CA GLU A 11 -8.53 6.13 -13.54
C GLU A 11 -8.70 7.11 -12.39
N SER A 12 -8.84 6.59 -11.19
CA SER A 12 -9.00 7.42 -10.00
C SER A 12 -7.70 8.12 -9.64
N GLY A 13 -6.58 7.49 -9.99
CA GLY A 13 -5.29 8.07 -9.69
C GLY A 13 -4.36 7.11 -8.99
N LEU A 14 -4.95 6.12 -8.30
CA LEU A 14 -4.16 5.13 -7.59
C LEU A 14 -3.11 4.49 -8.50
N LYS A 15 -1.93 4.23 -7.95
CA LYS A 15 -0.85 3.62 -8.71
C LYS A 15 -0.14 2.56 -7.88
N TYR A 16 0.60 1.68 -8.56
CA TYR A 16 1.33 0.61 -7.89
C TYR A 16 2.52 0.17 -8.73
N GLU A 17 3.63 -0.12 -8.05
CA GLU A 17 4.84 -0.56 -8.73
C GLU A 17 5.39 -1.84 -8.09
N ASP A 18 5.46 -2.91 -8.88
CA ASP A 18 5.97 -4.18 -8.40
C ASP A 18 7.37 -4.02 -7.81
N LEU A 19 7.60 -4.65 -6.66
CA LEU A 19 8.89 -4.59 -6.00
C LEU A 19 9.48 -5.98 -5.80
N THR A 20 8.62 -6.95 -5.52
CA THR A 20 9.05 -8.33 -5.31
C THR A 20 7.96 -9.31 -5.73
N GLU A 21 8.25 -10.10 -6.75
CA GLU A 21 7.30 -11.09 -7.24
C GLU A 21 6.87 -12.04 -6.13
N GLY A 22 5.56 -12.20 -5.97
CA GLY A 22 5.04 -13.08 -4.94
C GLY A 22 4.26 -14.25 -5.50
N SER A 23 4.89 -15.42 -5.55
CA SER A 23 4.25 -16.61 -6.08
C SER A 23 3.63 -17.44 -4.95
N GLY A 24 2.74 -16.83 -4.18
CA GLY A 24 2.09 -17.52 -3.09
C GLY A 24 0.59 -17.66 -3.29
N ALA A 25 -0.14 -16.58 -3.02
CA ALA A 25 -1.59 -16.58 -3.18
C ALA A 25 -2.15 -15.17 -3.11
N GLU A 26 -2.96 -14.82 -4.11
CA GLU A 26 -3.56 -13.49 -4.17
C GLU A 26 -4.49 -13.27 -2.97
N ALA A 27 -4.35 -12.11 -2.34
CA ALA A 27 -5.17 -11.76 -1.18
C ALA A 27 -6.65 -11.91 -1.50
N ARG A 28 -7.36 -12.69 -0.68
CA ARG A 28 -8.78 -12.91 -0.87
C ARG A 28 -9.60 -11.86 -0.15
N ALA A 29 -10.87 -11.73 -0.54
CA ALA A 29 -11.76 -10.75 0.08
C ALA A 29 -12.60 -11.40 1.18
N GLY A 30 -12.94 -10.62 2.19
CA GLY A 30 -13.74 -11.12 3.29
C GLY A 30 -12.92 -11.91 4.29
N GLN A 31 -11.62 -12.03 4.02
CA GLN A 31 -10.72 -12.77 4.89
C GLN A 31 -9.64 -11.85 5.46
N THR A 32 -9.12 -12.20 6.64
CA THR A 32 -8.09 -11.41 7.29
C THR A 32 -6.70 -11.78 6.76
N VAL A 33 -6.03 -10.81 6.15
CA VAL A 33 -4.70 -11.04 5.60
C VAL A 33 -3.65 -10.21 6.34
N SER A 34 -2.49 -10.82 6.59
CA SER A 34 -1.42 -10.13 7.30
C SER A 34 -0.37 -9.60 6.32
N VAL A 35 -0.17 -8.29 6.33
CA VAL A 35 0.79 -7.66 5.45
C VAL A 35 1.50 -6.49 6.14
N HIS A 36 2.69 -6.15 5.65
CA HIS A 36 3.45 -5.05 6.23
C HIS A 36 3.28 -3.78 5.39
N TYR A 37 3.01 -2.66 6.07
CA TYR A 37 2.82 -1.39 5.40
C TYR A 37 3.87 -0.38 5.84
N THR A 38 4.34 0.43 4.91
CA THR A 38 5.35 1.44 5.20
C THR A 38 4.99 2.78 4.56
N GLY A 39 4.78 3.80 5.40
CA GLY A 39 4.44 5.11 4.90
C GLY A 39 5.66 5.96 4.59
N TRP A 40 5.75 6.43 3.36
CA TRP A 40 6.88 7.26 2.95
C TRP A 40 6.40 8.54 2.28
N LEU A 41 7.03 9.66 2.60
CA LEU A 41 6.67 10.95 2.03
C LEU A 41 7.21 11.08 0.61
N THR A 42 6.85 12.17 -0.06
CA THR A 42 7.30 12.42 -1.42
C THR A 42 8.82 12.46 -1.50
N ASP A 43 9.46 12.97 -0.45
CA ASP A 43 10.90 13.06 -0.40
C ASP A 43 11.52 11.77 0.13
N GLY A 44 10.69 10.94 0.76
CA GLY A 44 11.16 9.68 1.32
C GLY A 44 11.01 9.61 2.82
N GLN A 45 10.72 10.76 3.43
CA GLN A 45 10.56 10.82 4.89
C GLN A 45 9.49 9.84 5.35
N LYS A 46 9.91 8.84 6.13
CA LYS A 46 8.99 7.83 6.65
C LYS A 46 8.15 8.39 7.79
N PHE A 47 6.86 8.07 7.78
CA PHE A 47 5.95 8.54 8.82
C PHE A 47 5.06 7.40 9.32
N ASP A 48 5.48 6.17 9.04
CA ASP A 48 4.72 5.00 9.47
C ASP A 48 5.45 3.71 9.09
N SER A 49 5.70 2.87 10.10
CA SER A 49 6.40 1.60 9.87
C SER A 49 5.74 0.48 10.65
N SER A 50 5.01 -0.38 9.93
CA SER A 50 4.32 -1.50 10.56
C SER A 50 5.30 -2.37 11.35
N LYS A 51 6.57 -2.35 10.94
CA LYS A 51 7.60 -3.12 11.61
C LYS A 51 7.72 -2.72 13.08
N ASP A 52 7.24 -1.53 13.40
CA ASP A 52 7.30 -1.04 14.77
C ASP A 52 6.63 -2.02 15.73
N ARG A 53 5.47 -2.53 15.33
CA ARG A 53 4.73 -3.48 16.15
C ARG A 53 5.44 -4.83 16.18
N ASN A 54 6.45 -4.99 15.33
CA ASN A 54 7.19 -6.24 15.25
C ASN A 54 6.29 -7.39 14.80
N ASP A 55 5.21 -7.05 14.11
CA ASP A 55 4.27 -8.05 13.61
C ASP A 55 3.51 -7.53 12.40
N PRO A 56 3.05 -8.45 11.54
CA PRO A 56 2.30 -8.11 10.33
C PRO A 56 0.91 -7.55 10.64
N PHE A 57 0.44 -6.65 9.78
CA PHE A 57 -0.88 -6.04 9.98
C PHE A 57 -1.97 -6.95 9.42
N ALA A 58 -2.71 -7.60 10.32
CA ALA A 58 -3.79 -8.48 9.92
C ALA A 58 -5.11 -7.74 9.83
N PHE A 59 -5.63 -7.59 8.62
CA PHE A 59 -6.89 -6.89 8.41
C PHE A 59 -7.74 -7.61 7.35
N VAL A 60 -9.05 -7.47 7.46
CA VAL A 60 -9.97 -8.10 6.51
C VAL A 60 -10.04 -7.31 5.21
N LEU A 61 -9.71 -7.97 4.11
CA LEU A 61 -9.73 -7.34 2.80
C LEU A 61 -11.16 -7.10 2.34
N GLY A 62 -11.47 -5.86 1.95
CA GLY A 62 -12.80 -5.53 1.49
C GLY A 62 -13.07 -4.03 1.54
N GLY A 63 -12.86 -3.43 2.71
CA GLY A 63 -13.09 -2.01 2.86
C GLY A 63 -13.75 -1.66 4.18
N GLY A 64 -13.54 -0.43 4.64
CA GLY A 64 -14.11 0.00 5.90
C GLY A 64 -13.11 0.71 6.79
N MET A 65 -12.00 0.05 7.06
CA MET A 65 -10.95 0.63 7.90
C MET A 65 -9.75 1.05 7.07
N VAL A 66 -9.62 0.46 5.89
CA VAL A 66 -8.51 0.77 5.00
C VAL A 66 -8.91 1.82 3.96
N ILE A 67 -7.97 2.18 3.10
CA ILE A 67 -8.23 3.17 2.06
C ILE A 67 -8.39 2.51 0.70
N LYS A 68 -8.92 3.26 -0.26
CA LYS A 68 -9.12 2.75 -1.61
C LYS A 68 -7.86 2.06 -2.13
N GLY A 69 -6.75 2.79 -2.12
CA GLY A 69 -5.49 2.23 -2.59
C GLY A 69 -5.14 0.93 -1.88
N TRP A 70 -5.60 0.78 -0.65
CA TRP A 70 -5.33 -0.42 0.13
C TRP A 70 -6.09 -1.61 -0.42
N ASP A 71 -7.41 -1.49 -0.47
CA ASP A 71 -8.27 -2.56 -0.98
C ASP A 71 -7.81 -2.99 -2.38
N GLU A 72 -7.58 -2.00 -3.24
CA GLU A 72 -7.15 -2.28 -4.61
C GLU A 72 -5.77 -2.93 -4.62
N GLY A 73 -4.89 -2.45 -3.76
CA GLY A 73 -3.55 -2.99 -3.68
C GLY A 73 -3.53 -4.46 -3.32
N VAL A 74 -4.04 -4.78 -2.13
CA VAL A 74 -4.09 -6.15 -1.65
C VAL A 74 -4.96 -7.02 -2.57
N GLN A 75 -5.95 -6.40 -3.19
CA GLN A 75 -6.85 -7.11 -4.09
C GLN A 75 -6.07 -7.91 -5.12
N GLY A 76 -4.88 -7.42 -5.46
CA GLY A 76 -4.05 -8.10 -6.43
C GLY A 76 -2.78 -8.65 -5.84
N MET A 77 -2.33 -8.05 -4.74
CA MET A 77 -1.11 -8.48 -4.06
C MET A 77 -1.16 -9.98 -3.78
N LYS A 78 0.00 -10.62 -3.85
CA LYS A 78 0.10 -12.05 -3.60
C LYS A 78 0.97 -12.33 -2.37
N VAL A 79 0.69 -13.45 -1.70
CA VAL A 79 1.45 -13.83 -0.50
C VAL A 79 2.95 -13.85 -0.79
N GLY A 80 3.71 -13.11 -0.01
CA GLY A 80 5.15 -13.06 -0.19
C GLY A 80 5.56 -12.06 -1.24
N GLY A 81 4.59 -11.38 -1.83
CA GLY A 81 4.88 -10.39 -2.85
C GLY A 81 4.86 -8.97 -2.32
N VAL A 82 5.82 -8.16 -2.75
CA VAL A 82 5.92 -6.78 -2.31
C VAL A 82 5.66 -5.82 -3.47
N ARG A 83 4.87 -4.78 -3.19
CA ARG A 83 4.55 -3.79 -4.22
C ARG A 83 4.39 -2.40 -3.59
N ARG A 84 4.89 -1.39 -4.28
CA ARG A 84 4.81 -0.01 -3.80
C ARG A 84 3.51 0.64 -4.25
N LEU A 85 2.56 0.76 -3.33
CA LEU A 85 1.26 1.37 -3.63
C LEU A 85 1.31 2.88 -3.44
N THR A 86 1.04 3.61 -4.51
CA THR A 86 1.05 5.07 -4.45
C THR A 86 -0.36 5.63 -4.41
N ILE A 87 -0.67 6.37 -3.35
CA ILE A 87 -1.99 6.97 -3.19
C ILE A 87 -1.92 8.49 -3.29
N PRO A 88 -2.84 9.07 -4.08
CA PRO A 88 -2.90 10.52 -4.27
C PRO A 88 -3.38 11.25 -3.02
N PRO A 89 -3.29 12.59 -3.05
CA PRO A 89 -3.70 13.43 -1.93
C PRO A 89 -5.21 13.44 -1.74
N GLN A 90 -5.93 12.81 -2.66
CA GLN A 90 -7.38 12.74 -2.59
C GLN A 90 -7.84 11.39 -2.03
N LEU A 91 -7.17 10.32 -2.43
CA LEU A 91 -7.51 8.98 -1.97
C LEU A 91 -6.72 8.63 -0.72
N GLY A 92 -6.13 9.64 -0.09
CA GLY A 92 -5.36 9.42 1.12
C GLY A 92 -5.92 10.17 2.31
N TYR A 93 -5.05 10.86 3.03
CA TYR A 93 -5.45 11.62 4.20
C TYR A 93 -6.61 12.56 3.88
N GLY A 94 -6.39 13.42 2.88
CA GLY A 94 -7.42 14.36 2.48
C GLY A 94 -6.93 15.79 2.42
N ALA A 95 -7.85 16.74 2.31
CA ALA A 95 -7.49 18.15 2.25
C ALA A 95 -6.85 18.62 3.55
N ARG A 96 -7.22 17.97 4.65
CA ARG A 96 -6.69 18.33 5.96
C ARG A 96 -5.21 17.94 6.07
N GLY A 97 -4.90 16.71 5.68
CA GLY A 97 -3.53 16.25 5.75
C GLY A 97 -2.98 16.20 7.16
N ALA A 98 -1.87 15.51 7.35
CA ALA A 98 -1.25 15.40 8.67
C ALA A 98 -0.55 16.69 9.05
N GLY A 99 -0.64 17.04 10.34
CA GLY A 99 -0.01 18.27 10.81
C GLY A 99 1.51 18.16 10.82
N GLY A 100 2.14 18.70 9.77
CA GLY A 100 3.58 18.65 9.68
C GLY A 100 4.07 17.64 8.67
N VAL A 101 3.22 16.67 8.35
CA VAL A 101 3.57 15.63 7.38
C VAL A 101 2.47 15.45 6.34
N ILE A 102 2.86 15.08 5.14
CA ILE A 102 1.90 14.86 4.05
C ILE A 102 1.12 16.14 3.75
N PRO A 103 1.74 17.05 2.97
CA PRO A 103 1.12 18.32 2.60
C PRO A 103 -0.04 18.14 1.62
N PRO A 104 -0.80 19.21 1.39
CA PRO A 104 -1.95 19.20 0.49
C PRO A 104 -1.53 19.05 -0.97
N ASN A 105 -2.29 18.26 -1.72
CA ASN A 105 -1.99 18.05 -3.14
C ASN A 105 -0.64 17.35 -3.32
N ALA A 106 -0.28 16.51 -2.35
CA ALA A 106 0.98 15.78 -2.40
C ALA A 106 0.74 14.29 -2.67
N THR A 107 1.79 13.60 -3.10
CA THR A 107 1.69 12.18 -3.39
C THR A 107 2.22 11.34 -2.23
N LEU A 108 1.40 10.41 -1.76
CA LEU A 108 1.79 9.55 -0.66
C LEU A 108 2.31 8.21 -1.16
N VAL A 109 3.53 7.86 -0.75
CA VAL A 109 4.15 6.61 -1.16
C VAL A 109 4.07 5.57 -0.05
N PHE A 110 3.23 4.56 -0.25
CA PHE A 110 3.07 3.50 0.73
C PHE A 110 3.49 2.15 0.16
N GLU A 111 4.29 1.41 0.93
CA GLU A 111 4.77 0.11 0.49
C GLU A 111 4.05 -1.02 1.24
N VAL A 112 3.41 -1.90 0.48
CA VAL A 112 2.67 -3.02 1.06
C VAL A 112 3.25 -4.35 0.59
N GLU A 113 3.54 -5.23 1.54
CA GLU A 113 4.09 -6.55 1.23
C GLU A 113 3.30 -7.64 1.92
N LEU A 114 2.73 -8.55 1.13
CA LEU A 114 1.94 -9.65 1.67
C LEU A 114 2.82 -10.61 2.46
N LEU A 115 2.43 -10.89 3.70
CA LEU A 115 3.18 -11.79 4.56
C LEU A 115 2.43 -13.11 4.74
N ASP A 116 1.11 -13.05 4.74
CA ASP A 116 0.28 -14.24 4.91
C ASP A 116 -1.18 -13.91 4.66
N VAL A 117 -1.97 -14.94 4.35
CA VAL A 117 -3.40 -14.76 4.11
C VAL A 117 -4.20 -15.90 4.72
N GLY A 1 16.10 -9.13 -19.75
CA GLY A 1 15.59 -9.22 -18.39
C GLY A 1 14.85 -7.96 -17.96
N PRO A 2 13.66 -7.75 -18.51
CA PRO A 2 12.83 -6.58 -18.20
C PRO A 2 12.28 -6.62 -16.77
N GLY A 3 13.05 -6.09 -15.83
CA GLY A 3 12.61 -6.08 -14.45
C GLY A 3 11.48 -5.11 -14.19
N SER A 4 11.73 -4.11 -13.36
CA SER A 4 10.71 -3.11 -13.03
C SER A 4 11.18 -1.71 -13.44
N MET A 5 10.81 -1.30 -14.64
CA MET A 5 11.19 0.02 -15.15
C MET A 5 9.99 0.73 -15.77
N THR A 6 8.80 0.37 -15.30
CA THR A 6 7.57 0.98 -15.82
C THR A 6 6.42 0.82 -14.82
N VAL A 7 5.73 1.92 -14.55
CA VAL A 7 4.60 1.90 -13.62
C VAL A 7 3.29 2.13 -14.34
N VAL A 8 2.24 1.44 -13.89
CA VAL A 8 0.92 1.59 -14.50
C VAL A 8 -0.06 2.23 -13.53
N THR A 9 -0.96 3.06 -14.06
CA THR A 9 -1.96 3.73 -13.24
C THR A 9 -3.37 3.28 -13.59
N THR A 10 -4.23 3.20 -12.58
CA THR A 10 -5.60 2.76 -12.78
C THR A 10 -6.53 3.96 -12.98
N GLU A 11 -7.82 3.68 -13.16
CA GLU A 11 -8.81 4.73 -13.36
C GLU A 11 -9.08 5.48 -12.06
N SER A 12 -9.10 4.75 -10.96
CA SER A 12 -9.35 5.35 -9.65
C SER A 12 -8.38 6.47 -9.37
N GLY A 13 -7.19 6.40 -9.99
CA GLY A 13 -6.18 7.42 -9.79
C GLY A 13 -4.93 6.87 -9.13
N LEU A 14 -5.12 6.05 -8.10
CA LEU A 14 -3.99 5.46 -7.39
C LEU A 14 -3.03 4.78 -8.35
N LYS A 15 -1.87 4.38 -7.84
CA LYS A 15 -0.86 3.71 -8.65
C LYS A 15 -0.14 2.64 -7.85
N TYR A 16 0.57 1.76 -8.56
CA TYR A 16 1.32 0.68 -7.91
C TYR A 16 2.50 0.25 -8.76
N GLU A 17 3.58 -0.14 -8.10
CA GLU A 17 4.79 -0.59 -8.79
C GLU A 17 5.34 -1.86 -8.17
N ASP A 18 5.39 -2.93 -8.96
CA ASP A 18 5.90 -4.21 -8.49
C ASP A 18 7.30 -4.05 -7.90
N LEU A 19 7.53 -4.71 -6.76
CA LEU A 19 8.82 -4.64 -6.09
C LEU A 19 9.40 -6.04 -5.89
N THR A 20 8.53 -7.00 -5.59
CA THR A 20 8.95 -8.38 -5.36
C THR A 20 7.88 -9.35 -5.84
N GLU A 21 8.22 -10.14 -6.86
CA GLU A 21 7.29 -11.12 -7.41
C GLU A 21 6.89 -12.14 -6.34
N GLY A 22 5.59 -12.24 -6.09
CA GLY A 22 5.09 -13.18 -5.10
C GLY A 22 4.40 -14.38 -5.73
N SER A 23 4.82 -15.58 -5.32
CA SER A 23 4.24 -16.81 -5.85
C SER A 23 3.39 -17.51 -4.80
N GLY A 24 2.64 -16.72 -4.03
CA GLY A 24 1.79 -17.28 -3.00
C GLY A 24 0.31 -17.15 -3.32
N ALA A 25 -0.50 -16.93 -2.29
CA ALA A 25 -1.94 -16.79 -2.48
C ALA A 25 -2.34 -15.33 -2.57
N GLU A 26 -3.27 -15.02 -3.47
CA GLU A 26 -3.74 -13.65 -3.64
C GLU A 26 -4.81 -13.30 -2.62
N ALA A 27 -4.70 -12.12 -2.03
CA ALA A 27 -5.66 -11.66 -1.04
C ALA A 27 -7.06 -11.58 -1.62
N ARG A 28 -7.98 -12.37 -1.07
CA ARG A 28 -9.36 -12.39 -1.55
C ARG A 28 -10.22 -11.40 -0.76
N ALA A 29 -11.28 -10.92 -1.38
CA ALA A 29 -12.19 -9.98 -0.74
C ALA A 29 -12.98 -10.65 0.38
N GLY A 30 -13.05 -9.99 1.53
CA GLY A 30 -13.78 -10.54 2.66
C GLY A 30 -12.94 -11.50 3.48
N GLN A 31 -11.68 -11.65 3.10
CA GLN A 31 -10.77 -12.55 3.80
C GLN A 31 -9.70 -11.77 4.55
N THR A 32 -9.37 -12.23 5.76
CA THR A 32 -8.36 -11.57 6.59
C THR A 32 -6.96 -12.01 6.19
N VAL A 33 -6.06 -11.04 6.05
CA VAL A 33 -4.68 -11.32 5.67
C VAL A 33 -3.71 -10.42 6.43
N SER A 34 -2.49 -10.91 6.60
CA SER A 34 -1.46 -10.14 7.31
C SER A 34 -0.40 -9.63 6.35
N VAL A 35 -0.14 -8.33 6.38
CA VAL A 35 0.85 -7.71 5.52
C VAL A 35 1.58 -6.59 6.24
N HIS A 36 2.64 -6.09 5.62
CA HIS A 36 3.44 -5.01 6.19
C HIS A 36 3.29 -3.73 5.36
N TYR A 37 3.03 -2.62 6.05
CA TYR A 37 2.87 -1.34 5.37
C TYR A 37 3.97 -0.36 5.79
N THR A 38 4.47 0.41 4.83
CA THR A 38 5.52 1.39 5.09
C THR A 38 5.20 2.73 4.44
N GLY A 39 4.99 3.74 5.27
CA GLY A 39 4.67 5.06 4.77
C GLY A 39 5.92 5.88 4.47
N TRP A 40 5.99 6.42 3.26
CA TRP A 40 7.13 7.22 2.84
C TRP A 40 6.68 8.54 2.22
N LEU A 41 7.34 9.63 2.59
CA LEU A 41 7.01 10.94 2.06
C LEU A 41 7.55 11.12 0.65
N THR A 42 7.17 12.22 0.01
CA THR A 42 7.62 12.50 -1.35
C THR A 42 9.13 12.58 -1.42
N ASP A 43 9.75 13.15 -0.39
CA ASP A 43 11.19 13.28 -0.33
C ASP A 43 11.85 11.98 0.13
N GLY A 44 11.06 11.13 0.78
CA GLY A 44 11.58 9.86 1.25
C GLY A 44 11.53 9.74 2.76
N GLN A 45 10.93 10.74 3.42
CA GLN A 45 10.82 10.74 4.87
C GLN A 45 9.75 9.76 5.33
N LYS A 46 10.19 8.69 5.98
CA LYS A 46 9.27 7.67 6.48
C LYS A 46 8.42 8.22 7.62
N PHE A 47 7.13 7.92 7.60
CA PHE A 47 6.20 8.38 8.62
C PHE A 47 5.26 7.27 9.05
N ASP A 48 5.70 6.02 8.85
CA ASP A 48 4.89 4.87 9.21
C ASP A 48 5.63 3.57 8.89
N SER A 49 5.75 2.70 9.90
CA SER A 49 6.44 1.44 9.73
C SER A 49 5.80 0.35 10.59
N SER A 50 5.10 -0.57 9.95
CA SER A 50 4.43 -1.66 10.66
C SER A 50 5.44 -2.53 11.40
N LYS A 51 6.68 -2.55 10.90
CA LYS A 51 7.74 -3.33 11.52
C LYS A 51 8.02 -2.86 12.94
N ASP A 52 7.66 -1.61 13.23
CA ASP A 52 7.86 -1.04 14.56
C ASP A 52 7.22 -1.91 15.62
N ARG A 53 5.98 -2.33 15.37
CA ARG A 53 5.24 -3.16 16.32
C ARG A 53 5.79 -4.59 16.31
N ASN A 54 6.67 -4.87 15.36
CA ASN A 54 7.27 -6.20 15.24
C ASN A 54 6.19 -7.26 15.03
N ASP A 55 5.20 -6.94 14.19
CA ASP A 55 4.12 -7.87 13.90
C ASP A 55 3.40 -7.48 12.61
N PRO A 56 2.96 -8.49 11.84
CA PRO A 56 2.27 -8.28 10.58
C PRO A 56 0.87 -7.69 10.77
N PHE A 57 0.55 -6.68 9.98
CA PHE A 57 -0.76 -6.02 10.07
C PHE A 57 -1.85 -6.92 9.50
N ALA A 58 -2.61 -7.56 10.39
CA ALA A 58 -3.69 -8.45 9.97
C ALA A 58 -5.02 -7.70 9.91
N PHE A 59 -5.56 -7.57 8.70
CA PHE A 59 -6.83 -6.87 8.50
C PHE A 59 -7.72 -7.64 7.53
N VAL A 60 -8.98 -7.22 7.44
CA VAL A 60 -9.94 -7.86 6.54
C VAL A 60 -9.97 -7.17 5.19
N LEU A 61 -10.00 -7.97 4.13
CA LEU A 61 -10.03 -7.44 2.77
C LEU A 61 -11.38 -6.81 2.46
N GLY A 62 -11.37 -5.57 2.01
CA GLY A 62 -12.61 -4.87 1.69
C GLY A 62 -12.44 -3.36 1.70
N GLY A 63 -12.70 -2.75 2.84
CA GLY A 63 -12.59 -1.31 2.95
C GLY A 63 -13.15 -0.78 4.26
N GLY A 64 -12.98 -1.55 5.33
CA GLY A 64 -13.48 -1.13 6.62
C GLY A 64 -12.49 -0.28 7.38
N MET A 65 -11.27 -0.78 7.52
CA MET A 65 -10.22 -0.06 8.24
C MET A 65 -9.03 0.22 7.32
N VAL A 66 -9.32 0.50 6.05
CA VAL A 66 -8.27 0.78 5.08
C VAL A 66 -8.72 1.85 4.08
N ILE A 67 -7.84 2.19 3.15
CA ILE A 67 -8.16 3.19 2.13
C ILE A 67 -8.34 2.54 0.76
N LYS A 68 -8.92 3.30 -0.17
CA LYS A 68 -9.16 2.80 -1.51
C LYS A 68 -7.91 2.13 -2.07
N GLY A 69 -6.81 2.86 -2.09
CA GLY A 69 -5.56 2.31 -2.59
C GLY A 69 -5.18 1.00 -1.93
N TRP A 70 -5.57 0.85 -0.66
CA TRP A 70 -5.27 -0.36 0.09
C TRP A 70 -6.04 -1.54 -0.47
N ASP A 71 -7.36 -1.44 -0.47
CA ASP A 71 -8.22 -2.51 -0.98
C ASP A 71 -7.81 -2.91 -2.39
N GLU A 72 -7.59 -1.91 -3.24
CA GLU A 72 -7.20 -2.17 -4.63
C GLU A 72 -5.86 -2.92 -4.68
N GLY A 73 -4.92 -2.50 -3.84
CA GLY A 73 -3.62 -3.14 -3.80
C GLY A 73 -3.69 -4.58 -3.36
N VAL A 74 -4.14 -4.80 -2.13
CA VAL A 74 -4.25 -6.15 -1.58
C VAL A 74 -5.16 -7.02 -2.44
N GLN A 75 -6.10 -6.37 -3.14
CA GLN A 75 -7.03 -7.09 -4.00
C GLN A 75 -6.29 -7.98 -4.99
N GLY A 76 -5.04 -7.62 -5.29
CA GLY A 76 -4.25 -8.39 -6.22
C GLY A 76 -2.97 -8.90 -5.59
N MET A 77 -2.52 -8.25 -4.52
CA MET A 77 -1.30 -8.65 -3.83
C MET A 77 -1.31 -10.14 -3.51
N LYS A 78 -0.15 -10.76 -3.58
CA LYS A 78 -0.02 -12.19 -3.30
C LYS A 78 0.95 -12.43 -2.14
N VAL A 79 0.71 -13.49 -1.39
CA VAL A 79 1.55 -13.84 -0.25
C VAL A 79 3.02 -13.89 -0.67
N GLY A 80 3.86 -13.17 0.06
CA GLY A 80 5.28 -13.16 -0.24
C GLY A 80 5.63 -12.15 -1.33
N GLY A 81 4.62 -11.44 -1.82
CA GLY A 81 4.85 -10.45 -2.85
C GLY A 81 4.86 -9.03 -2.31
N VAL A 82 5.76 -8.21 -2.85
CA VAL A 82 5.88 -6.82 -2.41
C VAL A 82 5.63 -5.86 -3.56
N ARG A 83 4.87 -4.81 -3.30
CA ARG A 83 4.55 -3.81 -4.32
C ARG A 83 4.42 -2.42 -3.69
N ARG A 84 4.94 -1.42 -4.40
CA ARG A 84 4.88 -0.04 -3.91
C ARG A 84 3.58 0.63 -4.34
N LEU A 85 2.65 0.76 -3.40
CA LEU A 85 1.36 1.39 -3.69
C LEU A 85 1.44 2.90 -3.46
N THR A 86 1.20 3.66 -4.53
CA THR A 86 1.23 5.11 -4.46
C THR A 86 -0.18 5.69 -4.34
N ILE A 87 -0.42 6.44 -3.27
CA ILE A 87 -1.72 7.05 -3.06
C ILE A 87 -1.62 8.57 -3.01
N PRO A 88 -2.52 9.25 -3.74
CA PRO A 88 -2.54 10.71 -3.81
C PRO A 88 -3.00 11.34 -2.49
N PRO A 89 -2.88 12.67 -2.40
CA PRO A 89 -3.27 13.42 -1.20
C PRO A 89 -4.79 13.44 -1.01
N GLN A 90 -5.51 12.92 -1.99
CA GLN A 90 -6.96 12.89 -1.94
C GLN A 90 -7.46 11.53 -1.46
N LEU A 91 -6.86 10.47 -1.99
CA LEU A 91 -7.24 9.11 -1.64
C LEU A 91 -6.40 8.60 -0.47
N GLY A 92 -5.71 9.52 0.21
CA GLY A 92 -4.88 9.14 1.34
C GLY A 92 -5.31 9.79 2.63
N TYR A 93 -5.16 11.10 2.71
CA TYR A 93 -5.53 11.84 3.91
C TYR A 93 -6.71 12.78 3.63
N GLY A 94 -6.86 13.16 2.36
CA GLY A 94 -7.94 14.05 1.98
C GLY A 94 -7.55 15.51 2.07
N ALA A 95 -8.50 16.39 1.75
CA ALA A 95 -8.25 17.83 1.79
C ALA A 95 -7.83 18.28 3.18
N ARG A 96 -8.25 17.52 4.19
CA ARG A 96 -7.92 17.83 5.57
C ARG A 96 -6.41 17.72 5.81
N GLY A 97 -5.88 16.51 5.68
CA GLY A 97 -4.47 16.29 5.89
C GLY A 97 -4.11 16.10 7.35
N ALA A 98 -3.11 15.28 7.61
CA ALA A 98 -2.67 15.01 8.98
C ALA A 98 -1.39 15.77 9.30
N GLY A 99 -1.44 16.58 10.36
CA GLY A 99 -0.28 17.35 10.76
C GLY A 99 0.30 18.16 9.62
N GLY A 100 1.62 18.19 9.53
CA GLY A 100 2.28 18.95 8.47
C GLY A 100 3.01 18.05 7.50
N VAL A 101 3.28 16.82 7.92
CA VAL A 101 3.98 15.86 7.07
C VAL A 101 3.17 15.51 5.84
N ILE A 102 1.86 15.77 5.90
CA ILE A 102 0.97 15.48 4.79
C ILE A 102 0.41 16.77 4.19
N PRO A 103 1.26 17.50 3.44
CA PRO A 103 0.87 18.75 2.79
C PRO A 103 -0.11 18.53 1.65
N PRO A 104 -0.71 19.64 1.17
CA PRO A 104 -1.68 19.59 0.07
C PRO A 104 -1.02 19.25 -1.27
N ASN A 105 -1.77 18.60 -2.14
CA ASN A 105 -1.27 18.22 -3.46
C ASN A 105 0.05 17.46 -3.33
N ALA A 106 0.15 16.62 -2.31
CA ALA A 106 1.35 15.83 -2.07
C ALA A 106 1.07 14.34 -2.26
N THR A 107 1.93 13.69 -3.04
CA THR A 107 1.78 12.25 -3.31
C THR A 107 2.44 11.43 -2.21
N LEU A 108 1.66 10.52 -1.62
CA LEU A 108 2.17 9.65 -0.55
C LEU A 108 2.59 8.29 -1.11
N VAL A 109 3.77 7.84 -0.71
CA VAL A 109 4.29 6.56 -1.17
C VAL A 109 4.21 5.52 -0.07
N PHE A 110 3.36 4.51 -0.26
CA PHE A 110 3.18 3.45 0.71
C PHE A 110 3.59 2.10 0.13
N GLU A 111 4.38 1.34 0.89
CA GLU A 111 4.85 0.04 0.44
C GLU A 111 4.10 -1.08 1.17
N VAL A 112 3.52 -1.99 0.40
CA VAL A 112 2.78 -3.12 0.97
C VAL A 112 3.46 -4.44 0.66
N GLU A 113 3.63 -5.27 1.67
CA GLU A 113 4.27 -6.56 1.51
C GLU A 113 3.43 -7.68 2.14
N LEU A 114 2.89 -8.56 1.30
CA LEU A 114 2.08 -9.66 1.77
C LEU A 114 2.90 -10.65 2.59
N LEU A 115 2.44 -10.93 3.81
CA LEU A 115 3.15 -11.86 4.69
C LEU A 115 2.36 -13.16 4.83
N ASP A 116 1.03 -13.06 4.89
CA ASP A 116 0.18 -14.22 5.02
C ASP A 116 -1.26 -13.88 4.63
N VAL A 117 -2.05 -14.92 4.36
CA VAL A 117 -3.45 -14.73 3.99
C VAL A 117 -4.36 -15.70 4.74
N GLY A 1 2.91 -12.17 -14.39
CA GLY A 1 2.05 -11.58 -15.40
C GLY A 1 2.83 -11.08 -16.60
N PRO A 2 2.11 -10.59 -17.63
CA PRO A 2 2.72 -10.07 -18.85
C PRO A 2 3.45 -8.74 -18.61
N GLY A 3 4.57 -8.56 -19.28
CA GLY A 3 5.34 -7.33 -19.14
C GLY A 3 6.03 -7.25 -17.79
N SER A 4 7.35 -7.06 -17.82
CA SER A 4 8.13 -6.97 -16.60
C SER A 4 8.82 -5.61 -16.49
N MET A 5 9.09 -5.17 -15.27
CA MET A 5 9.74 -3.89 -15.03
C MET A 5 8.94 -2.75 -15.65
N THR A 6 7.61 -2.86 -15.58
CA THR A 6 6.74 -1.83 -16.12
C THR A 6 5.80 -1.28 -15.06
N VAL A 7 5.53 0.02 -15.14
CA VAL A 7 4.64 0.68 -14.18
C VAL A 7 3.36 1.16 -14.85
N VAL A 8 2.23 0.98 -14.17
CA VAL A 8 0.95 1.40 -14.70
C VAL A 8 0.15 2.19 -13.66
N THR A 9 -0.58 3.19 -14.12
CA THR A 9 -1.39 4.03 -13.24
C THR A 9 -2.87 3.89 -13.55
N THR A 10 -3.70 3.93 -12.52
CA THR A 10 -5.14 3.83 -12.70
C THR A 10 -5.75 5.17 -13.12
N GLU A 11 -7.06 5.16 -13.36
CA GLU A 11 -7.75 6.37 -13.78
C GLU A 11 -8.08 7.26 -12.56
N SER A 12 -8.20 6.63 -11.40
CA SER A 12 -8.51 7.35 -10.18
C SER A 12 -7.29 8.10 -9.65
N GLY A 13 -6.11 7.56 -9.96
CA GLY A 13 -4.88 8.20 -9.52
C GLY A 13 -3.95 7.22 -8.83
N LEU A 14 -4.52 6.23 -8.16
CA LEU A 14 -3.72 5.22 -7.46
C LEU A 14 -2.66 4.63 -8.38
N LYS A 15 -1.51 4.31 -7.80
CA LYS A 15 -0.41 3.73 -8.57
C LYS A 15 0.29 2.64 -7.77
N TYR A 16 1.08 1.82 -8.46
CA TYR A 16 1.81 0.74 -7.80
C TYR A 16 3.05 0.37 -8.60
N GLU A 17 4.12 0.00 -7.89
CA GLU A 17 5.37 -0.38 -8.54
C GLU A 17 5.84 -1.75 -8.04
N ASP A 18 6.01 -2.68 -8.96
CA ASP A 18 6.45 -4.03 -8.61
C ASP A 18 7.87 -3.99 -8.02
N LEU A 19 8.01 -4.59 -6.84
CA LEU A 19 9.30 -4.63 -6.17
C LEU A 19 9.78 -6.06 -5.98
N THR A 20 8.84 -6.98 -5.82
CA THR A 20 9.16 -8.39 -5.65
C THR A 20 7.95 -9.28 -5.97
N GLU A 21 8.13 -10.16 -6.95
CA GLU A 21 7.07 -11.08 -7.36
C GLU A 21 6.63 -11.95 -6.20
N GLY A 22 5.34 -12.30 -6.18
CA GLY A 22 4.82 -13.15 -5.12
C GLY A 22 4.01 -14.32 -5.65
N SER A 23 4.66 -15.48 -5.76
CA SER A 23 3.99 -16.67 -6.26
C SER A 23 3.42 -17.50 -5.12
N GLY A 24 2.42 -16.93 -4.44
CA GLY A 24 1.80 -17.62 -3.32
C GLY A 24 0.30 -17.76 -3.50
N ALA A 25 -0.43 -16.67 -3.27
CA ALA A 25 -1.88 -16.67 -3.39
C ALA A 25 -2.44 -15.26 -3.31
N GLU A 26 -3.38 -14.94 -4.20
CA GLU A 26 -3.99 -13.63 -4.23
C GLU A 26 -4.89 -13.43 -3.01
N ALA A 27 -4.77 -12.26 -2.38
CA ALA A 27 -5.58 -11.94 -1.21
C ALA A 27 -7.06 -12.11 -1.49
N ARG A 28 -7.76 -12.77 -0.58
CA ARG A 28 -9.19 -13.00 -0.74
C ARG A 28 -10.00 -11.98 0.06
N ALA A 29 -11.25 -11.80 -0.33
CA ALA A 29 -12.13 -10.85 0.35
C ALA A 29 -12.92 -11.53 1.47
N GLY A 30 -13.22 -10.79 2.52
CA GLY A 30 -13.95 -11.34 3.64
C GLY A 30 -13.07 -12.14 4.58
N GLN A 31 -11.80 -12.25 4.24
CA GLN A 31 -10.85 -13.00 5.07
C GLN A 31 -9.76 -12.09 5.60
N THR A 32 -9.18 -12.46 6.74
CA THR A 32 -8.12 -11.68 7.36
C THR A 32 -6.79 -11.92 6.67
N VAL A 33 -6.19 -10.86 6.15
CA VAL A 33 -4.90 -10.96 5.47
C VAL A 33 -3.81 -10.22 6.24
N SER A 34 -2.67 -10.87 6.43
CA SER A 34 -1.56 -10.28 7.14
C SER A 34 -0.51 -9.74 6.18
N VAL A 35 -0.27 -8.43 6.24
CA VAL A 35 0.70 -7.79 5.38
C VAL A 35 1.42 -6.66 6.10
N HIS A 36 2.53 -6.19 5.53
CA HIS A 36 3.31 -5.12 6.12
C HIS A 36 3.18 -3.84 5.30
N TYR A 37 2.91 -2.73 5.99
CA TYR A 37 2.76 -1.45 5.33
C TYR A 37 3.84 -0.47 5.79
N THR A 38 4.31 0.36 4.86
CA THR A 38 5.34 1.34 5.16
C THR A 38 5.01 2.69 4.54
N GLY A 39 4.77 3.70 5.37
CA GLY A 39 4.45 5.01 4.88
C GLY A 39 5.69 5.88 4.68
N TRP A 40 5.82 6.44 3.49
CA TRP A 40 6.97 7.28 3.17
C TRP A 40 6.52 8.61 2.56
N LEU A 41 7.12 9.70 3.01
CA LEU A 41 6.77 11.03 2.51
C LEU A 41 7.28 11.22 1.09
N THR A 42 6.91 12.33 0.48
CA THR A 42 7.33 12.63 -0.88
C THR A 42 8.85 12.63 -1.01
N ASP A 43 9.53 12.93 0.09
CA ASP A 43 10.98 12.95 0.11
C ASP A 43 11.53 11.59 0.53
N GLY A 44 10.70 10.81 1.20
CA GLY A 44 11.14 9.49 1.66
C GLY A 44 11.11 9.37 3.17
N GLN A 45 10.62 10.39 3.84
CA GLN A 45 10.54 10.40 5.30
C GLN A 45 9.51 9.39 5.79
N LYS A 46 9.98 8.39 6.53
CA LYS A 46 9.10 7.35 7.06
C LYS A 46 8.22 7.91 8.18
N PHE A 47 6.92 7.71 8.06
CA PHE A 47 5.97 8.19 9.05
C PHE A 47 5.03 7.07 9.50
N ASP A 48 5.41 5.83 9.19
CA ASP A 48 4.61 4.67 9.56
C ASP A 48 5.28 3.38 9.12
N SER A 49 5.49 2.47 10.06
CA SER A 49 6.13 1.19 9.76
C SER A 49 5.69 0.12 10.75
N SER A 50 4.86 -0.81 10.28
CA SER A 50 4.37 -1.89 11.13
C SER A 50 5.52 -2.67 11.75
N LYS A 51 6.67 -2.64 11.08
CA LYS A 51 7.85 -3.34 11.57
C LYS A 51 8.21 -2.89 12.98
N ASP A 52 7.89 -1.65 13.30
CA ASP A 52 8.18 -1.10 14.61
C ASP A 52 7.61 -1.99 15.71
N ARG A 53 6.35 -2.37 15.55
CA ARG A 53 5.69 -3.23 16.54
C ARG A 53 6.17 -4.67 16.42
N ASN A 54 6.90 -4.96 15.36
CA ASN A 54 7.43 -6.30 15.12
C ASN A 54 6.29 -7.31 14.94
N ASP A 55 5.29 -6.93 14.17
CA ASP A 55 4.14 -7.80 13.92
C ASP A 55 3.42 -7.39 12.63
N PRO A 56 2.99 -8.38 11.85
CA PRO A 56 2.28 -8.16 10.60
C PRO A 56 0.89 -7.59 10.81
N PHE A 57 0.46 -6.70 9.91
CA PHE A 57 -0.85 -6.08 10.00
C PHE A 57 -1.93 -7.01 9.43
N ALA A 58 -2.66 -7.68 10.32
CA ALA A 58 -3.72 -8.59 9.90
C ALA A 58 -5.08 -7.88 9.90
N PHE A 59 -5.62 -7.67 8.71
CA PHE A 59 -6.92 -7.01 8.57
C PHE A 59 -7.79 -7.72 7.55
N VAL A 60 -9.11 -7.62 7.73
CA VAL A 60 -10.05 -8.26 6.82
C VAL A 60 -10.13 -7.50 5.49
N LEU A 61 -9.78 -8.17 4.40
CA LEU A 61 -9.82 -7.57 3.08
C LEU A 61 -11.26 -7.34 2.63
N GLY A 62 -11.56 -6.13 2.18
CA GLY A 62 -12.89 -5.81 1.72
C GLY A 62 -13.25 -4.35 1.92
N GLY A 63 -12.71 -3.75 2.98
CA GLY A 63 -12.99 -2.35 3.27
C GLY A 63 -13.45 -2.12 4.69
N GLY A 64 -13.26 -0.90 5.18
CA GLY A 64 -13.66 -0.59 6.55
C GLY A 64 -12.60 0.21 7.29
N MET A 65 -11.47 -0.43 7.57
CA MET A 65 -10.38 0.23 8.28
C MET A 65 -9.19 0.46 7.35
N VAL A 66 -9.47 0.61 6.06
CA VAL A 66 -8.42 0.82 5.07
C VAL A 66 -8.85 1.86 4.04
N ILE A 67 -7.97 2.15 3.10
CA ILE A 67 -8.25 3.13 2.04
C ILE A 67 -8.48 2.44 0.70
N LYS A 68 -9.03 3.18 -0.25
CA LYS A 68 -9.29 2.65 -1.58
C LYS A 68 -8.06 1.93 -2.13
N GLY A 69 -6.94 2.63 -2.17
CA GLY A 69 -5.71 2.05 -2.67
C GLY A 69 -5.34 0.76 -1.95
N TRP A 70 -5.77 0.66 -0.70
CA TRP A 70 -5.47 -0.53 0.10
C TRP A 70 -6.27 -1.73 -0.39
N ASP A 71 -7.59 -1.60 -0.38
CA ASP A 71 -8.47 -2.68 -0.82
C ASP A 71 -8.10 -3.13 -2.23
N GLU A 72 -7.91 -2.17 -3.13
CA GLU A 72 -7.55 -2.48 -4.51
C GLU A 72 -6.18 -3.12 -4.58
N GLY A 73 -5.23 -2.62 -3.79
CA GLY A 73 -3.90 -3.17 -3.78
C GLY A 73 -3.87 -4.64 -3.43
N VAL A 74 -4.36 -4.97 -2.23
CA VAL A 74 -4.39 -6.35 -1.77
C VAL A 74 -5.35 -7.18 -2.60
N GLN A 75 -6.35 -6.52 -3.19
CA GLN A 75 -7.33 -7.20 -4.01
C GLN A 75 -6.66 -8.08 -5.06
N GLY A 76 -5.47 -7.67 -5.49
CA GLY A 76 -4.73 -8.43 -6.48
C GLY A 76 -3.40 -8.93 -5.96
N MET A 77 -2.85 -8.23 -4.98
CA MET A 77 -1.57 -8.61 -4.40
C MET A 77 -1.57 -10.07 -3.98
N LYS A 78 -0.43 -10.73 -4.15
CA LYS A 78 -0.30 -12.14 -3.78
C LYS A 78 0.59 -12.31 -2.57
N VAL A 79 0.47 -13.46 -1.90
CA VAL A 79 1.27 -13.74 -0.72
C VAL A 79 2.76 -13.59 -1.01
N GLY A 80 3.42 -12.74 -0.23
CA GLY A 80 4.84 -12.52 -0.41
C GLY A 80 5.13 -11.47 -1.47
N GLY A 81 4.07 -10.91 -2.06
CA GLY A 81 4.23 -9.90 -3.09
C GLY A 81 4.55 -8.54 -2.50
N VAL A 82 5.64 -7.95 -2.97
CA VAL A 82 6.07 -6.64 -2.50
C VAL A 82 6.02 -5.60 -3.61
N ARG A 83 5.21 -4.57 -3.41
CA ARG A 83 5.06 -3.51 -4.41
C ARG A 83 4.82 -2.16 -3.74
N ARG A 84 5.42 -1.11 -4.30
CA ARG A 84 5.27 0.23 -3.75
C ARG A 84 4.01 0.91 -4.29
N LEU A 85 2.98 0.97 -3.46
CA LEU A 85 1.72 1.58 -3.85
C LEU A 85 1.73 3.08 -3.58
N THR A 86 1.56 3.86 -4.64
CA THR A 86 1.56 5.32 -4.52
C THR A 86 0.14 5.86 -4.47
N ILE A 87 -0.21 6.50 -3.35
CA ILE A 87 -1.54 7.06 -3.18
C ILE A 87 -1.48 8.59 -3.10
N PRO A 88 -2.35 9.25 -3.88
CA PRO A 88 -2.42 10.72 -3.90
C PRO A 88 -2.98 11.31 -2.61
N PRO A 89 -2.89 12.63 -2.48
CA PRO A 89 -3.38 13.34 -1.29
C PRO A 89 -4.91 13.32 -1.20
N GLN A 90 -5.55 12.79 -2.22
CA GLN A 90 -7.01 12.72 -2.26
C GLN A 90 -7.50 11.36 -1.78
N LEU A 91 -6.88 10.30 -2.30
CA LEU A 91 -7.25 8.94 -1.93
C LEU A 91 -6.39 8.44 -0.78
N GLY A 92 -5.75 9.37 -0.07
CA GLY A 92 -4.89 8.99 1.05
C GLY A 92 -5.33 9.65 2.35
N TYR A 93 -4.56 10.64 2.79
CA TYR A 93 -4.86 11.34 4.03
C TYR A 93 -6.16 12.11 3.91
N GLY A 94 -6.42 12.63 2.72
CA GLY A 94 -7.64 13.39 2.49
C GLY A 94 -7.36 14.84 2.12
N ALA A 95 -8.42 15.57 1.80
CA ALA A 95 -8.28 16.98 1.43
C ALA A 95 -7.60 17.77 2.54
N ARG A 96 -7.89 17.42 3.78
CA ARG A 96 -7.31 18.11 4.93
C ARG A 96 -5.86 17.67 5.14
N GLY A 97 -5.67 16.41 5.52
CA GLY A 97 -4.34 15.90 5.75
C GLY A 97 -3.65 16.57 6.93
N ALA A 98 -2.70 15.87 7.53
CA ALA A 98 -1.96 16.40 8.67
C ALA A 98 -1.07 17.57 8.25
N GLY A 99 -1.26 18.71 8.90
CA GLY A 99 -0.46 19.88 8.58
C GLY A 99 0.96 19.78 9.12
N GLY A 100 1.93 20.01 8.24
CA GLY A 100 3.32 19.93 8.64
C GLY A 100 4.06 18.80 7.98
N VAL A 101 3.39 17.65 7.84
CA VAL A 101 3.99 16.48 7.22
C VAL A 101 3.20 16.04 5.99
N ILE A 102 1.89 16.24 6.04
CA ILE A 102 1.01 15.87 4.94
C ILE A 102 0.40 17.10 4.28
N PRO A 103 1.21 17.82 3.50
CA PRO A 103 0.77 19.03 2.80
C PRO A 103 -0.20 18.73 1.67
N PRO A 104 -0.86 19.78 1.15
CA PRO A 104 -1.82 19.65 0.05
C PRO A 104 -1.17 19.27 -1.27
N ASN A 105 -1.91 18.59 -2.13
CA ASN A 105 -1.38 18.17 -3.43
C ASN A 105 -0.06 17.43 -3.27
N ALA A 106 0.05 16.65 -2.21
CA ALA A 106 1.26 15.89 -1.94
C ALA A 106 1.02 14.39 -2.15
N THR A 107 1.92 13.75 -2.89
CA THR A 107 1.81 12.33 -3.17
C THR A 107 2.44 11.51 -2.06
N LEU A 108 1.67 10.58 -1.49
CA LEU A 108 2.15 9.73 -0.42
C LEU A 108 2.61 8.37 -0.96
N VAL A 109 3.83 7.98 -0.60
CA VAL A 109 4.38 6.71 -1.05
C VAL A 109 4.24 5.64 0.04
N PHE A 110 3.40 4.63 -0.22
CA PHE A 110 3.18 3.55 0.73
C PHE A 110 3.63 2.22 0.14
N GLU A 111 4.38 1.45 0.93
CA GLU A 111 4.87 0.16 0.48
C GLU A 111 4.04 -0.98 1.09
N VAL A 112 3.56 -1.88 0.23
CA VAL A 112 2.75 -3.01 0.68
C VAL A 112 3.44 -4.34 0.36
N GLU A 113 3.64 -5.15 1.39
CA GLU A 113 4.28 -6.45 1.22
C GLU A 113 3.46 -7.56 1.87
N LEU A 114 2.77 -8.34 1.04
CA LEU A 114 1.95 -9.43 1.53
C LEU A 114 2.78 -10.45 2.31
N LEU A 115 2.35 -10.75 3.52
CA LEU A 115 3.05 -11.72 4.36
C LEU A 115 2.33 -13.06 4.39
N ASP A 116 1.00 -13.01 4.40
CA ASP A 116 0.18 -14.22 4.42
C ASP A 116 -1.30 -13.88 4.29
N VAL A 117 -2.04 -14.78 3.68
CA VAL A 117 -3.48 -14.58 3.48
C VAL A 117 -4.21 -14.56 4.81
N GLY A 1 16.85 -10.30 -6.87
CA GLY A 1 16.72 -10.52 -8.30
C GLY A 1 17.79 -9.81 -9.10
N PRO A 2 17.66 -9.84 -10.43
CA PRO A 2 18.62 -9.21 -11.34
C PRO A 2 18.56 -7.68 -11.27
N GLY A 3 17.34 -7.14 -11.35
CA GLY A 3 17.17 -5.71 -11.29
C GLY A 3 16.30 -5.19 -12.42
N SER A 4 15.03 -5.58 -12.41
CA SER A 4 14.08 -5.15 -13.44
C SER A 4 12.79 -4.64 -12.81
N MET A 5 12.62 -3.32 -12.80
CA MET A 5 11.43 -2.70 -12.23
C MET A 5 10.63 -1.97 -13.31
N THR A 6 9.49 -1.42 -12.92
CA THR A 6 8.64 -0.68 -13.84
C THR A 6 7.54 0.08 -13.10
N VAL A 7 6.91 1.02 -13.80
CA VAL A 7 5.83 1.81 -13.21
C VAL A 7 4.61 1.85 -14.11
N VAL A 8 3.43 1.86 -13.51
CA VAL A 8 2.18 1.91 -14.27
C VAL A 8 1.05 2.48 -13.42
N THR A 9 0.35 3.46 -13.98
CA THR A 9 -0.76 4.09 -13.28
C THR A 9 -2.11 3.67 -13.87
N THR A 10 -3.12 3.54 -13.02
CA THR A 10 -4.44 3.15 -13.46
C THR A 10 -5.39 4.35 -13.53
N GLU A 11 -6.48 4.19 -14.27
CA GLU A 11 -7.45 5.27 -14.41
C GLU A 11 -8.08 5.62 -13.06
N SER A 12 -8.10 4.66 -12.16
CA SER A 12 -8.67 4.86 -10.83
C SER A 12 -7.95 6.00 -10.11
N GLY A 13 -6.70 6.24 -10.48
CA GLY A 13 -5.94 7.31 -9.86
C GLY A 13 -4.74 6.78 -9.09
N LEU A 14 -4.95 5.73 -8.31
CA LEU A 14 -3.88 5.13 -7.52
C LEU A 14 -2.79 4.56 -8.43
N LYS A 15 -1.65 4.23 -7.83
CA LYS A 15 -0.54 3.67 -8.58
C LYS A 15 0.16 2.56 -7.79
N TYR A 16 0.96 1.75 -8.47
CA TYR A 16 1.67 0.66 -7.83
C TYR A 16 2.94 0.31 -8.61
N GLU A 17 4.01 0.01 -7.88
CA GLU A 17 5.28 -0.35 -8.50
C GLU A 17 5.78 -1.69 -7.96
N ASP A 18 5.93 -2.66 -8.86
CA ASP A 18 6.40 -3.98 -8.49
C ASP A 18 7.77 -3.90 -7.82
N LEU A 19 7.91 -4.59 -6.69
CA LEU A 19 9.17 -4.60 -5.96
C LEU A 19 9.70 -6.02 -5.79
N THR A 20 8.79 -6.96 -5.60
CA THR A 20 9.16 -8.37 -5.43
C THR A 20 8.00 -9.29 -5.79
N GLU A 21 8.19 -10.08 -6.84
CA GLU A 21 7.16 -11.02 -7.29
C GLU A 21 6.76 -11.97 -6.16
N GLY A 22 5.46 -12.17 -5.99
CA GLY A 22 4.97 -13.06 -4.96
C GLY A 22 4.18 -14.22 -5.51
N SER A 23 4.78 -15.40 -5.52
CA SER A 23 4.13 -16.60 -6.03
C SER A 23 3.52 -17.42 -4.90
N GLY A 24 2.51 -16.86 -4.25
CA GLY A 24 1.86 -17.56 -3.16
C GLY A 24 0.36 -17.69 -3.35
N ALA A 25 -0.37 -16.61 -3.05
CA ALA A 25 -1.81 -16.61 -3.20
C ALA A 25 -2.37 -15.18 -3.17
N GLU A 26 -3.34 -14.92 -4.04
CA GLU A 26 -3.95 -13.59 -4.12
C GLU A 26 -4.82 -13.33 -2.91
N ALA A 27 -4.69 -12.13 -2.34
CA ALA A 27 -5.48 -11.75 -1.17
C ALA A 27 -6.97 -11.85 -1.46
N ARG A 28 -7.66 -12.68 -0.68
CA ARG A 28 -9.10 -12.87 -0.85
C ARG A 28 -9.89 -11.87 -0.02
N ALA A 29 -11.16 -11.69 -0.37
CA ALA A 29 -12.02 -10.75 0.35
C ALA A 29 -12.80 -11.47 1.45
N GLY A 30 -13.13 -10.72 2.50
CA GLY A 30 -13.87 -11.29 3.61
C GLY A 30 -12.98 -12.03 4.60
N GLN A 31 -11.69 -12.12 4.27
CA GLN A 31 -10.73 -12.80 5.13
C GLN A 31 -9.67 -11.83 5.63
N THR A 32 -9.09 -12.14 6.79
CA THR A 32 -8.06 -11.30 7.39
C THR A 32 -6.67 -11.66 6.85
N VAL A 33 -6.06 -10.72 6.14
CA VAL A 33 -4.74 -10.95 5.58
C VAL A 33 -3.67 -10.14 6.32
N SER A 34 -2.51 -10.75 6.53
CA SER A 34 -1.42 -10.09 7.24
C SER A 34 -0.39 -9.54 6.25
N VAL A 35 -0.20 -8.23 6.27
CA VAL A 35 0.76 -7.58 5.39
C VAL A 35 1.45 -6.42 6.08
N HIS A 36 2.64 -6.07 5.59
CA HIS A 36 3.42 -4.97 6.16
C HIS A 36 3.25 -3.70 5.34
N TYR A 37 2.98 -2.59 6.02
CA TYR A 37 2.79 -1.32 5.35
C TYR A 37 3.83 -0.30 5.82
N THR A 38 4.31 0.52 4.89
CA THR A 38 5.31 1.53 5.21
C THR A 38 4.95 2.88 4.56
N GLY A 39 4.75 3.89 5.40
CA GLY A 39 4.40 5.21 4.89
C GLY A 39 5.63 6.06 4.63
N TRP A 40 5.73 6.58 3.40
CA TRP A 40 6.86 7.42 3.04
C TRP A 40 6.39 8.73 2.41
N LEU A 41 6.98 9.83 2.84
CA LEU A 41 6.62 11.15 2.32
C LEU A 41 7.09 11.32 0.88
N THR A 42 6.83 12.48 0.31
CA THR A 42 7.23 12.77 -1.07
C THR A 42 8.75 12.80 -1.21
N ASP A 43 9.43 13.08 -0.11
CA ASP A 43 10.89 13.14 -0.11
C ASP A 43 11.48 11.78 0.30
N GLY A 44 10.67 10.97 0.96
CA GLY A 44 11.12 9.67 1.40
C GLY A 44 11.13 9.53 2.91
N GLN A 45 10.62 10.55 3.60
CA GLN A 45 10.56 10.53 5.05
C GLN A 45 9.53 9.53 5.55
N LYS A 46 9.98 8.57 6.36
CA LYS A 46 9.10 7.56 6.91
C LYS A 46 8.25 8.12 8.04
N PHE A 47 6.93 8.00 7.90
CA PHE A 47 6.01 8.50 8.92
C PHE A 47 5.11 7.38 9.43
N ASP A 48 5.48 6.15 9.12
CA ASP A 48 4.71 4.99 9.56
C ASP A 48 5.40 3.69 9.13
N SER A 49 5.68 2.83 10.11
CA SER A 49 6.32 1.55 9.84
C SER A 49 5.71 0.44 10.68
N SER A 50 4.95 -0.43 10.02
CA SER A 50 4.31 -1.55 10.71
C SER A 50 5.33 -2.40 11.44
N LYS A 51 6.57 -2.36 10.97
CA LYS A 51 7.65 -3.13 11.59
C LYS A 51 7.83 -2.75 13.04
N ASP A 52 7.36 -1.57 13.41
CA ASP A 52 7.47 -1.08 14.77
C ASP A 52 6.88 -2.08 15.76
N ARG A 53 5.69 -2.59 15.44
CA ARG A 53 5.01 -3.56 16.29
C ARG A 53 5.69 -4.93 16.20
N ASN A 54 6.64 -5.05 15.28
CA ASN A 54 7.36 -6.32 15.10
C ASN A 54 6.42 -7.42 14.64
N ASP A 55 5.25 -7.03 14.14
CA ASP A 55 4.26 -7.99 13.67
C ASP A 55 3.52 -7.45 12.45
N PRO A 56 3.04 -8.37 11.59
CA PRO A 56 2.30 -8.01 10.38
C PRO A 56 0.92 -7.44 10.69
N PHE A 57 0.41 -6.61 9.77
CA PHE A 57 -0.89 -6.00 9.94
C PHE A 57 -1.99 -6.90 9.40
N ALA A 58 -2.74 -7.54 10.31
CA ALA A 58 -3.83 -8.42 9.92
C ALA A 58 -5.15 -7.68 9.83
N PHE A 59 -5.66 -7.53 8.62
CA PHE A 59 -6.93 -6.83 8.40
C PHE A 59 -7.79 -7.58 7.39
N VAL A 60 -9.11 -7.40 7.52
CA VAL A 60 -10.04 -8.05 6.61
C VAL A 60 -10.16 -7.30 5.29
N LEU A 61 -9.86 -7.99 4.19
CA LEU A 61 -9.92 -7.38 2.88
C LEU A 61 -11.37 -7.19 2.43
N GLY A 62 -11.70 -5.98 1.98
CA GLY A 62 -13.05 -5.69 1.54
C GLY A 62 -14.01 -5.50 2.70
N GLY A 63 -13.57 -4.78 3.71
CA GLY A 63 -14.41 -4.54 4.88
C GLY A 63 -14.34 -3.09 5.34
N GLY A 64 -13.14 -2.58 5.52
CA GLY A 64 -12.97 -1.21 5.97
C GLY A 64 -11.64 -0.98 6.66
N MET A 65 -11.53 0.12 7.39
CA MET A 65 -10.31 0.46 8.11
C MET A 65 -9.13 0.58 7.14
N VAL A 66 -9.44 0.84 5.87
CA VAL A 66 -8.41 0.99 4.85
C VAL A 66 -8.81 2.03 3.81
N ILE A 67 -7.89 2.33 2.89
CA ILE A 67 -8.14 3.31 1.85
C ILE A 67 -8.34 2.62 0.50
N LYS A 68 -8.85 3.39 -0.47
CA LYS A 68 -9.08 2.86 -1.81
C LYS A 68 -7.84 2.12 -2.33
N GLY A 69 -6.71 2.81 -2.33
CA GLY A 69 -5.47 2.21 -2.80
C GLY A 69 -5.16 0.92 -2.08
N TRP A 70 -5.62 0.80 -0.83
CA TRP A 70 -5.38 -0.39 -0.03
C TRP A 70 -6.18 -1.58 -0.55
N ASP A 71 -7.50 -1.42 -0.58
CA ASP A 71 -8.39 -2.47 -1.06
C ASP A 71 -7.98 -2.93 -2.45
N GLU A 72 -7.73 -1.97 -3.34
CA GLU A 72 -7.34 -2.28 -4.71
C GLU A 72 -5.99 -2.98 -4.74
N GLY A 73 -5.05 -2.49 -3.94
CA GLY A 73 -3.73 -3.08 -3.88
C GLY A 73 -3.75 -4.54 -3.47
N VAL A 74 -4.30 -4.81 -2.30
CA VAL A 74 -4.40 -6.18 -1.79
C VAL A 74 -5.34 -7.02 -2.65
N GLN A 75 -6.29 -6.35 -3.30
CA GLN A 75 -7.25 -7.04 -4.16
C GLN A 75 -6.54 -7.92 -5.18
N GLY A 76 -5.32 -7.54 -5.54
CA GLY A 76 -4.55 -8.30 -6.50
C GLY A 76 -3.24 -8.81 -5.94
N MET A 77 -2.78 -8.17 -4.87
CA MET A 77 -1.52 -8.55 -4.23
C MET A 77 -1.51 -10.06 -3.94
N LYS A 78 -0.30 -10.62 -3.89
CA LYS A 78 -0.14 -12.06 -3.63
C LYS A 78 0.79 -12.28 -2.44
N VAL A 79 0.57 -13.37 -1.72
CA VAL A 79 1.38 -13.71 -0.56
C VAL A 79 2.87 -13.70 -0.92
N GLY A 80 3.65 -12.95 -0.16
CA GLY A 80 5.08 -12.87 -0.40
C GLY A 80 5.43 -11.83 -1.45
N GLY A 81 4.40 -11.16 -1.97
CA GLY A 81 4.63 -10.14 -2.98
C GLY A 81 4.77 -8.75 -2.38
N VAL A 82 5.76 -7.99 -2.87
CA VAL A 82 6.00 -6.65 -2.38
C VAL A 82 5.91 -5.63 -3.52
N ARG A 83 5.09 -4.59 -3.30
CA ARG A 83 4.92 -3.55 -4.30
C ARG A 83 4.69 -2.20 -3.64
N ARG A 84 5.26 -1.15 -4.23
CA ARG A 84 5.11 0.20 -3.70
C ARG A 84 3.85 0.86 -4.23
N LEU A 85 2.83 0.95 -3.40
CA LEU A 85 1.57 1.56 -3.79
C LEU A 85 1.60 3.08 -3.58
N THR A 86 1.35 3.83 -4.64
CA THR A 86 1.35 5.28 -4.58
C THR A 86 -0.07 5.84 -4.54
N ILE A 87 -0.39 6.52 -3.44
CA ILE A 87 -1.72 7.10 -3.27
C ILE A 87 -1.67 8.63 -3.36
N PRO A 88 -2.58 9.20 -4.17
CA PRO A 88 -2.65 10.66 -4.36
C PRO A 88 -3.17 11.38 -3.12
N PRO A 89 -3.08 12.71 -3.14
CA PRO A 89 -3.54 13.55 -2.02
C PRO A 89 -5.05 13.54 -1.87
N GLN A 90 -5.73 12.90 -2.81
CA GLN A 90 -7.19 12.82 -2.78
C GLN A 90 -7.65 11.48 -2.24
N LEU A 91 -6.95 10.41 -2.64
CA LEU A 91 -7.30 9.07 -2.20
C LEU A 91 -6.49 8.69 -0.95
N GLY A 92 -5.92 9.69 -0.29
CA GLY A 92 -5.14 9.43 0.91
C GLY A 92 -5.70 10.15 2.12
N TYR A 93 -5.06 11.24 2.52
CA TYR A 93 -5.51 12.01 3.68
C TYR A 93 -6.61 12.99 3.30
N GLY A 94 -6.55 13.48 2.07
CA GLY A 94 -7.56 14.43 1.60
C GLY A 94 -7.08 15.87 1.71
N ALA A 95 -8.03 16.79 1.89
CA ALA A 95 -7.72 18.20 2.01
C ALA A 95 -7.17 18.53 3.39
N ARG A 96 -7.58 17.74 4.39
CA ARG A 96 -7.14 17.95 5.75
C ARG A 96 -5.63 17.78 5.87
N GLY A 97 -5.15 16.58 5.56
CA GLY A 97 -3.73 16.30 5.65
C GLY A 97 -3.23 16.26 7.08
N ALA A 98 -2.13 15.54 7.28
CA ALA A 98 -1.54 15.42 8.61
C ALA A 98 -0.80 16.70 9.01
N GLY A 99 -0.77 16.98 10.31
CA GLY A 99 -0.10 18.16 10.79
C GLY A 99 1.41 18.02 10.77
N GLY A 100 2.05 18.65 9.79
CA GLY A 100 3.49 18.58 9.68
C GLY A 100 3.95 17.51 8.70
N VAL A 101 3.13 16.47 8.54
CA VAL A 101 3.45 15.38 7.63
C VAL A 101 2.40 15.24 6.54
N ILE A 102 2.84 14.88 5.34
CA ILE A 102 1.95 14.72 4.20
C ILE A 102 1.21 16.01 3.89
N PRO A 103 1.89 16.90 3.14
CA PRO A 103 1.32 18.20 2.76
C PRO A 103 0.19 18.06 1.74
N PRO A 104 -0.55 19.15 1.52
CA PRO A 104 -1.66 19.17 0.57
C PRO A 104 -1.20 19.07 -0.88
N ASN A 105 -2.02 18.45 -1.72
CA ASN A 105 -1.70 18.28 -3.13
C ASN A 105 -0.35 17.60 -3.30
N ALA A 106 -0.05 16.67 -2.40
CA ALA A 106 1.21 15.93 -2.45
C ALA A 106 0.97 14.45 -2.71
N THR A 107 2.02 13.74 -3.14
CA THR A 107 1.92 12.32 -3.41
C THR A 107 2.43 11.49 -2.25
N LEU A 108 1.60 10.55 -1.79
CA LEU A 108 1.96 9.69 -0.67
C LEU A 108 2.50 8.35 -1.16
N VAL A 109 3.72 8.02 -0.76
CA VAL A 109 4.35 6.77 -1.16
C VAL A 109 4.23 5.73 -0.05
N PHE A 110 3.39 4.72 -0.29
CA PHE A 110 3.18 3.66 0.69
C PHE A 110 3.63 2.30 0.12
N GLU A 111 4.38 1.56 0.91
CA GLU A 111 4.87 0.25 0.49
C GLU A 111 4.11 -0.88 1.18
N VAL A 112 3.52 -1.77 0.39
CA VAL A 112 2.76 -2.88 0.93
C VAL A 112 3.35 -4.21 0.48
N GLU A 113 3.55 -5.11 1.43
CA GLU A 113 4.11 -6.43 1.15
C GLU A 113 3.31 -7.53 1.82
N LEU A 114 2.74 -8.42 1.02
CA LEU A 114 1.94 -9.53 1.54
C LEU A 114 2.82 -10.49 2.35
N LEU A 115 2.39 -10.77 3.57
CA LEU A 115 3.12 -11.69 4.44
C LEU A 115 2.38 -13.02 4.60
N ASP A 116 1.06 -12.94 4.62
CA ASP A 116 0.22 -14.13 4.77
C ASP A 116 -1.26 -13.77 4.66
N VAL A 117 -2.09 -14.79 4.53
CA VAL A 117 -3.53 -14.59 4.42
C VAL A 117 -4.27 -15.26 5.58
N GLY A 1 15.24 2.49 -17.22
CA GLY A 1 14.85 3.35 -18.32
C GLY A 1 13.78 2.73 -19.19
N PRO A 2 14.16 1.69 -19.96
CA PRO A 2 13.25 0.99 -20.85
C PRO A 2 12.19 0.19 -20.10
N GLY A 3 12.65 -0.57 -19.09
CA GLY A 3 11.73 -1.39 -18.31
C GLY A 3 12.33 -1.79 -16.98
N SER A 4 12.92 -0.83 -16.27
CA SER A 4 13.53 -1.10 -14.98
C SER A 4 12.48 -1.10 -13.87
N MET A 5 11.50 -0.23 -13.99
CA MET A 5 10.43 -0.12 -13.00
C MET A 5 9.09 -0.54 -13.61
N THR A 6 8.67 0.18 -14.64
CA THR A 6 7.40 -0.12 -15.30
C THR A 6 6.22 0.16 -14.38
N VAL A 7 5.83 1.42 -14.30
CA VAL A 7 4.71 1.83 -13.45
C VAL A 7 3.40 1.86 -14.25
N VAL A 8 2.28 1.68 -13.55
CA VAL A 8 0.97 1.69 -14.19
C VAL A 8 -0.08 2.27 -13.26
N THR A 9 -0.84 3.25 -13.75
CA THR A 9 -1.88 3.88 -12.96
C THR A 9 -3.26 3.33 -13.33
N THR A 10 -4.22 3.49 -12.42
CA THR A 10 -5.58 3.01 -12.65
C THR A 10 -6.55 4.17 -12.83
N GLU A 11 -7.81 3.84 -13.08
CA GLU A 11 -8.84 4.86 -13.26
C GLU A 11 -9.10 5.62 -11.96
N SER A 12 -9.11 4.88 -10.86
CA SER A 12 -9.35 5.48 -9.55
C SER A 12 -8.31 6.54 -9.22
N GLY A 13 -7.12 6.39 -9.83
CA GLY A 13 -6.05 7.34 -9.59
C GLY A 13 -4.86 6.70 -8.89
N LEU A 14 -5.14 5.80 -7.96
CA LEU A 14 -4.08 5.13 -7.21
C LEU A 14 -3.07 4.51 -8.16
N LYS A 15 -1.85 4.29 -7.65
CA LYS A 15 -0.78 3.71 -8.45
C LYS A 15 -0.03 2.63 -7.65
N TYR A 16 0.70 1.78 -8.37
CA TYR A 16 1.45 0.72 -7.73
C TYR A 16 2.64 0.30 -8.59
N GLU A 17 3.75 -0.04 -7.93
CA GLU A 17 4.96 -0.46 -8.64
C GLU A 17 5.47 -1.79 -8.11
N ASP A 18 5.51 -2.79 -8.98
CA ASP A 18 5.99 -4.12 -8.60
C ASP A 18 7.42 -4.06 -8.09
N LEU A 19 7.65 -4.59 -6.89
CA LEU A 19 8.98 -4.60 -6.30
C LEU A 19 9.49 -6.02 -6.12
N THR A 20 8.56 -6.95 -5.88
CA THR A 20 8.91 -8.35 -5.69
C THR A 20 7.71 -9.26 -5.90
N GLU A 21 7.85 -10.23 -6.79
CA GLU A 21 6.77 -11.16 -7.09
C GLU A 21 6.56 -12.14 -5.94
N GLY A 22 5.31 -12.31 -5.53
CA GLY A 22 5.01 -13.22 -4.43
C GLY A 22 4.94 -14.67 -4.89
N SER A 23 4.05 -14.95 -5.83
CA SER A 23 3.89 -16.31 -6.34
C SER A 23 3.39 -17.25 -5.25
N GLY A 24 2.66 -16.69 -4.28
CA GLY A 24 2.13 -17.49 -3.20
C GLY A 24 0.63 -17.66 -3.28
N ALA A 25 -0.11 -16.72 -2.71
CA ALA A 25 -1.56 -16.77 -2.72
C ALA A 25 -2.16 -15.37 -2.75
N GLU A 26 -2.99 -15.11 -3.77
CA GLU A 26 -3.63 -13.81 -3.91
C GLU A 26 -4.53 -13.50 -2.71
N ALA A 27 -4.45 -12.26 -2.22
CA ALA A 27 -5.26 -11.85 -1.09
C ALA A 27 -6.74 -11.98 -1.38
N ARG A 28 -7.43 -12.77 -0.57
CA ARG A 28 -8.87 -12.99 -0.75
C ARG A 28 -9.68 -11.98 0.07
N ALA A 29 -10.88 -11.70 -0.39
CA ALA A 29 -11.76 -10.75 0.29
C ALA A 29 -12.62 -11.46 1.33
N GLY A 30 -13.02 -10.72 2.37
CA GLY A 30 -13.85 -11.30 3.41
C GLY A 30 -13.03 -12.01 4.47
N GLN A 31 -11.73 -12.13 4.23
CA GLN A 31 -10.84 -12.80 5.17
C GLN A 31 -9.78 -11.83 5.69
N THR A 32 -9.28 -12.10 6.90
CA THR A 32 -8.26 -11.25 7.50
C THR A 32 -6.87 -11.62 7.01
N VAL A 33 -6.33 -10.83 6.09
CA VAL A 33 -5.01 -11.08 5.53
C VAL A 33 -3.95 -10.27 6.28
N SER A 34 -2.79 -10.89 6.51
CA SER A 34 -1.70 -10.24 7.21
C SER A 34 -0.67 -9.71 6.21
N VAL A 35 -0.43 -8.40 6.27
CA VAL A 35 0.54 -7.76 5.38
C VAL A 35 1.30 -6.64 6.10
N HIS A 36 2.39 -6.20 5.49
CA HIS A 36 3.20 -5.14 6.07
C HIS A 36 3.05 -3.84 5.28
N TYR A 37 2.81 -2.74 5.98
CA TYR A 37 2.64 -1.45 5.34
C TYR A 37 3.71 -0.46 5.81
N THR A 38 4.25 0.31 4.87
CA THR A 38 5.27 1.29 5.19
C THR A 38 4.96 2.64 4.55
N GLY A 39 4.89 3.68 5.37
CA GLY A 39 4.60 5.01 4.87
C GLY A 39 5.85 5.82 4.61
N TRP A 40 5.94 6.40 3.43
CA TRP A 40 7.10 7.21 3.06
C TRP A 40 6.67 8.54 2.47
N LEU A 41 7.34 9.62 2.90
CA LEU A 41 7.01 10.95 2.42
C LEU A 41 7.47 11.13 0.96
N THR A 42 7.04 12.23 0.34
CA THR A 42 7.41 12.51 -1.03
C THR A 42 8.92 12.51 -1.22
N ASP A 43 9.64 12.80 -0.14
CA ASP A 43 11.10 12.82 -0.18
C ASP A 43 11.68 11.47 0.23
N GLY A 44 10.88 10.68 0.93
CA GLY A 44 11.32 9.37 1.37
C GLY A 44 11.35 9.25 2.89
N GLN A 45 10.87 10.28 3.57
CA GLN A 45 10.83 10.29 5.03
C GLN A 45 9.79 9.31 5.55
N LYS A 46 10.26 8.28 6.25
CA LYS A 46 9.38 7.27 6.82
C LYS A 46 8.54 7.85 7.95
N PHE A 47 7.23 7.65 7.88
CA PHE A 47 6.33 8.16 8.91
C PHE A 47 5.41 7.05 9.42
N ASP A 48 5.76 5.81 9.10
CA ASP A 48 4.97 4.67 9.53
C ASP A 48 5.61 3.36 9.06
N SER A 49 5.78 2.42 9.98
CA SER A 49 6.38 1.13 9.65
C SER A 49 5.88 0.05 10.61
N SER A 50 4.99 -0.81 10.10
CA SER A 50 4.43 -1.89 10.91
C SER A 50 5.53 -2.80 11.44
N LYS A 51 6.66 -2.81 10.75
CA LYS A 51 7.79 -3.63 11.15
C LYS A 51 8.36 -3.17 12.50
N ASP A 52 8.17 -1.88 12.80
CA ASP A 52 8.65 -1.32 14.05
C ASP A 52 8.15 -2.12 15.24
N ARG A 53 6.85 -2.42 15.24
CA ARG A 53 6.24 -3.19 16.32
C ARG A 53 6.61 -4.66 16.21
N ASN A 54 7.25 -5.03 15.12
CA ASN A 54 7.65 -6.42 14.90
C ASN A 54 6.44 -7.33 14.81
N ASP A 55 5.37 -6.83 14.20
CA ASP A 55 4.14 -7.60 14.04
C ASP A 55 3.42 -7.22 12.76
N PRO A 56 2.92 -8.24 12.04
CA PRO A 56 2.20 -8.03 10.78
C PRO A 56 0.83 -7.39 10.99
N PHE A 57 0.35 -6.69 9.97
CA PHE A 57 -0.95 -6.02 10.04
C PHE A 57 -2.04 -6.89 9.43
N ALA A 58 -2.83 -7.54 10.29
CA ALA A 58 -3.91 -8.40 9.84
C ALA A 58 -5.23 -7.63 9.76
N PHE A 59 -5.79 -7.56 8.57
CA PHE A 59 -7.05 -6.85 8.37
C PHE A 59 -7.93 -7.56 7.33
N VAL A 60 -9.24 -7.42 7.47
CA VAL A 60 -10.18 -8.05 6.54
C VAL A 60 -10.20 -7.33 5.20
N LEU A 61 -9.79 -8.04 4.15
CA LEU A 61 -9.76 -7.47 2.80
C LEU A 61 -11.18 -7.24 2.28
N GLY A 62 -11.46 -6.02 1.86
CA GLY A 62 -12.78 -5.70 1.34
C GLY A 62 -13.05 -4.21 1.31
N GLY A 63 -12.89 -3.57 2.47
CA GLY A 63 -13.13 -2.13 2.56
C GLY A 63 -13.87 -1.74 3.82
N GLY A 64 -13.75 -0.49 4.21
CA GLY A 64 -14.41 -0.01 5.41
C GLY A 64 -13.45 0.54 6.44
N MET A 65 -12.28 -0.07 6.53
CA MET A 65 -11.25 0.36 7.47
C MET A 65 -10.03 0.92 6.75
N VAL A 66 -9.82 0.46 5.51
CA VAL A 66 -8.69 0.90 4.71
C VAL A 66 -9.15 1.84 3.60
N ILE A 67 -8.19 2.32 2.81
CA ILE A 67 -8.49 3.22 1.70
C ILE A 67 -8.63 2.46 0.39
N LYS A 68 -9.23 3.11 -0.60
CA LYS A 68 -9.42 2.50 -1.91
C LYS A 68 -8.12 1.88 -2.42
N GLY A 69 -7.05 2.66 -2.36
CA GLY A 69 -5.76 2.17 -2.82
C GLY A 69 -5.33 0.91 -2.10
N TRP A 70 -5.74 0.76 -0.85
CA TRP A 70 -5.40 -0.41 -0.06
C TRP A 70 -6.13 -1.64 -0.56
N ASP A 71 -7.46 -1.56 -0.62
CA ASP A 71 -8.28 -2.67 -1.09
C ASP A 71 -7.83 -3.14 -2.46
N GLU A 72 -7.61 -2.18 -3.36
CA GLU A 72 -7.18 -2.50 -4.72
C GLU A 72 -5.79 -3.13 -4.71
N GLY A 73 -4.89 -2.57 -3.89
CA GLY A 73 -3.55 -3.08 -3.81
C GLY A 73 -3.50 -4.56 -3.42
N VAL A 74 -4.05 -4.86 -2.25
CA VAL A 74 -4.08 -6.24 -1.75
C VAL A 74 -4.96 -7.11 -2.63
N GLN A 75 -5.95 -6.50 -3.27
CA GLN A 75 -6.88 -7.22 -4.13
C GLN A 75 -6.12 -8.07 -5.15
N GLY A 76 -4.93 -7.61 -5.52
CA GLY A 76 -4.13 -8.34 -6.49
C GLY A 76 -2.86 -8.91 -5.88
N MET A 77 -2.30 -8.20 -4.92
CA MET A 77 -1.08 -8.65 -4.24
C MET A 77 -1.24 -10.08 -3.74
N LYS A 78 -0.13 -10.81 -3.69
CA LYS A 78 -0.14 -12.19 -3.22
C LYS A 78 0.85 -12.39 -2.08
N VAL A 79 0.75 -13.53 -1.41
CA VAL A 79 1.64 -13.84 -0.30
C VAL A 79 3.10 -13.72 -0.72
N GLY A 80 3.85 -12.90 0.03
CA GLY A 80 5.26 -12.71 -0.28
C GLY A 80 5.48 -11.66 -1.36
N GLY A 81 4.39 -11.08 -1.84
CA GLY A 81 4.49 -10.06 -2.87
C GLY A 81 4.68 -8.67 -2.30
N VAL A 82 5.62 -7.92 -2.87
CA VAL A 82 5.89 -6.56 -2.41
C VAL A 82 5.80 -5.56 -3.57
N ARG A 83 5.02 -4.51 -3.37
CA ARG A 83 4.85 -3.48 -4.39
C ARG A 83 4.65 -2.11 -3.75
N ARG A 84 5.23 -1.09 -4.37
CA ARG A 84 5.12 0.28 -3.86
C ARG A 84 3.83 0.94 -4.36
N LEU A 85 2.84 1.02 -3.47
CA LEU A 85 1.56 1.63 -3.82
C LEU A 85 1.59 3.14 -3.57
N THR A 86 1.44 3.92 -4.64
CA THR A 86 1.45 5.37 -4.53
C THR A 86 0.04 5.92 -4.44
N ILE A 87 -0.28 6.57 -3.33
CA ILE A 87 -1.60 7.14 -3.11
C ILE A 87 -1.52 8.65 -2.94
N PRO A 88 -2.37 9.38 -3.68
CA PRO A 88 -2.41 10.85 -3.62
C PRO A 88 -2.97 11.36 -2.29
N PRO A 89 -2.88 12.69 -2.08
CA PRO A 89 -3.37 13.32 -0.85
C PRO A 89 -4.89 13.32 -0.76
N GLN A 90 -5.54 12.83 -1.81
CA GLN A 90 -6.99 12.78 -1.85
C GLN A 90 -7.48 11.39 -1.45
N LEU A 91 -6.92 10.36 -2.08
CA LEU A 91 -7.30 8.99 -1.79
C LEU A 91 -6.47 8.42 -0.64
N GLY A 92 -5.71 9.28 0.02
CA GLY A 92 -4.88 8.84 1.12
C GLY A 92 -5.30 9.46 2.45
N TYR A 93 -4.77 10.64 2.74
CA TYR A 93 -5.08 11.33 3.98
C TYR A 93 -6.41 12.07 3.86
N GLY A 94 -6.63 12.71 2.71
CA GLY A 94 -7.87 13.44 2.50
C GLY A 94 -7.63 14.92 2.28
N ALA A 95 -8.71 15.67 2.10
CA ALA A 95 -8.61 17.11 1.88
C ALA A 95 -7.94 17.80 3.05
N ARG A 96 -8.23 17.33 4.26
CA ARG A 96 -7.65 17.91 5.47
C ARG A 96 -6.16 17.62 5.55
N GLY A 97 -5.82 16.34 5.72
CA GLY A 97 -4.42 15.96 5.81
C GLY A 97 -3.74 16.56 7.02
N ALA A 98 -2.62 15.96 7.42
CA ALA A 98 -1.86 16.45 8.56
C ALA A 98 -1.28 17.84 8.30
N GLY A 99 -0.98 18.56 9.37
CA GLY A 99 -0.41 19.89 9.22
C GLY A 99 1.10 19.90 9.30
N GLY A 100 1.75 19.86 8.14
CA GLY A 100 3.21 19.87 8.11
C GLY A 100 3.77 18.71 7.32
N VAL A 101 3.84 17.54 7.95
CA VAL A 101 4.36 16.35 7.29
C VAL A 101 3.50 15.96 6.10
N ILE A 102 2.20 16.21 6.20
CA ILE A 102 1.27 15.88 5.12
C ILE A 102 0.67 17.15 4.52
N PRO A 103 1.49 17.87 3.72
CA PRO A 103 1.06 19.09 3.05
C PRO A 103 0.04 18.84 1.95
N PRO A 104 -0.59 19.92 1.47
CA PRO A 104 -1.59 19.84 0.40
C PRO A 104 -0.98 19.47 -0.95
N ASN A 105 -1.75 18.74 -1.76
CA ASN A 105 -1.27 18.34 -3.08
C ASN A 105 0.03 17.52 -2.96
N ALA A 106 0.16 16.78 -1.87
CA ALA A 106 1.34 15.97 -1.64
C ALA A 106 1.03 14.49 -1.81
N THR A 107 1.82 13.81 -2.64
CA THR A 107 1.63 12.39 -2.90
C THR A 107 2.32 11.54 -1.82
N LEU A 108 1.57 10.63 -1.23
CA LEU A 108 2.10 9.75 -0.19
C LEU A 108 2.51 8.40 -0.78
N VAL A 109 3.72 7.97 -0.46
CA VAL A 109 4.22 6.69 -0.95
C VAL A 109 4.11 5.61 0.11
N PHE A 110 3.23 4.63 -0.15
CA PHE A 110 3.03 3.53 0.79
C PHE A 110 3.42 2.20 0.16
N GLU A 111 4.19 1.41 0.91
CA GLU A 111 4.64 0.11 0.43
C GLU A 111 3.82 -1.01 1.05
N VAL A 112 3.34 -1.93 0.21
CA VAL A 112 2.55 -3.05 0.69
C VAL A 112 3.26 -4.37 0.44
N GLU A 113 3.41 -5.17 1.49
CA GLU A 113 4.08 -6.47 1.39
C GLU A 113 3.26 -7.56 2.05
N LEU A 114 2.62 -8.40 1.24
CA LEU A 114 1.80 -9.49 1.76
C LEU A 114 2.66 -10.53 2.46
N LEU A 115 2.22 -10.96 3.64
CA LEU A 115 2.95 -11.95 4.41
C LEU A 115 2.21 -13.29 4.42
N ASP A 116 0.90 -13.23 4.65
CA ASP A 116 0.08 -14.44 4.67
C ASP A 116 -1.40 -14.08 4.56
N VAL A 117 -2.15 -14.90 3.83
CA VAL A 117 -3.58 -14.67 3.65
C VAL A 117 -4.37 -15.96 3.87
N GLY A 1 13.52 -14.32 -12.03
CA GLY A 1 14.81 -13.78 -12.41
C GLY A 1 14.69 -12.41 -13.05
N PRO A 2 14.23 -12.36 -14.30
CA PRO A 2 14.06 -11.11 -15.04
C PRO A 2 12.91 -10.26 -14.50
N GLY A 3 12.80 -9.03 -15.00
CA GLY A 3 11.75 -8.14 -14.55
C GLY A 3 11.86 -6.76 -15.16
N SER A 4 10.96 -5.87 -14.77
CA SER A 4 10.96 -4.50 -15.29
C SER A 4 10.50 -3.52 -14.22
N MET A 5 11.39 -2.62 -13.83
CA MET A 5 11.07 -1.62 -12.82
C MET A 5 10.34 -0.43 -13.44
N THR A 6 9.04 -0.36 -13.20
CA THR A 6 8.23 0.72 -13.73
C THR A 6 6.90 0.85 -12.99
N VAL A 7 6.41 2.08 -12.88
CA VAL A 7 5.15 2.34 -12.18
C VAL A 7 4.03 2.63 -13.16
N VAL A 8 2.87 2.01 -12.94
CA VAL A 8 1.72 2.21 -13.81
C VAL A 8 0.56 2.86 -13.05
N THR A 9 -0.22 3.67 -13.75
CA THR A 9 -1.35 4.36 -13.14
C THR A 9 -2.66 3.85 -13.73
N THR A 10 -3.75 4.04 -12.97
CA THR A 10 -5.07 3.61 -13.41
C THR A 10 -6.03 4.78 -13.49
N GLU A 11 -7.29 4.48 -13.81
CA GLU A 11 -8.32 5.52 -13.91
C GLU A 11 -8.62 6.13 -12.55
N SER A 12 -8.46 5.32 -11.50
CA SER A 12 -8.73 5.77 -10.14
C SER A 12 -7.73 6.86 -9.72
N GLY A 13 -6.54 6.82 -10.32
CA GLY A 13 -5.53 7.79 -10.01
C GLY A 13 -4.33 7.18 -9.28
N LEU A 14 -4.61 6.32 -8.32
CA LEU A 14 -3.56 5.66 -7.56
C LEU A 14 -2.55 5.00 -8.48
N LYS A 15 -1.42 4.59 -7.92
CA LYS A 15 -0.37 3.95 -8.70
C LYS A 15 0.30 2.84 -7.89
N TYR A 16 1.01 1.94 -8.58
CA TYR A 16 1.69 0.84 -7.92
C TYR A 16 2.87 0.36 -8.76
N GLU A 17 3.98 0.05 -8.10
CA GLU A 17 5.18 -0.43 -8.78
C GLU A 17 5.67 -1.74 -8.17
N ASP A 18 5.70 -2.79 -8.96
CA ASP A 18 6.15 -4.10 -8.50
C ASP A 18 7.52 -3.98 -7.83
N LEU A 19 7.66 -4.66 -6.69
CA LEU A 19 8.92 -4.63 -5.95
C LEU A 19 9.49 -6.04 -5.79
N THR A 20 8.61 -7.02 -5.69
CA THR A 20 9.01 -8.41 -5.54
C THR A 20 7.88 -9.36 -5.90
N GLU A 21 8.07 -10.15 -6.96
CA GLU A 21 7.05 -11.10 -7.39
C GLU A 21 6.62 -11.99 -6.24
N GLY A 22 5.33 -12.31 -6.20
CA GLY A 22 4.81 -13.16 -5.15
C GLY A 22 3.96 -14.30 -5.69
N SER A 23 4.49 -15.51 -5.62
CA SER A 23 3.78 -16.69 -6.11
C SER A 23 3.21 -17.49 -4.95
N GLY A 24 2.18 -16.95 -4.30
CA GLY A 24 1.56 -17.63 -3.18
C GLY A 24 0.06 -17.73 -3.33
N ALA A 25 -0.62 -16.59 -3.22
CA ALA A 25 -2.07 -16.56 -3.34
C ALA A 25 -2.60 -15.14 -3.27
N GLU A 26 -3.43 -14.77 -4.25
CA GLU A 26 -4.00 -13.42 -4.29
C GLU A 26 -5.04 -13.23 -3.19
N ALA A 27 -4.94 -12.11 -2.49
CA ALA A 27 -5.87 -11.80 -1.41
C ALA A 27 -7.32 -11.92 -1.87
N ARG A 28 -8.18 -12.41 -0.99
CA ARG A 28 -9.59 -12.56 -1.31
C ARG A 28 -10.44 -11.53 -0.57
N ALA A 29 -11.52 -11.10 -1.21
CA ALA A 29 -12.42 -10.11 -0.62
C ALA A 29 -13.26 -10.73 0.50
N GLY A 30 -13.19 -10.14 1.68
CA GLY A 30 -13.95 -10.64 2.81
C GLY A 30 -13.14 -11.60 3.67
N GLN A 31 -11.87 -11.77 3.32
CA GLN A 31 -10.98 -12.67 4.06
C GLN A 31 -9.84 -11.89 4.69
N THR A 32 -9.36 -12.37 5.84
CA THR A 32 -8.27 -11.71 6.54
C THR A 32 -6.96 -11.89 5.79
N VAL A 33 -5.95 -11.12 6.18
CA VAL A 33 -4.63 -11.19 5.55
C VAL A 33 -3.60 -10.39 6.33
N SER A 34 -2.42 -10.97 6.50
CA SER A 34 -1.34 -10.32 7.23
C SER A 34 -0.29 -9.77 6.27
N VAL A 35 -0.07 -8.45 6.31
CA VAL A 35 0.91 -7.80 5.46
C VAL A 35 1.61 -6.67 6.18
N HIS A 36 2.74 -6.23 5.64
CA HIS A 36 3.51 -5.14 6.24
C HIS A 36 3.38 -3.88 5.41
N TYR A 37 3.08 -2.76 6.09
CA TYR A 37 2.93 -1.48 5.42
C TYR A 37 4.01 -0.50 5.85
N THR A 38 4.49 0.31 4.91
CA THR A 38 5.52 1.29 5.19
C THR A 38 5.19 2.64 4.55
N GLY A 39 4.93 3.63 5.40
CA GLY A 39 4.61 4.96 4.90
C GLY A 39 5.84 5.81 4.67
N TRP A 40 5.96 6.34 3.47
CA TRP A 40 7.11 7.18 3.11
C TRP A 40 6.64 8.49 2.48
N LEU A 41 7.25 9.59 2.92
CA LEU A 41 6.90 10.91 2.40
C LEU A 41 7.46 11.11 1.00
N THR A 42 7.02 12.17 0.33
CA THR A 42 7.47 12.47 -1.03
C THR A 42 9.00 12.48 -1.10
N ASP A 43 9.63 13.10 -0.12
CA ASP A 43 11.08 13.17 -0.06
C ASP A 43 11.69 11.85 0.40
N GLY A 44 10.87 11.04 1.06
CA GLY A 44 11.34 9.76 1.55
C GLY A 44 11.29 9.65 3.06
N GLN A 45 10.74 10.68 3.70
CA GLN A 45 10.63 10.71 5.16
C GLN A 45 9.57 9.72 5.64
N LYS A 46 10.03 8.66 6.30
CA LYS A 46 9.11 7.65 6.81
C LYS A 46 8.24 8.21 7.93
N PHE A 47 6.95 7.87 7.88
CA PHE A 47 6.00 8.35 8.89
C PHE A 47 5.04 7.24 9.29
N ASP A 48 5.46 5.99 9.10
CA ASP A 48 4.63 4.84 9.44
C ASP A 48 5.36 3.54 9.14
N SER A 49 5.52 2.70 10.15
CA SER A 49 6.19 1.42 10.00
C SER A 49 5.71 0.41 11.04
N SER A 50 4.81 -0.47 10.61
CA SER A 50 4.26 -1.49 11.50
C SER A 50 5.36 -2.39 12.05
N LYS A 51 6.50 -2.41 11.36
CA LYS A 51 7.64 -3.22 11.77
C LYS A 51 8.07 -2.86 13.19
N ASP A 52 7.76 -1.65 13.61
CA ASP A 52 8.12 -1.19 14.94
C ASP A 52 7.61 -2.15 16.01
N ARG A 53 6.34 -2.56 15.89
CA ARG A 53 5.75 -3.48 16.84
C ARG A 53 6.28 -4.89 16.64
N ASN A 54 7.03 -5.09 15.56
CA ASN A 54 7.60 -6.40 15.25
C ASN A 54 6.49 -7.42 14.96
N ASP A 55 5.43 -6.96 14.33
CA ASP A 55 4.31 -7.83 14.00
C ASP A 55 3.61 -7.37 12.72
N PRO A 56 3.19 -8.34 11.89
CA PRO A 56 2.51 -8.05 10.63
C PRO A 56 1.10 -7.48 10.84
N PHE A 57 0.69 -6.59 9.95
CA PHE A 57 -0.63 -5.98 10.04
C PHE A 57 -1.70 -6.89 9.46
N ALA A 58 -2.44 -7.56 10.35
CA ALA A 58 -3.50 -8.47 9.92
C ALA A 58 -4.84 -7.77 9.88
N PHE A 59 -5.39 -7.59 8.68
CA PHE A 59 -6.67 -6.93 8.50
C PHE A 59 -7.59 -7.75 7.58
N VAL A 60 -8.78 -7.23 7.35
CA VAL A 60 -9.76 -7.90 6.49
C VAL A 60 -9.90 -7.19 5.15
N LEU A 61 -9.75 -7.94 4.06
CA LEU A 61 -9.87 -7.38 2.73
C LEU A 61 -11.17 -6.58 2.58
N GLY A 62 -11.04 -5.30 2.24
CA GLY A 62 -12.21 -4.45 2.09
C GLY A 62 -13.15 -4.53 3.27
N GLY A 63 -12.60 -4.37 4.47
CA GLY A 63 -13.42 -4.44 5.67
C GLY A 63 -13.91 -3.06 6.10
N GLY A 64 -13.08 -2.05 5.91
CA GLY A 64 -13.45 -0.70 6.30
C GLY A 64 -12.35 0.01 7.06
N MET A 65 -11.33 -0.73 7.46
CA MET A 65 -10.21 -0.17 8.19
C MET A 65 -9.01 0.07 7.28
N VAL A 66 -9.29 0.44 6.03
CA VAL A 66 -8.25 0.71 5.05
C VAL A 66 -8.68 1.79 4.07
N ILE A 67 -7.78 2.12 3.14
CA ILE A 67 -8.06 3.14 2.14
C ILE A 67 -8.29 2.51 0.77
N LYS A 68 -8.85 3.30 -0.14
CA LYS A 68 -9.12 2.83 -1.49
C LYS A 68 -7.91 2.12 -2.08
N GLY A 69 -6.77 2.82 -2.10
CA GLY A 69 -5.55 2.25 -2.63
C GLY A 69 -5.20 0.92 -1.97
N TRP A 70 -5.59 0.77 -0.71
CA TRP A 70 -5.31 -0.46 0.04
C TRP A 70 -6.12 -1.62 -0.53
N ASP A 71 -7.43 -1.49 -0.51
CA ASP A 71 -8.32 -2.53 -1.01
C ASP A 71 -7.94 -2.91 -2.44
N GLU A 72 -7.74 -1.91 -3.28
CA GLU A 72 -7.37 -2.15 -4.67
C GLU A 72 -6.05 -2.91 -4.77
N GLY A 73 -5.08 -2.51 -3.94
CA GLY A 73 -3.79 -3.16 -3.95
C GLY A 73 -3.86 -4.62 -3.55
N VAL A 74 -4.28 -4.88 -2.32
CA VAL A 74 -4.41 -6.24 -1.82
C VAL A 74 -5.34 -7.07 -2.69
N GLN A 75 -6.30 -6.39 -3.34
CA GLN A 75 -7.26 -7.06 -4.19
C GLN A 75 -6.55 -7.90 -5.24
N GLY A 76 -5.31 -7.55 -5.54
CA GLY A 76 -4.54 -8.30 -6.53
C GLY A 76 -3.25 -8.85 -5.96
N MET A 77 -2.71 -8.18 -4.95
CA MET A 77 -1.47 -8.61 -4.33
C MET A 77 -1.54 -10.08 -3.92
N LYS A 78 -0.42 -10.78 -4.01
CA LYS A 78 -0.36 -12.20 -3.66
C LYS A 78 0.54 -12.41 -2.44
N VAL A 79 0.33 -13.53 -1.76
CA VAL A 79 1.13 -13.86 -0.58
C VAL A 79 2.62 -13.81 -0.89
N GLY A 80 3.34 -13.00 -0.13
CA GLY A 80 4.78 -12.88 -0.33
C GLY A 80 5.12 -11.87 -1.42
N GLY A 81 4.10 -11.26 -2.00
CA GLY A 81 4.32 -10.28 -3.05
C GLY A 81 4.49 -8.88 -2.50
N VAL A 82 5.59 -8.23 -2.88
CA VAL A 82 5.87 -6.88 -2.42
C VAL A 82 5.70 -5.87 -3.56
N ARG A 83 4.93 -4.82 -3.29
CA ARG A 83 4.69 -3.79 -4.29
C ARG A 83 4.54 -2.41 -3.63
N ARG A 84 5.10 -1.40 -4.27
CA ARG A 84 5.04 -0.04 -3.74
C ARG A 84 3.77 0.67 -4.22
N LEU A 85 2.80 0.78 -3.33
CA LEU A 85 1.54 1.43 -3.66
C LEU A 85 1.61 2.93 -3.38
N THR A 86 1.43 3.74 -4.44
CA THR A 86 1.48 5.19 -4.30
C THR A 86 0.07 5.78 -4.28
N ILE A 87 -0.28 6.42 -3.17
CA ILE A 87 -1.59 7.04 -3.02
C ILE A 87 -1.48 8.56 -2.98
N PRO A 88 -2.33 9.24 -3.78
CA PRO A 88 -2.35 10.69 -3.85
C PRO A 88 -2.89 11.33 -2.57
N PRO A 89 -2.78 12.66 -2.48
CA PRO A 89 -3.25 13.42 -1.32
C PRO A 89 -4.77 13.45 -1.22
N GLN A 90 -5.43 12.90 -2.24
CA GLN A 90 -6.89 12.86 -2.27
C GLN A 90 -7.40 11.51 -1.80
N LEU A 91 -6.76 10.45 -2.25
CA LEU A 91 -7.16 9.09 -1.87
C LEU A 91 -6.38 8.61 -0.65
N GLY A 92 -5.78 9.56 0.07
CA GLY A 92 -5.00 9.21 1.25
C GLY A 92 -5.61 9.77 2.52
N TYR A 93 -4.86 10.61 3.21
CA TYR A 93 -5.33 11.20 4.46
C TYR A 93 -6.67 11.88 4.26
N GLY A 94 -6.84 12.52 3.12
CA GLY A 94 -8.10 13.21 2.83
C GLY A 94 -7.89 14.65 2.41
N ALA A 95 -8.99 15.34 2.11
CA ALA A 95 -8.92 16.73 1.68
C ALA A 95 -8.25 17.59 2.75
N ARG A 96 -8.40 17.19 4.01
CA ARG A 96 -7.81 17.93 5.13
C ARG A 96 -6.31 17.65 5.22
N GLY A 97 -5.97 16.40 5.53
CA GLY A 97 -4.57 16.03 5.65
C GLY A 97 -3.88 16.72 6.82
N ALA A 98 -2.90 16.06 7.41
CA ALA A 98 -2.15 16.61 8.53
C ALA A 98 -1.35 17.83 8.11
N GLY A 99 -1.51 18.93 8.85
CA GLY A 99 -0.79 20.15 8.53
C GLY A 99 0.69 20.03 8.80
N GLY A 100 1.47 19.77 7.75
CA GLY A 100 2.91 19.64 7.90
C GLY A 100 3.44 18.39 7.24
N VAL A 101 3.27 17.25 7.90
CA VAL A 101 3.75 15.98 7.37
C VAL A 101 2.98 15.58 6.13
N ILE A 102 1.68 15.88 6.11
CA ILE A 102 0.83 15.56 4.97
C ILE A 102 0.33 16.82 4.29
N PRO A 103 1.22 17.49 3.55
CA PRO A 103 0.89 18.72 2.83
C PRO A 103 -0.05 18.47 1.65
N PRO A 104 -0.60 19.56 1.09
CA PRO A 104 -1.52 19.48 -0.05
C PRO A 104 -0.82 19.06 -1.33
N ASN A 105 -1.59 18.58 -2.30
CA ASN A 105 -1.03 18.14 -3.57
C ASN A 105 0.27 17.38 -3.37
N ALA A 106 0.31 16.54 -2.34
CA ALA A 106 1.49 15.75 -2.05
C ALA A 106 1.22 14.26 -2.21
N THR A 107 2.09 13.58 -2.96
CA THR A 107 1.95 12.15 -3.21
C THR A 107 2.57 11.34 -2.09
N LEU A 108 1.78 10.44 -1.50
CA LEU A 108 2.27 9.59 -0.42
C LEU A 108 2.71 8.23 -0.95
N VAL A 109 3.94 7.84 -0.63
CA VAL A 109 4.48 6.56 -1.06
C VAL A 109 4.36 5.51 0.03
N PHE A 110 3.51 4.51 -0.20
CA PHE A 110 3.30 3.44 0.76
C PHE A 110 3.72 2.10 0.19
N GLU A 111 4.49 1.34 0.97
CA GLU A 111 4.96 0.03 0.54
C GLU A 111 4.17 -1.08 1.22
N VAL A 112 3.55 -1.93 0.41
CA VAL A 112 2.77 -3.05 0.93
C VAL A 112 3.37 -4.39 0.51
N GLU A 113 3.73 -5.20 1.49
CA GLU A 113 4.31 -6.51 1.23
C GLU A 113 3.51 -7.61 1.90
N LEU A 114 2.86 -8.43 1.08
CA LEU A 114 2.05 -9.54 1.58
C LEU A 114 2.91 -10.55 2.33
N LEU A 115 2.56 -10.81 3.58
CA LEU A 115 3.29 -11.76 4.40
C LEU A 115 2.56 -13.10 4.48
N ASP A 116 1.23 -13.04 4.52
CA ASP A 116 0.41 -14.24 4.59
C ASP A 116 -1.07 -13.89 4.52
N VAL A 117 -1.91 -14.92 4.36
CA VAL A 117 -3.35 -14.72 4.28
C VAL A 117 -4.01 -14.87 5.64
N GLY A 1 13.76 -12.32 -20.89
CA GLY A 1 12.81 -13.09 -20.14
C GLY A 1 12.52 -12.48 -18.78
N PRO A 2 13.49 -12.61 -17.85
CA PRO A 2 13.36 -12.07 -16.49
C PRO A 2 13.39 -10.55 -16.47
N GLY A 3 12.21 -9.94 -16.43
CA GLY A 3 12.12 -8.49 -16.39
C GLY A 3 10.70 -8.00 -16.19
N SER A 4 10.08 -7.52 -17.25
CA SER A 4 8.71 -7.01 -17.18
C SER A 4 8.58 -5.96 -16.07
N MET A 5 9.62 -5.16 -15.91
CA MET A 5 9.62 -4.11 -14.89
C MET A 5 9.05 -2.81 -15.44
N THR A 6 7.76 -2.58 -15.22
CA THR A 6 7.10 -1.38 -15.70
C THR A 6 6.09 -0.87 -14.69
N VAL A 7 5.82 0.42 -14.72
CA VAL A 7 4.86 1.04 -13.81
C VAL A 7 3.60 1.46 -14.55
N VAL A 8 2.44 1.13 -13.97
CA VAL A 8 1.16 1.48 -14.57
C VAL A 8 0.26 2.19 -13.57
N THR A 9 -0.56 3.12 -14.07
CA THR A 9 -1.47 3.87 -13.21
C THR A 9 -2.92 3.48 -13.49
N THR A 10 -3.76 3.59 -12.46
CA THR A 10 -5.17 3.25 -12.59
C THR A 10 -5.95 4.39 -13.23
N GLU A 11 -7.27 4.23 -13.31
CA GLU A 11 -8.13 5.25 -13.90
C GLU A 11 -8.42 6.37 -12.90
N SER A 12 -8.38 6.03 -11.62
CA SER A 12 -8.64 7.00 -10.56
C SER A 12 -7.37 7.78 -10.21
N GLY A 13 -6.22 7.14 -10.39
CA GLY A 13 -4.96 7.77 -10.09
C GLY A 13 -4.02 6.88 -9.31
N LEU A 14 -4.60 5.91 -8.60
CA LEU A 14 -3.80 4.97 -7.80
C LEU A 14 -2.70 4.34 -8.65
N LYS A 15 -1.53 4.15 -8.03
CA LYS A 15 -0.40 3.54 -8.72
C LYS A 15 0.27 2.49 -7.85
N TYR A 16 1.07 1.63 -8.48
CA TYR A 16 1.76 0.58 -7.76
C TYR A 16 3.03 0.16 -8.50
N GLU A 17 4.04 -0.28 -7.74
CA GLU A 17 5.30 -0.70 -8.33
C GLU A 17 5.67 -2.11 -7.86
N ASP A 18 5.79 -3.03 -8.80
CA ASP A 18 6.14 -4.41 -8.48
C ASP A 18 7.60 -4.52 -8.04
N LEU A 19 7.80 -4.91 -6.79
CA LEU A 19 9.15 -5.05 -6.25
C LEU A 19 9.52 -6.53 -6.08
N THR A 20 8.51 -7.36 -5.87
CA THR A 20 8.72 -8.79 -5.68
C THR A 20 7.45 -9.58 -5.95
N GLU A 21 7.47 -10.40 -7.00
CA GLU A 21 6.31 -11.22 -7.35
C GLU A 21 6.06 -12.30 -6.31
N GLY A 22 4.83 -12.36 -5.82
CA GLY A 22 4.48 -13.36 -4.82
C GLY A 22 3.76 -14.55 -5.42
N SER A 23 4.46 -15.67 -5.53
CA SER A 23 3.87 -16.89 -6.10
C SER A 23 2.69 -17.36 -5.26
N GLY A 24 2.65 -16.91 -4.01
CA GLY A 24 1.56 -17.31 -3.11
C GLY A 24 0.20 -16.97 -3.69
N ALA A 25 -0.85 -17.28 -2.93
CA ALA A 25 -2.21 -17.02 -3.36
C ALA A 25 -2.55 -15.53 -3.23
N GLU A 26 -3.43 -15.04 -4.10
CA GLU A 26 -3.84 -13.65 -4.08
C GLU A 26 -4.70 -13.35 -2.86
N ALA A 27 -4.64 -12.11 -2.38
CA ALA A 27 -5.42 -11.70 -1.22
C ALA A 27 -6.90 -11.87 -1.47
N ARG A 28 -7.57 -12.66 -0.62
CA ARG A 28 -8.99 -12.90 -0.76
C ARG A 28 -9.80 -11.83 -0.03
N ALA A 29 -11.04 -11.65 -0.45
CA ALA A 29 -11.92 -10.67 0.17
C ALA A 29 -12.75 -11.29 1.29
N GLY A 30 -13.07 -10.49 2.30
CA GLY A 30 -13.86 -10.98 3.42
C GLY A 30 -13.02 -11.75 4.43
N GLN A 31 -11.74 -11.89 4.13
CA GLN A 31 -10.83 -12.61 5.02
C GLN A 31 -9.73 -11.68 5.54
N THR A 32 -9.19 -12.01 6.70
CA THR A 32 -8.13 -11.21 7.31
C THR A 32 -6.78 -11.52 6.68
N VAL A 33 -6.12 -10.50 6.14
CA VAL A 33 -4.82 -10.68 5.51
C VAL A 33 -3.74 -9.91 6.26
N SER A 34 -2.61 -10.57 6.48
CA SER A 34 -1.50 -9.96 7.19
C SER A 34 -0.44 -9.44 6.23
N VAL A 35 -0.20 -8.14 6.27
CA VAL A 35 0.79 -7.52 5.39
C VAL A 35 1.52 -6.39 6.10
N HIS A 36 2.64 -5.96 5.53
CA HIS A 36 3.43 -4.88 6.10
C HIS A 36 3.24 -3.58 5.33
N TYR A 37 2.98 -2.49 6.05
CA TYR A 37 2.77 -1.19 5.43
C TYR A 37 3.83 -0.19 5.89
N THR A 38 4.34 0.59 4.94
CA THR A 38 5.35 1.58 5.25
C THR A 38 5.03 2.92 4.59
N GLY A 39 4.73 3.92 5.40
CA GLY A 39 4.40 5.23 4.88
C GLY A 39 5.64 6.07 4.60
N TRP A 40 5.71 6.66 3.40
CA TRP A 40 6.84 7.48 3.02
C TRP A 40 6.38 8.79 2.38
N LEU A 41 6.99 9.90 2.80
CA LEU A 41 6.63 11.20 2.27
C LEU A 41 7.20 11.39 0.87
N THR A 42 6.81 12.49 0.22
CA THR A 42 7.28 12.79 -1.12
C THR A 42 8.80 12.92 -1.17
N ASP A 43 9.37 13.46 -0.10
CA ASP A 43 10.82 13.64 -0.01
C ASP A 43 11.49 12.35 0.49
N GLY A 44 10.71 11.48 1.11
CA GLY A 44 11.24 10.24 1.62
C GLY A 44 11.11 10.13 3.13
N GLN A 45 10.45 11.11 3.74
CA GLN A 45 10.25 11.11 5.18
C GLN A 45 9.25 10.05 5.60
N LYS A 46 9.73 9.02 6.28
CA LYS A 46 8.87 7.94 6.74
C LYS A 46 7.95 8.41 7.87
N PHE A 47 6.69 8.01 7.83
CA PHE A 47 5.72 8.39 8.84
C PHE A 47 4.84 7.21 9.23
N ASP A 48 5.34 6.00 8.99
CA ASP A 48 4.59 4.78 9.30
C ASP A 48 5.41 3.55 8.97
N SER A 49 5.60 2.68 9.96
CA SER A 49 6.36 1.45 9.78
C SER A 49 5.92 0.37 10.77
N SER A 50 5.03 -0.51 10.29
CA SER A 50 4.52 -1.58 11.13
C SER A 50 5.66 -2.44 11.69
N LYS A 51 6.78 -2.43 10.98
CA LYS A 51 7.95 -3.20 11.39
C LYS A 51 8.41 -2.79 12.78
N ASP A 52 8.03 -1.59 13.19
CA ASP A 52 8.40 -1.08 14.51
C ASP A 52 8.00 -2.07 15.61
N ARG A 53 6.76 -2.55 15.54
CA ARG A 53 6.26 -3.49 16.53
C ARG A 53 6.76 -4.90 16.24
N ASN A 54 7.52 -5.05 15.17
CA ASN A 54 8.05 -6.35 14.78
C ASN A 54 6.94 -7.35 14.55
N ASP A 55 5.80 -6.86 14.09
CA ASP A 55 4.65 -7.72 13.82
C ASP A 55 3.88 -7.23 12.60
N PRO A 56 3.33 -8.19 11.82
CA PRO A 56 2.56 -7.89 10.61
C PRO A 56 1.21 -7.23 10.93
N PHE A 57 0.64 -6.57 9.94
CA PHE A 57 -0.64 -5.90 10.11
C PHE A 57 -1.78 -6.73 9.49
N ALA A 58 -2.55 -7.39 10.35
CA ALA A 58 -3.66 -8.21 9.89
C ALA A 58 -4.95 -7.40 9.84
N PHE A 59 -5.58 -7.38 8.66
CA PHE A 59 -6.82 -6.64 8.47
C PHE A 59 -7.72 -7.34 7.46
N VAL A 60 -9.03 -7.17 7.63
CA VAL A 60 -10.00 -7.78 6.73
C VAL A 60 -10.04 -7.05 5.38
N LEU A 61 -9.74 -7.77 4.31
CA LEU A 61 -9.74 -7.20 2.97
C LEU A 61 -11.17 -7.02 2.46
N GLY A 62 -11.51 -5.80 2.04
CA GLY A 62 -12.84 -5.53 1.54
C GLY A 62 -13.18 -4.06 1.55
N GLY A 63 -12.73 -3.36 2.59
CA GLY A 63 -12.99 -1.94 2.71
C GLY A 63 -13.38 -1.53 4.12
N GLY A 64 -13.09 -0.29 4.47
CA GLY A 64 -13.40 0.20 5.80
C GLY A 64 -12.23 0.91 6.45
N MET A 65 -11.58 0.24 7.40
CA MET A 65 -10.45 0.81 8.10
C MET A 65 -9.33 1.17 7.12
N VAL A 66 -9.36 0.55 5.95
CA VAL A 66 -8.35 0.81 4.92
C VAL A 66 -8.84 1.84 3.92
N ILE A 67 -8.00 2.16 2.95
CA ILE A 67 -8.35 3.14 1.92
C ILE A 67 -8.57 2.45 0.57
N LYS A 68 -9.19 3.18 -0.35
CA LYS A 68 -9.46 2.64 -1.68
C LYS A 68 -8.22 2.00 -2.27
N GLY A 69 -7.11 2.74 -2.27
CA GLY A 69 -5.87 2.23 -2.81
C GLY A 69 -5.44 0.94 -2.13
N TRP A 70 -5.80 0.79 -0.87
CA TRP A 70 -5.44 -0.40 -0.11
C TRP A 70 -6.20 -1.62 -0.61
N ASP A 71 -7.52 -1.55 -0.56
CA ASP A 71 -8.36 -2.65 -1.02
C ASP A 71 -8.00 -3.06 -2.44
N GLU A 72 -7.87 -2.08 -3.32
CA GLU A 72 -7.53 -2.34 -4.71
C GLU A 72 -6.14 -2.95 -4.82
N GLY A 73 -5.21 -2.46 -4.02
CA GLY A 73 -3.86 -2.98 -4.05
C GLY A 73 -3.79 -4.44 -3.63
N VAL A 74 -4.17 -4.72 -2.38
CA VAL A 74 -4.15 -6.08 -1.86
C VAL A 74 -5.02 -7.00 -2.71
N GLN A 75 -6.08 -6.44 -3.28
CA GLN A 75 -7.00 -7.22 -4.11
C GLN A 75 -6.23 -7.99 -5.18
N GLY A 76 -5.08 -7.46 -5.58
CA GLY A 76 -4.28 -8.12 -6.59
C GLY A 76 -3.01 -8.74 -6.02
N MET A 77 -2.41 -8.06 -5.04
CA MET A 77 -1.19 -8.56 -4.42
C MET A 77 -1.37 -10.00 -3.94
N LYS A 78 -0.26 -10.73 -3.88
CA LYS A 78 -0.29 -12.12 -3.45
C LYS A 78 0.64 -12.34 -2.26
N VAL A 79 0.42 -13.42 -1.52
CA VAL A 79 1.24 -13.75 -0.36
C VAL A 79 2.72 -13.75 -0.72
N GLY A 80 3.50 -12.97 0.03
CA GLY A 80 4.93 -12.90 -0.22
C GLY A 80 5.28 -11.90 -1.30
N GLY A 81 4.25 -11.22 -1.83
CA GLY A 81 4.48 -10.24 -2.87
C GLY A 81 4.69 -8.84 -2.31
N VAL A 82 5.75 -8.18 -2.74
CA VAL A 82 6.06 -6.83 -2.27
C VAL A 82 5.95 -5.83 -3.41
N ARG A 83 5.15 -4.79 -3.21
CA ARG A 83 4.96 -3.76 -4.21
C ARG A 83 4.73 -2.40 -3.56
N ARG A 84 5.29 -1.34 -4.15
CA ARG A 84 5.15 0.01 -3.63
C ARG A 84 3.87 0.66 -4.15
N LEU A 85 2.87 0.76 -3.28
CA LEU A 85 1.60 1.37 -3.66
C LEU A 85 1.63 2.88 -3.46
N THR A 86 1.44 3.62 -4.56
CA THR A 86 1.45 5.06 -4.51
C THR A 86 0.04 5.63 -4.54
N ILE A 87 -0.33 6.38 -3.51
CA ILE A 87 -1.65 6.98 -3.43
C ILE A 87 -1.56 8.49 -3.37
N PRO A 88 -2.38 9.17 -4.21
CA PRO A 88 -2.42 10.63 -4.27
C PRO A 88 -3.03 11.25 -3.03
N PRO A 89 -2.93 12.58 -2.91
CA PRO A 89 -3.48 13.33 -1.77
C PRO A 89 -5.01 13.34 -1.76
N GLN A 90 -5.60 12.79 -2.82
CA GLN A 90 -7.06 12.75 -2.93
C GLN A 90 -7.59 11.43 -2.41
N LEU A 91 -6.95 10.33 -2.79
CA LEU A 91 -7.37 9.00 -2.36
C LEU A 91 -6.60 8.56 -1.13
N GLY A 92 -6.06 9.53 -0.39
CA GLY A 92 -5.31 9.23 0.81
C GLY A 92 -5.85 9.95 2.03
N TYR A 93 -4.96 10.61 2.76
CA TYR A 93 -5.36 11.33 3.97
C TYR A 93 -6.51 12.30 3.67
N GLY A 94 -6.56 12.77 2.44
CA GLY A 94 -7.62 13.69 2.05
C GLY A 94 -7.23 15.14 2.23
N ALA A 95 -8.18 16.04 2.03
CA ALA A 95 -7.92 17.46 2.18
C ALA A 95 -7.42 17.80 3.58
N ARG A 96 -7.82 16.98 4.55
CA ARG A 96 -7.41 17.19 5.93
C ARG A 96 -5.90 17.06 6.07
N GLY A 97 -5.34 15.97 5.56
CA GLY A 97 -3.91 15.75 5.65
C GLY A 97 -3.44 15.51 7.07
N ALA A 98 -2.40 14.70 7.21
CA ALA A 98 -1.85 14.39 8.54
C ALA A 98 -1.30 15.64 9.20
N GLY A 99 -1.46 15.72 10.52
CA GLY A 99 -0.97 16.87 11.26
C GLY A 99 0.50 17.16 10.98
N GLY A 100 0.76 18.24 10.25
CA GLY A 100 2.13 18.61 9.92
C GLY A 100 2.60 17.97 8.64
N VAL A 101 3.13 16.75 8.74
CA VAL A 101 3.63 16.03 7.58
C VAL A 101 2.55 15.90 6.51
N ILE A 102 2.92 15.34 5.37
CA ILE A 102 1.99 15.16 4.26
C ILE A 102 1.28 16.47 3.93
N PRO A 103 1.94 17.31 3.10
CA PRO A 103 1.39 18.60 2.69
C PRO A 103 0.21 18.44 1.74
N PRO A 104 -0.49 19.56 1.47
CA PRO A 104 -1.65 19.57 0.58
C PRO A 104 -1.26 19.35 -0.88
N ASN A 105 -2.02 18.48 -1.56
CA ASN A 105 -1.75 18.17 -2.96
C ASN A 105 -0.40 17.49 -3.12
N ALA A 106 -0.09 16.57 -2.20
CA ALA A 106 1.17 15.84 -2.24
C ALA A 106 0.93 14.34 -2.43
N THR A 107 1.83 13.68 -3.14
CA THR A 107 1.72 12.25 -3.40
C THR A 107 2.32 11.44 -2.26
N LEU A 108 1.54 10.54 -1.70
CA LEU A 108 2.01 9.69 -0.60
C LEU A 108 2.48 8.34 -1.11
N VAL A 109 3.69 7.95 -0.72
CA VAL A 109 4.25 6.68 -1.14
C VAL A 109 4.16 5.64 -0.02
N PHE A 110 3.36 4.61 -0.24
CA PHE A 110 3.18 3.54 0.75
C PHE A 110 3.67 2.21 0.20
N GLU A 111 4.45 1.49 1.01
CA GLU A 111 4.97 0.19 0.60
C GLU A 111 4.18 -0.94 1.25
N VAL A 112 3.68 -1.85 0.43
CA VAL A 112 2.91 -2.98 0.92
C VAL A 112 3.66 -4.30 0.69
N GLU A 113 3.72 -5.12 1.73
CA GLU A 113 4.41 -6.40 1.65
C GLU A 113 3.53 -7.53 2.19
N LEU A 114 2.93 -8.29 1.27
CA LEU A 114 2.06 -9.40 1.65
C LEU A 114 2.84 -10.47 2.40
N LEU A 115 2.36 -10.81 3.59
CA LEU A 115 3.01 -11.83 4.41
C LEU A 115 2.20 -13.13 4.44
N ASP A 116 0.92 -13.00 4.80
CA ASP A 116 0.04 -14.16 4.85
C ASP A 116 -1.42 -13.74 4.68
N VAL A 117 -2.29 -14.70 4.41
CA VAL A 117 -3.70 -14.43 4.21
C VAL A 117 -4.48 -14.65 5.51
N GLY A 1 18.28 -10.07 -10.94
CA GLY A 1 17.66 -10.09 -12.26
C GLY A 1 17.95 -8.83 -13.05
N PRO A 2 17.29 -8.69 -14.21
CA PRO A 2 17.48 -7.53 -15.08
C PRO A 2 16.89 -6.26 -14.49
N GLY A 3 17.19 -5.12 -15.12
CA GLY A 3 16.68 -3.85 -14.63
C GLY A 3 15.64 -3.25 -15.55
N SER A 4 14.41 -3.73 -15.45
CA SER A 4 13.32 -3.24 -16.28
C SER A 4 11.99 -3.82 -15.84
N MET A 5 11.06 -2.95 -15.48
CA MET A 5 9.73 -3.38 -15.03
C MET A 5 8.64 -2.56 -15.72
N THR A 6 7.38 -2.88 -15.41
CA THR A 6 6.25 -2.19 -15.99
C THR A 6 5.46 -1.43 -14.94
N VAL A 7 5.18 -0.16 -15.21
CA VAL A 7 4.44 0.69 -14.28
C VAL A 7 3.15 1.19 -14.91
N VAL A 8 2.02 0.79 -14.34
CA VAL A 8 0.71 1.20 -14.84
C VAL A 8 -0.03 2.05 -13.80
N THR A 9 -0.77 3.04 -14.28
CA THR A 9 -1.54 3.92 -13.41
C THR A 9 -3.02 3.89 -13.75
N THR A 10 -3.85 3.98 -12.72
CA THR A 10 -5.31 3.95 -12.91
C THR A 10 -5.82 5.32 -13.33
N GLU A 11 -7.13 5.41 -13.56
CA GLU A 11 -7.75 6.67 -13.97
C GLU A 11 -8.00 7.57 -12.77
N SER A 12 -8.18 6.95 -11.60
CA SER A 12 -8.43 7.69 -10.37
C SER A 12 -7.16 8.34 -9.85
N GLY A 13 -6.02 7.72 -10.16
CA GLY A 13 -4.75 8.26 -9.72
C GLY A 13 -3.90 7.23 -9.01
N LEU A 14 -4.55 6.26 -8.37
CA LEU A 14 -3.84 5.20 -7.65
C LEU A 14 -2.79 4.55 -8.54
N LYS A 15 -1.62 4.32 -7.98
CA LYS A 15 -0.52 3.68 -8.72
C LYS A 15 0.14 2.59 -7.88
N TYR A 16 0.91 1.73 -8.54
CA TYR A 16 1.60 0.65 -7.86
C TYR A 16 2.83 0.20 -8.64
N GLU A 17 3.87 -0.19 -7.92
CA GLU A 17 5.12 -0.63 -8.55
C GLU A 17 5.52 -2.01 -8.04
N ASP A 18 5.59 -2.98 -8.94
CA ASP A 18 5.98 -4.34 -8.58
C ASP A 18 7.42 -4.39 -8.10
N LEU A 19 7.60 -4.76 -6.84
CA LEU A 19 8.94 -4.85 -6.25
C LEU A 19 9.42 -6.30 -6.20
N THR A 20 8.50 -7.22 -5.93
CA THR A 20 8.83 -8.63 -5.87
C THR A 20 7.58 -9.49 -6.01
N GLU A 21 7.52 -10.26 -7.09
CA GLU A 21 6.37 -11.14 -7.35
C GLU A 21 6.14 -12.08 -6.17
N GLY A 22 4.90 -12.55 -6.04
CA GLY A 22 4.57 -13.45 -4.95
C GLY A 22 3.89 -14.72 -5.44
N SER A 23 4.62 -15.83 -5.37
CA SER A 23 4.08 -17.11 -5.82
C SER A 23 3.36 -17.83 -4.68
N GLY A 24 2.31 -17.20 -4.17
CA GLY A 24 1.56 -17.79 -3.07
C GLY A 24 0.07 -17.86 -3.37
N ALA A 25 -0.61 -16.72 -3.20
CA ALA A 25 -2.04 -16.65 -3.45
C ALA A 25 -2.55 -15.21 -3.33
N GLU A 26 -3.30 -14.77 -4.32
CA GLU A 26 -3.84 -13.42 -4.33
C GLU A 26 -4.70 -13.17 -3.08
N ALA A 27 -4.54 -12.00 -2.49
CA ALA A 27 -5.30 -11.64 -1.29
C ALA A 27 -6.79 -11.84 -1.51
N ARG A 28 -7.42 -12.59 -0.60
CA ARG A 28 -8.85 -12.87 -0.70
C ARG A 28 -9.65 -11.79 0.01
N ALA A 29 -10.92 -11.65 -0.37
CA ALA A 29 -11.80 -10.66 0.22
C ALA A 29 -12.64 -11.27 1.34
N GLY A 30 -12.98 -10.45 2.33
CA GLY A 30 -13.78 -10.93 3.44
C GLY A 30 -12.97 -11.73 4.44
N GLN A 31 -11.67 -11.86 4.18
CA GLN A 31 -10.79 -12.61 5.07
C GLN A 31 -9.70 -11.70 5.63
N THR A 32 -9.19 -12.05 6.81
CA THR A 32 -8.15 -11.28 7.47
C THR A 32 -6.76 -11.73 7.03
N VAL A 33 -6.08 -10.88 6.28
CA VAL A 33 -4.73 -11.20 5.80
C VAL A 33 -3.68 -10.36 6.51
N SER A 34 -2.50 -10.95 6.73
CA SER A 34 -1.42 -10.26 7.40
C SER A 34 -0.41 -9.72 6.39
N VAL A 35 -0.19 -8.40 6.44
CA VAL A 35 0.76 -7.77 5.53
C VAL A 35 1.49 -6.63 6.22
N HIS A 36 2.58 -6.17 5.61
CA HIS A 36 3.39 -5.08 6.17
C HIS A 36 3.20 -3.80 5.36
N TYR A 37 2.95 -2.69 6.04
CA TYR A 37 2.75 -1.41 5.39
C TYR A 37 3.84 -0.42 5.80
N THR A 38 4.25 0.42 4.86
CA THR A 38 5.29 1.41 5.11
C THR A 38 4.94 2.75 4.48
N GLY A 39 4.68 3.75 5.32
CA GLY A 39 4.33 5.06 4.83
C GLY A 39 5.55 5.95 4.62
N TRP A 40 5.77 6.34 3.36
CA TRP A 40 6.90 7.18 3.02
C TRP A 40 6.44 8.50 2.42
N LEU A 41 7.04 9.60 2.86
CA LEU A 41 6.68 10.92 2.35
C LEU A 41 7.22 11.12 0.93
N THR A 42 6.81 12.23 0.31
CA THR A 42 7.25 12.53 -1.05
C THR A 42 8.78 12.53 -1.15
N ASP A 43 9.43 12.97 -0.08
CA ASP A 43 10.89 13.03 -0.05
C ASP A 43 11.47 11.68 0.36
N GLY A 44 10.63 10.85 0.98
CA GLY A 44 11.08 9.55 1.43
C GLY A 44 10.98 9.38 2.93
N GLN A 45 10.86 10.50 3.64
CA GLN A 45 10.76 10.47 5.10
C GLN A 45 9.59 9.61 5.54
N LYS A 46 9.89 8.50 6.20
CA LYS A 46 8.87 7.59 6.69
C LYS A 46 8.18 8.17 7.93
N PHE A 47 6.86 7.96 8.01
CA PHE A 47 6.08 8.46 9.13
C PHE A 47 5.43 7.31 9.90
N ASP A 48 5.19 6.21 9.20
CA ASP A 48 4.58 5.04 9.81
C ASP A 48 5.21 3.76 9.28
N SER A 49 5.41 2.79 10.18
CA SER A 49 6.01 1.51 9.80
C SER A 49 5.56 0.40 10.74
N SER A 50 4.96 -0.64 10.17
CA SER A 50 4.48 -1.77 10.96
C SER A 50 5.65 -2.57 11.53
N LYS A 51 6.78 -2.51 10.85
CA LYS A 51 7.98 -3.22 11.28
C LYS A 51 8.46 -2.71 12.63
N ASP A 52 8.18 -1.44 12.91
CA ASP A 52 8.59 -0.83 14.16
C ASP A 52 8.10 -1.65 15.36
N ARG A 53 6.83 -2.02 15.32
CA ARG A 53 6.24 -2.82 16.40
C ARG A 53 6.69 -4.27 16.32
N ASN A 54 7.34 -4.62 15.22
CA ASN A 54 7.82 -5.98 15.02
C ASN A 54 6.65 -6.97 14.95
N ASP A 55 5.65 -6.63 14.14
CA ASP A 55 4.48 -7.49 13.98
C ASP A 55 3.73 -7.13 12.71
N PRO A 56 3.24 -8.17 12.01
CA PRO A 56 2.49 -8.01 10.76
C PRO A 56 1.11 -7.39 10.99
N PHE A 57 0.70 -6.52 10.07
CA PHE A 57 -0.60 -5.85 10.16
C PHE A 57 -1.69 -6.73 9.56
N ALA A 58 -2.48 -7.37 10.42
CA ALA A 58 -3.56 -8.22 9.97
C ALA A 58 -4.88 -7.44 9.89
N PHE A 59 -5.48 -7.45 8.70
CA PHE A 59 -6.74 -6.74 8.49
C PHE A 59 -7.60 -7.46 7.46
N VAL A 60 -8.91 -7.24 7.53
CA VAL A 60 -9.85 -7.87 6.60
C VAL A 60 -9.89 -7.11 5.27
N LEU A 61 -9.60 -7.83 4.19
CA LEU A 61 -9.61 -7.23 2.86
C LEU A 61 -11.05 -7.02 2.36
N GLY A 62 -11.37 -5.78 2.00
CA GLY A 62 -12.69 -5.46 1.53
C GLY A 62 -12.99 -3.98 1.55
N GLY A 63 -12.79 -3.37 2.72
CA GLY A 63 -13.04 -1.94 2.87
C GLY A 63 -13.64 -1.60 4.21
N GLY A 64 -13.48 -0.35 4.62
CA GLY A 64 -14.02 0.09 5.91
C GLY A 64 -12.98 0.78 6.76
N MET A 65 -11.87 0.10 7.01
CA MET A 65 -10.79 0.65 7.82
C MET A 65 -9.60 1.04 6.95
N VAL A 66 -9.50 0.43 5.78
CA VAL A 66 -8.40 0.71 4.86
C VAL A 66 -8.83 1.74 3.81
N ILE A 67 -7.90 2.08 2.92
CA ILE A 67 -8.17 3.05 1.86
C ILE A 67 -8.35 2.35 0.52
N LYS A 68 -8.89 3.10 -0.45
CA LYS A 68 -9.10 2.56 -1.79
C LYS A 68 -7.85 1.86 -2.30
N GLY A 69 -6.74 2.59 -2.34
CA GLY A 69 -5.49 2.02 -2.81
C GLY A 69 -5.11 0.75 -2.07
N TRP A 70 -5.61 0.61 -0.85
CA TRP A 70 -5.32 -0.56 -0.04
C TRP A 70 -6.08 -1.78 -0.55
N ASP A 71 -7.41 -1.67 -0.57
CA ASP A 71 -8.26 -2.77 -1.04
C ASP A 71 -7.85 -3.21 -2.43
N GLU A 72 -7.65 -2.26 -3.33
CA GLU A 72 -7.26 -2.56 -4.70
C GLU A 72 -5.85 -3.13 -4.75
N GLY A 73 -4.94 -2.53 -3.98
CA GLY A 73 -3.56 -2.99 -3.96
C GLY A 73 -3.46 -4.45 -3.55
N VAL A 74 -3.99 -4.77 -2.38
CA VAL A 74 -3.95 -6.13 -1.87
C VAL A 74 -4.76 -7.08 -2.75
N GLN A 75 -5.86 -6.56 -3.29
CA GLN A 75 -6.72 -7.35 -4.17
C GLN A 75 -5.94 -7.97 -5.31
N GLY A 76 -4.81 -7.35 -5.66
CA GLY A 76 -3.97 -7.85 -6.73
C GLY A 76 -2.73 -8.54 -6.22
N MET A 77 -2.15 -8.01 -5.15
CA MET A 77 -0.95 -8.58 -4.56
C MET A 77 -1.23 -9.97 -3.99
N LYS A 78 -0.22 -10.84 -4.04
CA LYS A 78 -0.35 -12.20 -3.53
C LYS A 78 0.54 -12.42 -2.32
N VAL A 79 0.36 -13.55 -1.65
CA VAL A 79 1.15 -13.88 -0.47
C VAL A 79 2.64 -13.81 -0.78
N GLY A 80 3.36 -13.00 0.00
CA GLY A 80 4.79 -12.86 -0.20
C GLY A 80 5.13 -11.83 -1.27
N GLY A 81 4.09 -11.22 -1.84
CA GLY A 81 4.31 -10.22 -2.87
C GLY A 81 4.52 -8.84 -2.31
N VAL A 82 5.49 -8.11 -2.86
CA VAL A 82 5.80 -6.77 -2.40
C VAL A 82 5.73 -5.76 -3.54
N ARG A 83 4.94 -4.70 -3.34
CA ARG A 83 4.78 -3.67 -4.35
C ARG A 83 4.58 -2.30 -3.72
N ARG A 84 5.17 -1.27 -4.33
CA ARG A 84 5.05 0.08 -3.82
C ARG A 84 3.79 0.76 -4.33
N LEU A 85 2.78 0.85 -3.47
CA LEU A 85 1.51 1.47 -3.83
C LEU A 85 1.55 2.97 -3.59
N THR A 86 1.42 3.74 -4.67
CA THR A 86 1.43 5.19 -4.59
C THR A 86 0.02 5.76 -4.54
N ILE A 87 -0.31 6.39 -3.41
CA ILE A 87 -1.63 6.98 -3.24
C ILE A 87 -1.55 8.50 -3.20
N PRO A 88 -2.43 9.16 -3.97
CA PRO A 88 -2.48 10.62 -4.03
C PRO A 88 -3.00 11.24 -2.75
N PRO A 89 -2.91 12.58 -2.65
CA PRO A 89 -3.38 13.32 -1.47
C PRO A 89 -4.90 13.31 -1.35
N GLN A 90 -5.57 12.74 -2.34
CA GLN A 90 -7.02 12.67 -2.34
C GLN A 90 -7.50 11.31 -1.86
N LEU A 91 -6.87 10.26 -2.37
CA LEU A 91 -7.24 8.89 -1.98
C LEU A 91 -6.40 8.41 -0.80
N GLY A 92 -5.76 9.36 -0.12
CA GLY A 92 -4.94 9.01 1.03
C GLY A 92 -5.43 9.65 2.31
N TYR A 93 -5.30 10.97 2.40
CA TYR A 93 -5.74 11.70 3.58
C TYR A 93 -6.88 12.65 3.25
N GLY A 94 -6.92 13.11 2.01
CA GLY A 94 -7.96 14.01 1.57
C GLY A 94 -7.66 15.46 1.91
N ALA A 95 -8.68 16.31 1.84
CA ALA A 95 -8.51 17.73 2.14
C ALA A 95 -8.01 17.93 3.57
N ARG A 96 -8.37 17.00 4.46
CA ARG A 96 -7.97 17.08 5.85
C ARG A 96 -6.45 17.15 5.97
N GLY A 97 -5.77 16.11 5.50
CA GLY A 97 -4.32 16.07 5.57
C GLY A 97 -3.80 16.01 6.99
N ALA A 98 -2.60 15.50 7.15
CA ALA A 98 -1.99 15.38 8.48
C ALA A 98 -1.58 16.75 9.00
N GLY A 99 -1.42 16.85 10.33
CA GLY A 99 -1.03 18.10 10.94
C GLY A 99 0.22 18.70 10.30
N GLY A 100 1.39 18.28 10.78
CA GLY A 100 2.63 18.78 10.24
C GLY A 100 2.97 18.17 8.90
N VAL A 101 3.63 17.02 8.92
CA VAL A 101 4.02 16.34 7.69
C VAL A 101 2.81 16.09 6.79
N ILE A 102 3.06 15.55 5.61
CA ILE A 102 2.00 15.27 4.65
C ILE A 102 1.31 16.55 4.19
N PRO A 103 2.00 17.30 3.33
CA PRO A 103 1.49 18.57 2.79
C PRO A 103 0.33 18.35 1.82
N PRO A 104 -0.38 19.44 1.49
CA PRO A 104 -1.52 19.39 0.57
C PRO A 104 -1.09 19.12 -0.87
N ASN A 105 -1.97 18.46 -1.63
CA ASN A 105 -1.68 18.14 -3.02
C ASN A 105 -0.33 17.44 -3.15
N ALA A 106 -0.04 16.54 -2.20
CA ALA A 106 1.21 15.80 -2.21
C ALA A 106 0.96 14.30 -2.39
N THR A 107 1.84 13.65 -3.14
CA THR A 107 1.73 12.21 -3.38
C THR A 107 2.37 11.41 -2.27
N LEU A 108 1.60 10.52 -1.66
CA LEU A 108 2.10 9.68 -0.58
C LEU A 108 2.52 8.31 -1.09
N VAL A 109 3.76 7.91 -0.76
CA VAL A 109 4.28 6.63 -1.19
C VAL A 109 4.14 5.58 -0.09
N PHE A 110 3.28 4.60 -0.32
CA PHE A 110 3.06 3.53 0.65
C PHE A 110 3.48 2.18 0.08
N GLU A 111 4.23 1.42 0.88
CA GLU A 111 4.70 0.11 0.45
C GLU A 111 3.87 -1.01 1.10
N VAL A 112 3.37 -1.91 0.27
CA VAL A 112 2.56 -3.03 0.77
C VAL A 112 3.19 -4.37 0.40
N GLU A 113 3.51 -5.16 1.41
CA GLU A 113 4.11 -6.47 1.20
C GLU A 113 3.30 -7.57 1.88
N LEU A 114 2.62 -8.38 1.08
CA LEU A 114 1.80 -9.46 1.62
C LEU A 114 2.66 -10.47 2.37
N LEU A 115 2.27 -10.75 3.62
CA LEU A 115 3.01 -11.70 4.45
C LEU A 115 2.25 -13.01 4.59
N ASP A 116 0.92 -12.91 4.63
CA ASP A 116 0.08 -14.10 4.75
C ASP A 116 -1.39 -13.74 4.57
N VAL A 117 -2.22 -14.76 4.35
CA VAL A 117 -3.65 -14.55 4.16
C VAL A 117 -4.41 -14.74 5.47
N GLY A 1 18.66 -11.57 -12.74
CA GLY A 1 17.31 -11.47 -13.25
C GLY A 1 17.05 -10.12 -13.91
N PRO A 2 15.92 -10.02 -14.62
CA PRO A 2 15.53 -8.78 -15.32
C PRO A 2 15.16 -7.67 -14.36
N GLY A 3 15.79 -6.51 -14.53
CA GLY A 3 15.50 -5.37 -13.67
C GLY A 3 14.38 -4.51 -14.20
N SER A 4 14.13 -4.60 -15.51
CA SER A 4 13.08 -3.82 -16.14
C SER A 4 11.72 -4.11 -15.50
N MET A 5 11.11 -3.08 -14.94
CA MET A 5 9.80 -3.23 -14.30
C MET A 5 8.69 -2.70 -15.20
N THR A 6 7.46 -2.70 -14.69
CA THR A 6 6.32 -2.22 -15.44
C THR A 6 5.42 -1.34 -14.58
N VAL A 7 5.34 -0.06 -14.93
CA VAL A 7 4.53 0.89 -14.19
C VAL A 7 3.21 1.17 -14.92
N VAL A 8 2.12 1.18 -14.17
CA VAL A 8 0.80 1.44 -14.75
C VAL A 8 -0.13 2.10 -13.73
N THR A 9 -0.98 3.00 -14.21
CA THR A 9 -1.91 3.70 -13.34
C THR A 9 -3.35 3.25 -13.60
N THR A 10 -4.07 2.92 -12.54
CA THR A 10 -5.45 2.48 -12.66
C THR A 10 -6.38 3.66 -12.91
N GLU A 11 -7.57 3.36 -13.44
CA GLU A 11 -8.56 4.41 -13.72
C GLU A 11 -8.95 5.15 -12.45
N SER A 12 -8.87 4.46 -11.31
CA SER A 12 -9.21 5.05 -10.03
C SER A 12 -8.27 6.21 -9.70
N GLY A 13 -7.06 6.16 -10.24
CA GLY A 13 -6.08 7.21 -9.99
C GLY A 13 -4.83 6.69 -9.32
N LEU A 14 -5.00 5.86 -8.29
CA LEU A 14 -3.87 5.30 -7.57
C LEU A 14 -2.90 4.60 -8.53
N LYS A 15 -1.73 4.25 -8.02
CA LYS A 15 -0.71 3.58 -8.83
C LYS A 15 0.02 2.51 -8.01
N TYR A 16 0.76 1.66 -8.71
CA TYR A 16 1.50 0.59 -8.05
C TYR A 16 2.71 0.18 -8.88
N GLU A 17 3.79 -0.20 -8.20
CA GLU A 17 5.02 -0.61 -8.87
C GLU A 17 5.56 -1.90 -8.25
N ASP A 18 5.64 -2.95 -9.07
CA ASP A 18 6.15 -4.24 -8.60
C ASP A 18 7.50 -4.07 -7.92
N LEU A 19 7.66 -4.72 -6.76
CA LEU A 19 8.90 -4.63 -6.01
C LEU A 19 9.51 -6.02 -5.81
N THR A 20 8.65 -7.02 -5.68
CA THR A 20 9.10 -8.40 -5.49
C THR A 20 7.99 -9.39 -5.81
N GLU A 21 8.20 -10.19 -6.85
CA GLU A 21 7.21 -11.19 -7.26
C GLU A 21 6.80 -12.06 -6.08
N GLY A 22 5.52 -12.43 -6.05
CA GLY A 22 5.03 -13.27 -4.97
C GLY A 22 4.14 -14.39 -5.47
N SER A 23 4.74 -15.55 -5.74
CA SER A 23 3.99 -16.70 -6.23
C SER A 23 3.36 -17.48 -5.08
N GLY A 24 2.47 -16.81 -4.34
CA GLY A 24 1.81 -17.44 -3.22
C GLY A 24 0.31 -17.59 -3.44
N ALA A 25 -0.41 -16.49 -3.31
CA ALA A 25 -1.86 -16.50 -3.48
C ALA A 25 -2.44 -15.10 -3.33
N GLU A 26 -3.25 -14.69 -4.30
CA GLU A 26 -3.87 -13.37 -4.27
C GLU A 26 -4.73 -13.20 -3.03
N ALA A 27 -4.57 -12.07 -2.34
CA ALA A 27 -5.33 -11.79 -1.13
C ALA A 27 -6.82 -11.94 -1.38
N ARG A 28 -7.48 -12.72 -0.53
CA ARG A 28 -8.92 -12.95 -0.65
C ARG A 28 -9.71 -11.90 0.12
N ALA A 29 -11.00 -11.79 -0.19
CA ALA A 29 -11.86 -10.82 0.49
C ALA A 29 -12.67 -11.49 1.59
N GLY A 30 -13.01 -10.73 2.62
CA GLY A 30 -13.78 -11.26 3.73
C GLY A 30 -12.92 -11.98 4.73
N GLN A 31 -11.63 -12.11 4.43
CA GLN A 31 -10.69 -12.79 5.32
C GLN A 31 -9.61 -11.83 5.80
N THR A 32 -9.05 -12.13 6.98
CA THR A 32 -8.00 -11.29 7.55
C THR A 32 -6.64 -11.67 7.00
N VAL A 33 -5.99 -10.72 6.32
CA VAL A 33 -4.68 -10.95 5.74
C VAL A 33 -3.60 -10.14 6.45
N SER A 34 -2.46 -10.75 6.66
CA SER A 34 -1.35 -10.07 7.34
C SER A 34 -0.33 -9.55 6.34
N VAL A 35 -0.12 -8.24 6.34
CA VAL A 35 0.83 -7.61 5.43
C VAL A 35 1.55 -6.44 6.10
N HIS A 36 2.73 -6.12 5.61
CA HIS A 36 3.52 -5.02 6.16
C HIS A 36 3.36 -3.76 5.32
N TYR A 37 3.10 -2.64 5.99
CA TYR A 37 2.91 -1.37 5.31
C TYR A 37 4.00 -0.36 5.72
N THR A 38 4.44 0.44 4.76
CA THR A 38 5.47 1.44 5.01
C THR A 38 5.12 2.77 4.36
N GLY A 39 4.91 3.79 5.19
CA GLY A 39 4.56 5.10 4.68
C GLY A 39 5.79 5.96 4.43
N TRP A 40 5.92 6.45 3.19
CA TRP A 40 7.07 7.29 2.83
C TRP A 40 6.60 8.55 2.13
N LEU A 41 7.17 9.68 2.52
CA LEU A 41 6.82 10.97 1.92
C LEU A 41 7.40 11.11 0.52
N THR A 42 7.05 12.19 -0.16
CA THR A 42 7.54 12.44 -1.51
C THR A 42 9.06 12.43 -1.55
N ASP A 43 9.68 12.79 -0.43
CA ASP A 43 11.13 12.84 -0.33
C ASP A 43 11.68 11.49 0.13
N GLY A 44 10.82 10.69 0.76
CA GLY A 44 11.24 9.39 1.23
C GLY A 44 11.22 9.30 2.75
N GLN A 45 10.73 10.34 3.39
CA GLN A 45 10.66 10.39 4.86
C GLN A 45 9.63 9.40 5.37
N LYS A 46 10.08 8.49 6.24
CA LYS A 46 9.19 7.48 6.82
C LYS A 46 8.31 8.09 7.90
N PHE A 47 7.00 7.90 7.76
CA PHE A 47 6.05 8.42 8.74
C PHE A 47 5.09 7.33 9.21
N ASP A 48 5.46 6.08 8.95
CA ASP A 48 4.64 4.94 9.35
C ASP A 48 5.30 3.63 8.97
N SER A 49 5.49 2.75 9.95
CA SER A 49 6.11 1.46 9.71
C SER A 49 5.64 0.43 10.73
N SER A 50 4.84 -0.53 10.27
CA SER A 50 4.31 -1.57 11.14
C SER A 50 5.44 -2.40 11.74
N LYS A 51 6.62 -2.32 11.12
CA LYS A 51 7.78 -3.06 11.60
C LYS A 51 8.10 -2.70 13.05
N ASP A 52 7.65 -1.53 13.47
CA ASP A 52 7.90 -1.07 14.83
C ASP A 52 7.42 -2.11 15.86
N ARG A 53 6.21 -2.63 15.64
CA ARG A 53 5.64 -3.63 16.54
C ARG A 53 6.28 -4.99 16.31
N ASN A 54 7.13 -5.08 15.29
CA ASN A 54 7.81 -6.33 14.97
C ASN A 54 6.81 -7.39 14.52
N ASP A 55 5.60 -6.95 14.17
CA ASP A 55 4.55 -7.86 13.73
C ASP A 55 3.80 -7.29 12.53
N PRO A 56 3.29 -8.17 11.67
CA PRO A 56 2.55 -7.78 10.47
C PRO A 56 1.19 -7.18 10.80
N PHE A 57 0.55 -6.57 9.81
CA PHE A 57 -0.76 -5.96 10.00
C PHE A 57 -1.87 -6.86 9.47
N ALA A 58 -2.61 -7.48 10.39
CA ALA A 58 -3.69 -8.38 10.03
C ALA A 58 -5.02 -7.62 9.96
N PHE A 59 -5.58 -7.53 8.76
CA PHE A 59 -6.85 -6.85 8.55
C PHE A 59 -7.72 -7.57 7.53
N VAL A 60 -9.03 -7.43 7.66
CA VAL A 60 -9.96 -8.07 6.74
C VAL A 60 -10.07 -7.30 5.43
N LEU A 61 -9.81 -7.99 4.32
CA LEU A 61 -9.88 -7.38 3.01
C LEU A 61 -11.33 -7.16 2.58
N GLY A 62 -11.66 -5.94 2.21
CA GLY A 62 -13.02 -5.63 1.79
C GLY A 62 -13.27 -4.14 1.71
N GLY A 63 -12.90 -3.42 2.77
CA GLY A 63 -13.12 -1.98 2.80
C GLY A 63 -13.87 -1.54 4.04
N GLY A 64 -13.46 -0.40 4.61
CA GLY A 64 -14.11 0.11 5.79
C GLY A 64 -13.14 0.75 6.76
N MET A 65 -11.96 0.16 6.88
CA MET A 65 -10.93 0.67 7.79
C MET A 65 -9.71 1.13 7.01
N VAL A 66 -9.52 0.57 5.82
CA VAL A 66 -8.38 0.92 4.97
C VAL A 66 -8.79 1.93 3.90
N ILE A 67 -7.83 2.33 3.08
CA ILE A 67 -8.09 3.28 2.01
C ILE A 67 -8.27 2.58 0.67
N LYS A 68 -8.79 3.30 -0.31
CA LYS A 68 -9.01 2.76 -1.65
C LYS A 68 -7.76 2.04 -2.15
N GLY A 69 -6.64 2.75 -2.18
CA GLY A 69 -5.39 2.18 -2.64
C GLY A 69 -5.05 0.89 -1.91
N TRP A 70 -5.52 0.77 -0.68
CA TRP A 70 -5.25 -0.42 0.13
C TRP A 70 -6.05 -1.61 -0.38
N ASP A 71 -7.37 -1.47 -0.41
CA ASP A 71 -8.25 -2.53 -0.87
C ASP A 71 -7.84 -2.99 -2.28
N GLU A 72 -7.47 -2.03 -3.11
CA GLU A 72 -7.06 -2.33 -4.48
C GLU A 72 -5.69 -3.00 -4.51
N GLY A 73 -4.79 -2.54 -3.64
CA GLY A 73 -3.46 -3.10 -3.58
C GLY A 73 -3.45 -4.56 -3.16
N VAL A 74 -4.27 -4.88 -2.16
CA VAL A 74 -4.36 -6.25 -1.66
C VAL A 74 -5.26 -7.10 -2.54
N GLN A 75 -6.22 -6.45 -3.20
CA GLN A 75 -7.15 -7.15 -4.07
C GLN A 75 -6.41 -7.86 -5.21
N GLY A 76 -5.18 -7.44 -5.45
CA GLY A 76 -4.37 -8.04 -6.49
C GLY A 76 -3.09 -8.64 -5.97
N MET A 77 -2.50 -8.00 -4.97
CA MET A 77 -1.25 -8.48 -4.38
C MET A 77 -1.36 -9.94 -3.98
N LYS A 78 -0.25 -10.66 -4.07
CA LYS A 78 -0.22 -12.08 -3.72
C LYS A 78 0.61 -12.31 -2.47
N VAL A 79 0.36 -13.44 -1.80
CA VAL A 79 1.08 -13.77 -0.58
C VAL A 79 2.58 -13.77 -0.81
N GLY A 80 3.29 -12.96 -0.03
CA GLY A 80 4.74 -12.87 -0.17
C GLY A 80 5.16 -11.90 -1.26
N GLY A 81 4.17 -11.28 -1.91
CA GLY A 81 4.47 -10.34 -2.97
C GLY A 81 4.60 -8.91 -2.45
N VAL A 82 5.65 -8.22 -2.88
CA VAL A 82 5.88 -6.85 -2.46
C VAL A 82 5.70 -5.87 -3.62
N ARG A 83 4.94 -4.81 -3.39
CA ARG A 83 4.68 -3.81 -4.42
C ARG A 83 4.52 -2.43 -3.80
N ARG A 84 5.07 -1.42 -4.48
CA ARG A 84 5.00 -0.05 -4.00
C ARG A 84 3.72 0.63 -4.47
N LEU A 85 2.76 0.77 -3.56
CA LEU A 85 1.49 1.40 -3.87
C LEU A 85 1.56 2.91 -3.69
N THR A 86 1.28 3.65 -4.75
CA THR A 86 1.31 5.11 -4.70
C THR A 86 -0.10 5.69 -4.58
N ILE A 87 -0.34 6.40 -3.49
CA ILE A 87 -1.64 7.00 -3.25
C ILE A 87 -1.55 8.53 -3.24
N PRO A 88 -2.47 9.17 -3.98
CA PRO A 88 -2.51 10.63 -4.07
C PRO A 88 -2.95 11.29 -2.77
N PRO A 89 -2.83 12.63 -2.71
CA PRO A 89 -3.21 13.40 -1.52
C PRO A 89 -4.71 13.42 -1.30
N GLN A 90 -5.45 12.84 -2.25
CA GLN A 90 -6.91 12.79 -2.16
C GLN A 90 -7.38 11.43 -1.65
N LEU A 91 -6.77 10.38 -2.17
CA LEU A 91 -7.13 9.02 -1.77
C LEU A 91 -6.28 8.55 -0.59
N GLY A 92 -5.61 9.50 0.06
CA GLY A 92 -4.76 9.17 1.20
C GLY A 92 -5.26 9.80 2.48
N TYR A 93 -5.04 11.11 2.62
CA TYR A 93 -5.46 11.83 3.81
C TYR A 93 -6.47 12.93 3.45
N GLY A 94 -7.16 12.75 2.34
CA GLY A 94 -8.15 13.73 1.91
C GLY A 94 -7.55 15.12 1.76
N ALA A 95 -8.38 16.07 1.37
CA ALA A 95 -7.94 17.44 1.19
C ALA A 95 -7.40 18.03 2.51
N ARG A 96 -7.86 17.47 3.63
CA ARG A 96 -7.42 17.93 4.94
C ARG A 96 -5.95 17.64 5.15
N GLY A 97 -5.54 16.40 4.87
CA GLY A 97 -4.16 16.01 5.05
C GLY A 97 -3.73 15.99 6.50
N ALA A 98 -2.67 15.25 6.80
CA ALA A 98 -2.17 15.16 8.16
C ALA A 98 -1.96 16.54 8.77
N GLY A 99 -1.91 16.60 10.10
CA GLY A 99 -1.72 17.86 10.78
C GLY A 99 -0.52 18.63 10.25
N GLY A 100 0.65 18.34 10.80
CA GLY A 100 1.86 19.04 10.37
C GLY A 100 2.94 18.07 9.91
N VAL A 101 2.53 16.94 9.34
CA VAL A 101 3.47 15.94 8.86
C VAL A 101 3.32 15.72 7.36
N ILE A 102 2.10 15.88 6.86
CA ILE A 102 1.83 15.70 5.44
C ILE A 102 1.23 16.97 4.83
N PRO A 103 1.77 17.37 3.67
CA PRO A 103 1.30 18.57 2.95
C PRO A 103 -0.08 18.39 2.36
N PRO A 104 -0.69 19.49 1.91
CA PRO A 104 -2.02 19.48 1.31
C PRO A 104 -2.05 18.80 -0.06
N ASN A 105 -1.06 19.13 -0.89
CA ASN A 105 -0.96 18.56 -2.22
C ASN A 105 0.39 17.88 -2.42
N ALA A 106 0.37 16.55 -2.48
CA ALA A 106 1.59 15.78 -2.67
C ALA A 106 1.29 14.29 -2.79
N THR A 107 2.15 13.57 -3.51
CA THR A 107 1.97 12.13 -3.70
C THR A 107 2.57 11.35 -2.54
N LEU A 108 1.78 10.46 -1.96
CA LEU A 108 2.23 9.64 -0.84
C LEU A 108 2.70 8.26 -1.33
N VAL A 109 3.92 7.90 -0.98
CA VAL A 109 4.48 6.61 -1.38
C VAL A 109 4.33 5.58 -0.26
N PHE A 110 3.49 4.59 -0.48
CA PHE A 110 3.26 3.53 0.51
C PHE A 110 3.67 2.18 -0.04
N GLU A 111 4.41 1.43 0.76
CA GLU A 111 4.89 0.10 0.36
C GLU A 111 4.07 -0.99 1.03
N VAL A 112 3.50 -1.88 0.22
CA VAL A 112 2.69 -2.97 0.74
C VAL A 112 3.29 -4.33 0.38
N GLU A 113 3.64 -5.11 1.40
CA GLU A 113 4.23 -6.42 1.19
C GLU A 113 3.39 -7.51 1.86
N LEU A 114 2.72 -8.32 1.05
CA LEU A 114 1.89 -9.39 1.55
C LEU A 114 2.72 -10.43 2.31
N LEU A 115 2.32 -10.71 3.54
CA LEU A 115 3.04 -11.68 4.37
C LEU A 115 2.23 -12.96 4.53
N ASP A 116 0.91 -12.80 4.60
CA ASP A 116 0.02 -13.95 4.76
C ASP A 116 -1.44 -13.54 4.55
N VAL A 117 -2.30 -14.52 4.37
CA VAL A 117 -3.72 -14.27 4.17
C VAL A 117 -4.52 -14.48 5.45
N GLY A 1 8.50 -15.68 -16.98
CA GLY A 1 9.21 -14.68 -17.75
C GLY A 1 9.39 -13.38 -16.99
N PRO A 2 10.25 -13.41 -15.96
CA PRO A 2 10.54 -12.24 -15.12
C PRO A 2 11.33 -11.18 -15.87
N GLY A 3 11.67 -10.10 -15.18
CA GLY A 3 12.41 -9.02 -15.79
C GLY A 3 11.55 -7.84 -16.15
N SER A 4 10.37 -8.11 -16.71
CA SER A 4 9.44 -7.06 -17.10
C SER A 4 9.17 -6.11 -15.94
N MET A 5 9.13 -4.81 -16.24
CA MET A 5 8.87 -3.81 -15.23
C MET A 5 8.12 -2.61 -15.82
N THR A 6 6.94 -2.35 -15.28
CA THR A 6 6.12 -1.24 -15.76
C THR A 6 5.22 -0.70 -14.65
N VAL A 7 4.88 0.59 -14.73
CA VAL A 7 4.03 1.21 -13.74
C VAL A 7 2.78 1.80 -14.38
N VAL A 8 1.64 1.12 -14.16
CA VAL A 8 0.38 1.56 -14.72
C VAL A 8 -0.45 2.32 -13.68
N THR A 9 -1.18 3.33 -14.12
CA THR A 9 -2.00 4.13 -13.23
C THR A 9 -3.48 3.79 -13.40
N THR A 10 -4.24 3.92 -12.32
CA THR A 10 -5.67 3.63 -12.34
C THR A 10 -6.46 4.77 -12.96
N GLU A 11 -7.79 4.65 -12.96
CA GLU A 11 -8.65 5.68 -13.52
C GLU A 11 -8.85 6.82 -12.54
N SER A 12 -8.76 6.50 -11.25
CA SER A 12 -8.93 7.50 -10.20
C SER A 12 -7.63 8.25 -9.93
N GLY A 13 -6.51 7.57 -10.16
CA GLY A 13 -5.21 8.18 -9.95
C GLY A 13 -4.25 7.27 -9.21
N LEU A 14 -4.81 6.32 -8.47
CA LEU A 14 -4.00 5.37 -7.71
C LEU A 14 -2.94 4.72 -8.60
N LYS A 15 -1.75 4.51 -8.05
CA LYS A 15 -0.67 3.88 -8.80
C LYS A 15 0.04 2.84 -7.95
N TYR A 16 0.80 1.95 -8.60
CA TYR A 16 1.53 0.91 -7.91
C TYR A 16 2.74 0.46 -8.72
N GLU A 17 3.81 0.08 -8.02
CA GLU A 17 5.02 -0.37 -8.68
C GLU A 17 5.56 -1.65 -8.02
N ASP A 18 5.63 -2.71 -8.80
CA ASP A 18 6.13 -3.99 -8.30
C ASP A 18 7.51 -3.84 -7.66
N LEU A 19 7.71 -4.48 -6.52
CA LEU A 19 8.98 -4.41 -5.80
C LEU A 19 9.56 -5.80 -5.60
N THR A 20 8.69 -6.78 -5.37
CA THR A 20 9.12 -8.16 -5.16
C THR A 20 8.05 -9.14 -5.62
N GLU A 21 8.37 -9.93 -6.64
CA GLU A 21 7.44 -10.91 -7.17
C GLU A 21 7.11 -11.96 -6.11
N GLY A 22 5.82 -12.20 -5.90
CA GLY A 22 5.39 -13.18 -4.92
C GLY A 22 4.66 -14.35 -5.56
N SER A 23 4.96 -15.55 -5.09
CA SER A 23 4.33 -16.76 -5.61
C SER A 23 3.66 -17.55 -4.50
N GLY A 24 2.47 -17.12 -4.10
CA GLY A 24 1.75 -17.81 -3.04
C GLY A 24 0.25 -17.75 -3.24
N ALA A 25 -0.39 -16.78 -2.60
CA ALA A 25 -1.83 -16.62 -2.70
C ALA A 25 -2.23 -15.14 -2.71
N GLU A 26 -3.13 -14.78 -3.62
CA GLU A 26 -3.59 -13.40 -3.73
C GLU A 26 -4.68 -13.11 -2.71
N ALA A 27 -4.54 -12.00 -1.99
CA ALA A 27 -5.51 -11.60 -0.98
C ALA A 27 -6.92 -11.58 -1.57
N ARG A 28 -7.79 -12.42 -1.02
CA ARG A 28 -9.17 -12.50 -1.47
C ARG A 28 -10.05 -11.48 -0.76
N ALA A 29 -11.15 -11.10 -1.40
CA ALA A 29 -12.07 -10.13 -0.83
C ALA A 29 -12.93 -10.77 0.25
N GLY A 30 -13.11 -10.06 1.36
CA GLY A 30 -13.92 -10.58 2.45
C GLY A 30 -13.15 -11.54 3.34
N GLN A 31 -11.87 -11.71 3.05
CA GLN A 31 -11.02 -12.61 3.83
C GLN A 31 -9.90 -11.83 4.51
N THR A 32 -9.54 -12.25 5.72
CA THR A 32 -8.47 -11.60 6.48
C THR A 32 -7.11 -11.95 5.92
N VAL A 33 -6.13 -11.08 6.17
CA VAL A 33 -4.77 -11.29 5.68
C VAL A 33 -3.78 -10.40 6.42
N SER A 34 -2.60 -10.93 6.70
CA SER A 34 -1.56 -10.19 7.40
C SER A 34 -0.52 -9.65 6.42
N VAL A 35 -0.35 -8.33 6.41
CA VAL A 35 0.62 -7.70 5.53
C VAL A 35 1.34 -6.55 6.23
N HIS A 36 2.49 -6.17 5.69
CA HIS A 36 3.28 -5.08 6.27
C HIS A 36 3.10 -3.80 5.46
N TYR A 37 2.84 -2.69 6.15
CA TYR A 37 2.65 -1.41 5.49
C TYR A 37 3.72 -0.41 5.93
N THR A 38 4.20 0.39 4.98
CA THR A 38 5.23 1.39 5.26
C THR A 38 4.87 2.73 4.64
N GLY A 39 4.79 3.76 5.48
CA GLY A 39 4.46 5.08 4.98
C GLY A 39 5.69 5.91 4.67
N TRP A 40 5.72 6.49 3.48
CA TRP A 40 6.85 7.31 3.04
C TRP A 40 6.37 8.62 2.42
N LEU A 41 7.03 9.71 2.79
CA LEU A 41 6.67 11.03 2.27
C LEU A 41 7.23 11.23 0.87
N THR A 42 6.86 12.33 0.24
CA THR A 42 7.32 12.65 -1.10
C THR A 42 8.84 12.75 -1.15
N ASP A 43 9.46 12.96 0.01
CA ASP A 43 10.91 13.07 0.10
C ASP A 43 11.53 11.72 0.45
N GLY A 44 10.72 10.83 1.01
CA GLY A 44 11.21 9.51 1.38
C GLY A 44 11.11 9.26 2.88
N GLN A 45 10.93 10.34 3.65
CA GLN A 45 10.83 10.22 5.10
C GLN A 45 9.79 9.18 5.49
N LYS A 46 10.16 8.29 6.40
CA LYS A 46 9.25 7.24 6.87
C LYS A 46 8.46 7.71 8.07
N PHE A 47 7.14 7.54 8.01
CA PHE A 47 6.26 7.95 9.11
C PHE A 47 5.40 6.79 9.57
N ASP A 48 5.81 5.57 9.21
CA ASP A 48 5.06 4.37 9.59
C ASP A 48 5.75 3.12 9.07
N SER A 49 6.02 2.17 9.97
CA SER A 49 6.68 0.94 9.60
C SER A 49 6.30 -0.19 10.56
N SER A 50 5.49 -1.12 10.08
CA SER A 50 5.04 -2.25 10.89
C SER A 50 6.19 -3.21 11.17
N LYS A 51 7.21 -3.17 10.32
CA LYS A 51 8.38 -4.02 10.46
C LYS A 51 9.03 -3.83 11.83
N ASP A 52 8.80 -2.65 12.41
CA ASP A 52 9.37 -2.33 13.72
C ASP A 52 8.60 -3.04 14.83
N ARG A 53 7.28 -3.13 14.66
CA ARG A 53 6.43 -3.78 15.66
C ARG A 53 6.69 -5.28 15.69
N ASN A 54 7.41 -5.78 14.69
CA ASN A 54 7.72 -7.21 14.60
C ASN A 54 6.45 -8.03 14.51
N ASP A 55 5.38 -7.42 14.01
CA ASP A 55 4.10 -8.10 13.87
C ASP A 55 3.36 -7.60 12.63
N PRO A 56 2.88 -8.55 11.81
CA PRO A 56 2.14 -8.23 10.58
C PRO A 56 0.76 -7.65 10.86
N PHE A 57 0.28 -6.80 9.97
CA PHE A 57 -1.02 -6.17 10.13
C PHE A 57 -2.12 -7.04 9.53
N ALA A 58 -2.86 -7.73 10.38
CA ALA A 58 -3.94 -8.60 9.94
C ALA A 58 -5.26 -7.84 9.87
N PHE A 59 -5.77 -7.66 8.65
CA PHE A 59 -7.02 -6.95 8.44
C PHE A 59 -7.91 -7.69 7.45
N VAL A 60 -9.19 -7.31 7.40
CA VAL A 60 -10.14 -7.94 6.49
C VAL A 60 -10.19 -7.21 5.16
N LEU A 61 -9.94 -7.95 4.08
CA LEU A 61 -9.95 -7.38 2.74
C LEU A 61 -11.24 -6.60 2.49
N GLY A 62 -11.09 -5.30 2.23
CA GLY A 62 -12.25 -4.46 1.97
C GLY A 62 -13.30 -4.58 3.05
N GLY A 63 -13.05 -3.95 4.20
CA GLY A 63 -14.00 -4.00 5.30
C GLY A 63 -14.37 -2.62 5.81
N GLY A 64 -14.09 -1.60 5.01
CA GLY A 64 -14.41 -0.25 5.40
C GLY A 64 -13.48 0.28 6.48
N MET A 65 -12.30 -0.32 6.59
CA MET A 65 -11.32 0.09 7.58
C MET A 65 -10.10 0.71 6.92
N VAL A 66 -9.85 0.33 5.66
CA VAL A 66 -8.71 0.84 4.92
C VAL A 66 -9.16 1.81 3.83
N ILE A 67 -8.21 2.35 3.08
CA ILE A 67 -8.50 3.29 2.00
C ILE A 67 -8.64 2.56 0.66
N LYS A 68 -9.25 3.23 -0.30
CA LYS A 68 -9.43 2.66 -1.63
C LYS A 68 -8.14 2.06 -2.15
N GLY A 69 -7.06 2.83 -2.07
CA GLY A 69 -5.77 2.36 -2.54
C GLY A 69 -5.35 1.07 -1.87
N TRP A 70 -5.73 0.91 -0.60
CA TRP A 70 -5.38 -0.30 0.15
C TRP A 70 -6.12 -1.52 -0.40
N ASP A 71 -7.45 -1.43 -0.45
CA ASP A 71 -8.27 -2.52 -0.95
C ASP A 71 -7.81 -2.95 -2.34
N GLU A 72 -7.59 -1.97 -3.22
CA GLU A 72 -7.16 -2.25 -4.58
C GLU A 72 -5.80 -2.93 -4.58
N GLY A 73 -4.89 -2.45 -3.74
CA GLY A 73 -3.56 -3.03 -3.66
C GLY A 73 -3.58 -4.48 -3.22
N VAL A 74 -4.06 -4.72 -2.00
CA VAL A 74 -4.13 -6.07 -1.45
C VAL A 74 -4.98 -6.97 -2.34
N GLN A 75 -5.96 -6.38 -3.02
CA GLN A 75 -6.84 -7.13 -3.90
C GLN A 75 -6.03 -7.95 -4.91
N GLY A 76 -4.82 -7.49 -5.20
CA GLY A 76 -3.97 -8.20 -6.14
C GLY A 76 -2.71 -8.72 -5.49
N MET A 77 -2.30 -8.10 -4.39
CA MET A 77 -1.10 -8.51 -3.68
C MET A 77 -1.13 -10.02 -3.38
N LYS A 78 0.03 -10.65 -3.47
CA LYS A 78 0.14 -12.08 -3.21
C LYS A 78 1.02 -12.36 -1.99
N VAL A 79 0.87 -13.54 -1.41
CA VAL A 79 1.65 -13.92 -0.24
C VAL A 79 3.14 -13.81 -0.52
N GLY A 80 3.83 -12.98 0.26
CA GLY A 80 5.26 -12.79 0.09
C GLY A 80 5.59 -11.78 -0.99
N GLY A 81 4.55 -11.22 -1.61
CA GLY A 81 4.75 -10.23 -2.65
C GLY A 81 4.81 -8.81 -2.12
N VAL A 82 5.74 -8.03 -2.65
CA VAL A 82 5.89 -6.64 -2.22
C VAL A 82 5.70 -5.68 -3.38
N ARG A 83 4.90 -4.63 -3.15
CA ARG A 83 4.64 -3.64 -4.19
C ARG A 83 4.47 -2.26 -3.57
N ARG A 84 5.00 -1.24 -4.24
CA ARG A 84 4.91 0.13 -3.77
C ARG A 84 3.62 0.78 -4.23
N LEU A 85 2.66 0.89 -3.31
CA LEU A 85 1.37 1.50 -3.63
C LEU A 85 1.42 3.01 -3.43
N THR A 86 1.28 3.75 -4.54
CA THR A 86 1.30 5.21 -4.49
C THR A 86 -0.11 5.78 -4.48
N ILE A 87 -0.44 6.49 -3.40
CA ILE A 87 -1.76 7.10 -3.26
C ILE A 87 -1.66 8.61 -3.15
N PRO A 88 -2.49 9.32 -3.94
CA PRO A 88 -2.50 10.79 -3.95
C PRO A 88 -3.09 11.36 -2.66
N PRO A 89 -2.97 12.69 -2.50
CA PRO A 89 -3.49 13.39 -1.33
C PRO A 89 -5.01 13.42 -1.28
N GLN A 90 -5.64 12.91 -2.33
CA GLN A 90 -7.10 12.87 -2.41
C GLN A 90 -7.63 11.53 -1.92
N LEU A 91 -6.99 10.45 -2.35
CA LEU A 91 -7.41 9.11 -1.96
C LEU A 91 -6.62 8.63 -0.74
N GLY A 92 -6.06 9.58 0.01
CA GLY A 92 -5.29 9.24 1.19
C GLY A 92 -5.85 9.87 2.44
N TYR A 93 -5.11 10.81 3.02
CA TYR A 93 -5.54 11.49 4.23
C TYR A 93 -6.82 12.29 4.00
N GLY A 94 -6.88 12.98 2.86
CA GLY A 94 -8.05 13.77 2.53
C GLY A 94 -7.70 15.18 2.13
N ALA A 95 -8.71 15.99 1.84
CA ALA A 95 -8.50 17.38 1.43
C ALA A 95 -7.74 18.14 2.51
N ARG A 96 -8.03 17.84 3.77
CA ARG A 96 -7.37 18.51 4.88
C ARG A 96 -5.91 18.06 5.00
N GLY A 97 -5.71 16.79 5.33
CA GLY A 97 -4.36 16.26 5.47
C GLY A 97 -3.61 16.89 6.64
N ALA A 98 -2.70 16.12 7.23
CA ALA A 98 -1.92 16.60 8.36
C ALA A 98 -1.26 17.94 8.04
N GLY A 99 -0.89 18.67 9.08
CA GLY A 99 -0.24 19.96 8.88
C GLY A 99 1.26 19.88 8.96
N GLY A 100 1.90 19.53 7.85
CA GLY A 100 3.34 19.41 7.81
C GLY A 100 3.82 18.14 7.16
N VAL A 101 3.57 17.01 7.81
CA VAL A 101 3.97 15.72 7.28
C VAL A 101 3.15 15.34 6.06
N ILE A 102 1.89 15.76 6.05
CA ILE A 102 0.99 15.47 4.94
C ILE A 102 0.40 16.76 4.35
N PRO A 103 1.24 17.49 3.60
CA PRO A 103 0.83 18.75 2.97
C PRO A 103 -0.16 18.53 1.83
N PRO A 104 -0.80 19.62 1.37
CA PRO A 104 -1.78 19.58 0.29
C PRO A 104 -1.12 19.27 -1.06
N ASN A 105 -1.90 18.66 -1.96
CA ASN A 105 -1.40 18.31 -3.28
C ASN A 105 -0.09 17.54 -3.19
N ALA A 106 0.03 16.72 -2.14
CA ALA A 106 1.23 15.91 -1.93
C ALA A 106 0.94 14.43 -2.13
N THR A 107 1.79 13.75 -2.88
CA THR A 107 1.62 12.32 -3.14
C THR A 107 2.24 11.49 -2.03
N LEU A 108 1.44 10.59 -1.44
CA LEU A 108 1.92 9.73 -0.38
C LEU A 108 2.34 8.37 -0.91
N VAL A 109 3.56 7.96 -0.58
CA VAL A 109 4.09 6.67 -1.03
C VAL A 109 3.98 5.62 0.08
N PHE A 110 3.13 4.62 -0.14
CA PHE A 110 2.93 3.56 0.84
C PHE A 110 3.34 2.21 0.25
N GLU A 111 4.13 1.45 1.02
CA GLU A 111 4.59 0.14 0.58
C GLU A 111 3.77 -0.96 1.23
N VAL A 112 3.19 -1.83 0.40
CA VAL A 112 2.39 -2.94 0.89
C VAL A 112 3.01 -4.28 0.52
N GLU A 113 3.28 -5.11 1.53
CA GLU A 113 3.87 -6.42 1.29
C GLU A 113 3.12 -7.50 2.06
N LEU A 114 2.59 -8.48 1.34
CA LEU A 114 1.84 -9.57 1.96
C LEU A 114 2.79 -10.55 2.66
N LEU A 115 2.42 -10.94 3.87
CA LEU A 115 3.24 -11.88 4.65
C LEU A 115 2.56 -13.24 4.74
N ASP A 116 1.31 -13.24 5.18
CA ASP A 116 0.54 -14.47 5.32
C ASP A 116 -0.94 -14.20 5.20
N VAL A 117 -1.66 -15.11 4.53
CA VAL A 117 -3.10 -14.96 4.35
C VAL A 117 -3.84 -15.17 5.66
N GLY A 1 1.14 -9.68 -21.86
CA GLY A 1 2.57 -9.41 -21.96
C GLY A 1 3.28 -9.59 -20.63
N PRO A 2 4.58 -9.27 -20.62
CA PRO A 2 5.41 -9.38 -19.41
C PRO A 2 5.04 -8.35 -18.35
N GLY A 3 4.74 -8.82 -17.14
CA GLY A 3 4.37 -7.93 -16.06
C GLY A 3 5.54 -7.60 -15.15
N SER A 4 6.58 -7.01 -15.73
CA SER A 4 7.78 -6.65 -14.97
C SER A 4 8.52 -5.49 -15.64
N MET A 5 9.24 -4.72 -14.84
CA MET A 5 10.00 -3.57 -15.35
C MET A 5 9.08 -2.61 -16.09
N THR A 6 7.88 -2.42 -15.56
CA THR A 6 6.92 -1.51 -16.16
C THR A 6 5.91 -1.00 -15.14
N VAL A 7 5.77 0.32 -15.06
CA VAL A 7 4.83 0.93 -14.13
C VAL A 7 3.55 1.37 -14.82
N VAL A 8 2.43 1.31 -14.10
CA VAL A 8 1.14 1.69 -14.65
C VAL A 8 0.30 2.42 -13.61
N THR A 9 -0.47 3.41 -14.06
CA THR A 9 -1.32 4.19 -13.17
C THR A 9 -2.79 3.92 -13.44
N THR A 10 -3.61 4.02 -12.40
CA THR A 10 -5.05 3.78 -12.53
C THR A 10 -5.75 5.00 -13.09
N GLU A 11 -7.07 4.91 -13.21
CA GLU A 11 -7.87 6.02 -13.73
C GLU A 11 -8.16 7.05 -12.65
N SER A 12 -8.17 6.59 -11.40
CA SER A 12 -8.43 7.47 -10.26
C SER A 12 -7.17 8.20 -9.84
N GLY A 13 -6.02 7.58 -10.08
CA GLY A 13 -4.75 8.19 -9.72
C GLY A 13 -3.84 7.24 -8.98
N LEU A 14 -4.42 6.20 -8.38
CA LEU A 14 -3.65 5.22 -7.64
C LEU A 14 -2.56 4.60 -8.52
N LYS A 15 -1.41 4.34 -7.93
CA LYS A 15 -0.29 3.74 -8.65
C LYS A 15 0.38 2.63 -7.82
N TYR A 16 1.18 1.81 -8.48
CA TYR A 16 1.87 0.72 -7.81
C TYR A 16 3.14 0.33 -8.56
N GLU A 17 4.15 -0.12 -7.81
CA GLU A 17 5.41 -0.53 -8.41
C GLU A 17 5.82 -1.91 -7.93
N ASP A 18 5.93 -2.85 -8.87
CA ASP A 18 6.32 -4.22 -8.55
C ASP A 18 7.74 -4.27 -8.00
N LEU A 19 7.89 -4.79 -6.78
CA LEU A 19 9.19 -4.89 -6.15
C LEU A 19 9.61 -6.35 -6.00
N THR A 20 8.62 -7.23 -5.87
CA THR A 20 8.89 -8.65 -5.72
C THR A 20 7.66 -9.49 -6.06
N GLU A 21 7.76 -10.27 -7.13
CA GLU A 21 6.65 -11.12 -7.56
C GLU A 21 6.32 -12.16 -6.50
N GLY A 22 5.03 -12.31 -6.21
CA GLY A 22 4.60 -13.28 -5.22
C GLY A 22 3.75 -14.38 -5.81
N SER A 23 4.28 -15.60 -5.81
CA SER A 23 3.57 -16.75 -6.35
C SER A 23 2.81 -17.49 -5.25
N GLY A 24 2.26 -16.75 -4.31
CA GLY A 24 1.52 -17.34 -3.21
C GLY A 24 0.03 -17.38 -3.48
N ALA A 25 -0.71 -16.55 -2.74
CA ALA A 25 -2.16 -16.48 -2.90
C ALA A 25 -2.65 -15.04 -2.84
N GLU A 26 -3.46 -14.67 -3.83
CA GLU A 26 -4.00 -13.31 -3.90
C GLU A 26 -4.90 -13.02 -2.70
N ALA A 27 -4.76 -11.83 -2.14
CA ALA A 27 -5.56 -11.43 -0.99
C ALA A 27 -7.04 -11.63 -1.26
N ARG A 28 -7.67 -12.49 -0.47
CA ARG A 28 -9.10 -12.77 -0.64
C ARG A 28 -9.94 -11.70 0.06
N ALA A 29 -11.21 -11.60 -0.34
CA ALA A 29 -12.12 -10.63 0.24
C ALA A 29 -12.89 -11.22 1.42
N GLY A 30 -13.18 -10.39 2.41
CA GLY A 30 -13.91 -10.85 3.58
C GLY A 30 -13.03 -11.64 4.53
N GLN A 31 -11.74 -11.75 4.21
CA GLN A 31 -10.80 -12.48 5.04
C GLN A 31 -9.71 -11.56 5.57
N THR A 32 -9.14 -11.92 6.72
CA THR A 32 -8.08 -11.12 7.32
C THR A 32 -6.71 -11.55 6.83
N VAL A 33 -6.03 -10.66 6.12
CA VAL A 33 -4.71 -10.94 5.58
C VAL A 33 -3.63 -10.15 6.33
N SER A 34 -2.49 -10.78 6.55
CA SER A 34 -1.38 -10.14 7.25
C SER A 34 -0.34 -9.61 6.25
N VAL A 35 -0.12 -8.30 6.29
CA VAL A 35 0.85 -7.67 5.39
C VAL A 35 1.57 -6.53 6.10
N HIS A 36 2.75 -6.18 5.58
CA HIS A 36 3.55 -5.10 6.15
C HIS A 36 3.37 -3.81 5.36
N TYR A 37 3.10 -2.72 6.06
CA TYR A 37 2.90 -1.42 5.43
C TYR A 37 3.98 -0.43 5.87
N THR A 38 4.45 0.38 4.92
CA THR A 38 5.46 1.38 5.21
C THR A 38 5.12 2.73 4.58
N GLY A 39 4.79 3.70 5.43
CA GLY A 39 4.45 5.02 4.94
C GLY A 39 5.67 5.90 4.71
N TRP A 40 5.81 6.41 3.49
CA TRP A 40 6.94 7.26 3.15
C TRP A 40 6.47 8.56 2.52
N LEU A 41 7.04 9.68 2.96
CA LEU A 41 6.67 10.99 2.44
C LEU A 41 7.14 11.15 0.99
N THR A 42 6.77 12.26 0.38
CA THR A 42 7.15 12.53 -1.01
C THR A 42 8.65 12.41 -1.20
N ASP A 43 9.40 12.68 -0.14
CA ASP A 43 10.85 12.59 -0.19
C ASP A 43 11.35 11.22 0.28
N GLY A 44 10.49 10.52 1.02
CA GLY A 44 10.85 9.21 1.53
C GLY A 44 10.89 9.16 3.04
N GLN A 45 10.49 10.26 3.68
CA GLN A 45 10.47 10.32 5.13
C GLN A 45 9.47 9.34 5.72
N LYS A 46 9.97 8.36 6.47
CA LYS A 46 9.11 7.36 7.09
C LYS A 46 8.25 7.98 8.19
N PHE A 47 6.94 7.81 8.06
CA PHE A 47 6.01 8.35 9.05
C PHE A 47 5.05 7.27 9.54
N ASP A 48 5.37 6.02 9.24
CA ASP A 48 4.54 4.89 9.66
C ASP A 48 5.19 3.57 9.24
N SER A 49 5.40 2.69 10.22
CA SER A 49 6.01 1.39 9.97
C SER A 49 5.59 0.38 11.02
N SER A 50 4.78 -0.60 10.60
CA SER A 50 4.30 -1.63 11.50
C SER A 50 5.45 -2.51 11.99
N LYS A 51 6.59 -2.41 11.30
CA LYS A 51 7.76 -3.20 11.66
C LYS A 51 8.16 -2.95 13.12
N ASP A 52 7.78 -1.78 13.64
CA ASP A 52 8.09 -1.43 15.02
C ASP A 52 7.59 -2.49 15.98
N ARG A 53 6.38 -2.97 15.75
CA ARG A 53 5.78 -4.00 16.60
C ARG A 53 6.39 -5.37 16.31
N ASN A 54 7.25 -5.43 15.30
CA ASN A 54 7.90 -6.68 14.92
C ASN A 54 6.87 -7.70 14.45
N ASP A 55 5.71 -7.21 14.04
CA ASP A 55 4.64 -8.08 13.55
C ASP A 55 3.90 -7.44 12.38
N PRO A 56 3.36 -8.28 11.49
CA PRO A 56 2.61 -7.81 10.31
C PRO A 56 1.27 -7.20 10.69
N PHE A 57 0.63 -6.56 9.72
CA PHE A 57 -0.67 -5.94 9.95
C PHE A 57 -1.80 -6.79 9.39
N ALA A 58 -2.57 -7.39 10.28
CA ALA A 58 -3.69 -8.23 9.88
C ALA A 58 -4.97 -7.43 9.74
N PHE A 59 -5.46 -7.29 8.52
CA PHE A 59 -6.68 -6.53 8.25
C PHE A 59 -7.60 -7.30 7.32
N VAL A 60 -8.90 -7.06 7.44
CA VAL A 60 -9.89 -7.72 6.60
C VAL A 60 -10.05 -7.01 5.26
N LEU A 61 -9.68 -7.69 4.19
CA LEU A 61 -9.77 -7.12 2.84
C LEU A 61 -11.23 -6.96 2.43
N GLY A 62 -11.59 -5.76 1.99
CA GLY A 62 -12.95 -5.49 1.57
C GLY A 62 -13.33 -4.03 1.73
N GLY A 63 -12.66 -3.34 2.65
CA GLY A 63 -12.95 -1.94 2.87
C GLY A 63 -13.46 -1.67 4.28
N GLY A 64 -13.01 -0.56 4.87
CA GLY A 64 -13.43 -0.22 6.21
C GLY A 64 -12.32 0.44 7.01
N MET A 65 -11.26 -0.32 7.30
CA MET A 65 -10.14 0.20 8.06
C MET A 65 -9.01 0.65 7.13
N VAL A 66 -9.02 0.12 5.91
CA VAL A 66 -8.00 0.48 4.92
C VAL A 66 -8.50 1.56 3.97
N ILE A 67 -7.65 1.97 3.04
CA ILE A 67 -8.01 2.99 2.07
C ILE A 67 -8.27 2.38 0.70
N LYS A 68 -8.90 3.15 -0.18
CA LYS A 68 -9.21 2.69 -1.53
C LYS A 68 -7.99 2.04 -2.17
N GLY A 69 -6.89 2.78 -2.22
CA GLY A 69 -5.67 2.26 -2.82
C GLY A 69 -5.27 0.92 -2.23
N TRP A 70 -5.60 0.71 -0.96
CA TRP A 70 -5.27 -0.54 -0.28
C TRP A 70 -6.12 -1.69 -0.81
N ASP A 71 -7.43 -1.52 -0.77
CA ASP A 71 -8.36 -2.54 -1.25
C ASP A 71 -8.01 -2.96 -2.68
N GLU A 72 -7.79 -1.97 -3.53
CA GLU A 72 -7.45 -2.24 -4.93
C GLU A 72 -6.12 -2.98 -5.04
N GLY A 73 -5.10 -2.45 -4.37
CA GLY A 73 -3.78 -3.07 -4.40
C GLY A 73 -3.80 -4.49 -3.85
N VAL A 74 -4.22 -4.61 -2.59
CA VAL A 74 -4.28 -5.92 -1.94
C VAL A 74 -5.14 -6.89 -2.73
N GLN A 75 -6.16 -6.36 -3.41
CA GLN A 75 -7.05 -7.19 -4.20
C GLN A 75 -6.27 -7.98 -5.26
N GLY A 76 -5.08 -7.50 -5.58
CA GLY A 76 -4.26 -8.17 -6.58
C GLY A 76 -3.01 -8.79 -5.97
N MET A 77 -2.44 -8.11 -4.98
CA MET A 77 -1.23 -8.60 -4.32
C MET A 77 -1.41 -10.03 -3.85
N LYS A 78 -0.32 -10.79 -3.85
CA LYS A 78 -0.35 -12.18 -3.42
C LYS A 78 0.61 -12.42 -2.26
N VAL A 79 0.40 -13.51 -1.54
CA VAL A 79 1.25 -13.86 -0.41
C VAL A 79 2.73 -13.86 -0.80
N GLY A 80 3.52 -13.08 -0.08
CA GLY A 80 4.94 -13.00 -0.37
C GLY A 80 5.26 -11.95 -1.43
N GLY A 81 4.23 -11.28 -1.91
CA GLY A 81 4.43 -10.26 -2.93
C GLY A 81 4.68 -8.89 -2.33
N VAL A 82 5.65 -8.17 -2.89
CA VAL A 82 5.98 -6.84 -2.41
C VAL A 82 5.91 -5.81 -3.52
N ARG A 83 5.12 -4.76 -3.31
CA ARG A 83 4.96 -3.71 -4.31
C ARG A 83 4.75 -2.35 -3.64
N ARG A 84 5.34 -1.32 -4.21
CA ARG A 84 5.22 0.03 -3.67
C ARG A 84 3.97 0.72 -4.20
N LEU A 85 2.94 0.81 -3.37
CA LEU A 85 1.69 1.44 -3.75
C LEU A 85 1.73 2.94 -3.50
N THR A 86 1.53 3.72 -4.55
CA THR A 86 1.54 5.18 -4.45
C THR A 86 0.13 5.75 -4.42
N ILE A 87 -0.22 6.40 -3.33
CA ILE A 87 -1.55 6.99 -3.19
C ILE A 87 -1.47 8.52 -3.14
N PRO A 88 -2.31 9.18 -3.95
CA PRO A 88 -2.35 10.64 -4.01
C PRO A 88 -2.93 11.26 -2.74
N PRO A 89 -2.83 12.59 -2.63
CA PRO A 89 -3.32 13.33 -1.47
C PRO A 89 -4.85 13.35 -1.42
N GLN A 90 -5.49 12.83 -2.46
CA GLN A 90 -6.94 12.78 -2.54
C GLN A 90 -7.47 11.45 -2.04
N LEU A 91 -6.82 10.37 -2.45
CA LEU A 91 -7.22 9.03 -2.05
C LEU A 91 -6.44 8.57 -0.82
N GLY A 92 -5.96 9.52 -0.05
CA GLY A 92 -5.20 9.20 1.15
C GLY A 92 -5.85 9.73 2.41
N TYR A 93 -5.15 10.61 3.11
CA TYR A 93 -5.67 11.19 4.35
C TYR A 93 -7.07 11.77 4.13
N GLY A 94 -7.15 12.80 3.30
CA GLY A 94 -8.42 13.44 3.02
C GLY A 94 -8.33 14.95 2.96
N ALA A 95 -9.48 15.61 2.97
CA ALA A 95 -9.52 17.07 2.91
C ALA A 95 -8.74 17.68 4.08
N ARG A 96 -8.72 16.98 5.20
CA ARG A 96 -8.01 17.46 6.39
C ARG A 96 -6.50 17.30 6.22
N GLY A 97 -6.05 16.05 6.18
CA GLY A 97 -4.63 15.78 6.03
C GLY A 97 -3.81 16.27 7.20
N ALA A 98 -2.67 15.64 7.43
CA ALA A 98 -1.78 16.02 8.53
C ALA A 98 -1.51 17.51 8.52
N GLY A 99 -1.08 18.04 9.67
CA GLY A 99 -0.79 19.46 9.77
C GLY A 99 0.15 19.93 8.68
N GLY A 100 1.41 19.48 8.74
CA GLY A 100 2.38 19.88 7.74
C GLY A 100 3.00 18.69 7.04
N VAL A 101 3.13 17.58 7.76
CA VAL A 101 3.72 16.37 7.20
C VAL A 101 3.01 15.94 5.92
N ILE A 102 1.71 16.24 5.84
CA ILE A 102 0.92 15.89 4.67
C ILE A 102 0.39 17.14 3.97
N PRO A 103 1.28 17.81 3.21
CA PRO A 103 0.93 19.03 2.47
C PRO A 103 -0.02 18.74 1.31
N PRO A 104 -0.59 19.83 0.74
CA PRO A 104 -1.52 19.71 -0.38
C PRO A 104 -0.83 19.28 -1.67
N ASN A 105 -1.56 18.57 -2.52
CA ASN A 105 -1.01 18.09 -3.79
C ASN A 105 0.29 17.32 -3.57
N ALA A 106 0.33 16.54 -2.49
CA ALA A 106 1.51 15.75 -2.17
C ALA A 106 1.24 14.26 -2.34
N THR A 107 2.12 13.58 -3.06
CA THR A 107 1.97 12.15 -3.30
C THR A 107 2.57 11.33 -2.16
N LEU A 108 1.77 10.43 -1.61
CA LEU A 108 2.21 9.58 -0.50
C LEU A 108 2.68 8.23 -1.02
N VAL A 109 3.91 7.86 -0.66
CA VAL A 109 4.47 6.58 -1.08
C VAL A 109 4.35 5.53 0.01
N PHE A 110 3.51 4.54 -0.23
CA PHE A 110 3.30 3.47 0.75
C PHE A 110 3.73 2.12 0.18
N GLU A 111 4.49 1.37 0.98
CA GLU A 111 4.98 0.06 0.56
C GLU A 111 4.16 -1.06 1.20
N VAL A 112 3.62 -1.93 0.37
CA VAL A 112 2.81 -3.05 0.86
C VAL A 112 3.44 -4.39 0.48
N GLU A 113 3.74 -5.20 1.50
CA GLU A 113 4.36 -6.51 1.27
C GLU A 113 3.53 -7.61 1.93
N LEU A 114 2.82 -8.38 1.10
CA LEU A 114 2.00 -9.47 1.60
C LEU A 114 2.85 -10.52 2.33
N LEU A 115 2.43 -10.86 3.54
CA LEU A 115 3.15 -11.85 4.34
C LEU A 115 2.42 -13.19 4.34
N ASP A 116 1.15 -13.16 4.72
CA ASP A 116 0.34 -14.37 4.78
C ASP A 116 -1.14 -14.03 4.65
N VAL A 117 -1.95 -15.03 4.31
CA VAL A 117 -3.39 -14.84 4.16
C VAL A 117 -4.16 -16.08 4.63
N GLY A 1 20.12 -8.07 -14.49
CA GLY A 1 18.84 -8.68 -14.80
C GLY A 1 18.04 -7.88 -15.81
N PRO A 2 16.80 -8.30 -16.07
CA PRO A 2 15.90 -7.63 -17.01
C PRO A 2 15.45 -6.27 -16.52
N GLY A 3 14.75 -5.53 -17.38
CA GLY A 3 14.27 -4.21 -17.02
C GLY A 3 12.78 -4.21 -16.70
N SER A 4 12.00 -3.60 -17.58
CA SER A 4 10.56 -3.52 -17.39
C SER A 4 10.22 -2.78 -16.10
N MET A 5 11.07 -1.84 -15.72
CA MET A 5 10.86 -1.06 -14.50
C MET A 5 10.04 0.19 -14.80
N THR A 6 8.72 0.06 -14.70
CA THR A 6 7.82 1.18 -14.96
C THR A 6 6.65 1.18 -13.99
N VAL A 7 6.19 2.37 -13.61
CA VAL A 7 5.07 2.50 -12.69
C VAL A 7 3.79 2.82 -13.43
N VAL A 8 2.93 1.81 -13.57
CA VAL A 8 1.65 1.98 -14.25
C VAL A 8 0.63 2.66 -13.35
N THR A 9 -0.22 3.50 -13.95
CA THR A 9 -1.24 4.21 -13.21
C THR A 9 -2.64 3.75 -13.62
N THR A 10 -3.62 3.97 -12.75
CA THR A 10 -4.99 3.58 -13.03
C THR A 10 -5.83 4.80 -13.43
N GLU A 11 -7.13 4.58 -13.58
CA GLU A 11 -8.04 5.66 -13.96
C GLU A 11 -8.27 6.61 -12.79
N SER A 12 -8.39 6.05 -11.60
CA SER A 12 -8.62 6.85 -10.39
C SER A 12 -7.37 7.64 -10.02
N GLY A 13 -6.21 7.12 -10.42
CA GLY A 13 -4.96 7.79 -10.12
C GLY A 13 -4.00 6.91 -9.34
N LEU A 14 -4.55 5.92 -8.64
CA LEU A 14 -3.73 5.00 -7.86
C LEU A 14 -2.60 4.41 -8.70
N LYS A 15 -1.45 4.21 -8.07
CA LYS A 15 -0.29 3.65 -8.76
C LYS A 15 0.36 2.56 -7.92
N TYR A 16 1.15 1.71 -8.58
CA TYR A 16 1.84 0.62 -7.90
C TYR A 16 3.10 0.21 -8.66
N GLU A 17 4.14 -0.12 -7.91
CA GLU A 17 5.41 -0.55 -8.51
C GLU A 17 5.87 -1.89 -7.95
N ASP A 18 5.98 -2.88 -8.82
CA ASP A 18 6.41 -4.21 -8.41
C ASP A 18 7.83 -4.17 -7.85
N LEU A 19 8.00 -4.75 -6.66
CA LEU A 19 9.31 -4.78 -6.01
C LEU A 19 9.77 -6.22 -5.79
N THR A 20 8.82 -7.11 -5.56
CA THR A 20 9.12 -8.52 -5.31
C THR A 20 7.98 -9.41 -5.79
N GLU A 21 8.26 -10.23 -6.80
CA GLU A 21 7.25 -11.14 -7.35
C GLU A 21 6.78 -12.12 -6.30
N GLY A 22 5.48 -12.10 -6.01
CA GLY A 22 4.92 -12.99 -5.01
C GLY A 22 4.10 -14.12 -5.64
N SER A 23 4.56 -15.35 -5.45
CA SER A 23 3.88 -16.51 -6.00
C SER A 23 3.26 -17.36 -4.89
N GLY A 24 2.27 -16.80 -4.20
CA GLY A 24 1.63 -17.53 -3.12
C GLY A 24 0.12 -17.62 -3.31
N ALA A 25 -0.56 -16.48 -3.18
CA ALA A 25 -2.00 -16.45 -3.34
C ALA A 25 -2.54 -15.03 -3.22
N GLU A 26 -3.36 -14.62 -4.17
CA GLU A 26 -3.93 -13.28 -4.17
C GLU A 26 -4.80 -13.06 -2.94
N ALA A 27 -4.66 -11.90 -2.31
CA ALA A 27 -5.43 -11.56 -1.13
C ALA A 27 -6.92 -11.77 -1.36
N ARG A 28 -7.54 -12.61 -0.54
CA ARG A 28 -8.96 -12.90 -0.65
C ARG A 28 -9.80 -11.85 0.09
N ALA A 29 -11.08 -11.76 -0.26
CA ALA A 29 -11.97 -10.80 0.37
C ALA A 29 -12.75 -11.45 1.51
N GLY A 30 -13.06 -10.65 2.53
CA GLY A 30 -13.79 -11.16 3.67
C GLY A 30 -12.91 -11.95 4.62
N GLN A 31 -11.63 -12.04 4.30
CA GLN A 31 -10.69 -12.77 5.13
C GLN A 31 -9.60 -11.84 5.66
N THR A 32 -9.03 -12.20 6.81
CA THR A 32 -7.98 -11.40 7.44
C THR A 32 -6.60 -11.78 6.89
N VAL A 33 -5.98 -10.86 6.17
CA VAL A 33 -4.66 -11.10 5.60
C VAL A 33 -3.59 -10.31 6.33
N SER A 34 -2.44 -10.92 6.54
CA SER A 34 -1.33 -10.27 7.23
C SER A 34 -0.30 -9.73 6.23
N VAL A 35 -0.07 -8.43 6.30
CA VAL A 35 0.89 -7.78 5.41
C VAL A 35 1.64 -6.66 6.13
N HIS A 36 2.65 -6.11 5.46
CA HIS A 36 3.45 -5.04 6.03
C HIS A 36 3.24 -3.73 5.27
N TYR A 37 3.00 -2.65 6.01
CA TYR A 37 2.77 -1.34 5.40
C TYR A 37 3.84 -0.35 5.84
N THR A 38 4.34 0.43 4.89
CA THR A 38 5.37 1.42 5.19
C THR A 38 5.04 2.75 4.52
N GLY A 39 4.75 3.76 5.35
CA GLY A 39 4.43 5.07 4.83
C GLY A 39 5.65 5.92 4.57
N TRP A 40 5.74 6.50 3.38
CA TRP A 40 6.87 7.34 3.01
C TRP A 40 6.40 8.67 2.43
N LEU A 41 7.03 9.75 2.87
CA LEU A 41 6.67 11.09 2.40
C LEU A 41 7.13 11.29 0.95
N THR A 42 6.75 12.41 0.37
CA THR A 42 7.12 12.73 -1.00
C THR A 42 8.63 12.81 -1.16
N ASP A 43 9.33 13.06 -0.04
CA ASP A 43 10.78 13.16 -0.06
C ASP A 43 11.42 11.84 0.37
N GLY A 44 10.62 10.97 0.96
CA GLY A 44 11.13 9.68 1.41
C GLY A 44 11.03 9.50 2.91
N GLN A 45 10.85 10.61 3.63
CA GLN A 45 10.74 10.57 5.08
C GLN A 45 9.65 9.61 5.52
N LYS A 46 10.04 8.56 6.24
CA LYS A 46 9.09 7.56 6.72
C LYS A 46 8.24 8.13 7.86
N PHE A 47 6.95 7.83 7.82
CA PHE A 47 6.02 8.30 8.84
C PHE A 47 5.15 7.16 9.36
N ASP A 48 5.54 5.93 9.06
CA ASP A 48 4.80 4.75 9.49
C ASP A 48 5.49 3.47 9.02
N SER A 49 5.69 2.54 9.95
CA SER A 49 6.34 1.27 9.63
C SER A 49 5.73 0.14 10.44
N SER A 50 5.19 -0.86 9.75
CA SER A 50 4.57 -2.00 10.40
C SER A 50 5.62 -2.87 11.07
N LYS A 51 6.83 -2.87 10.52
CA LYS A 51 7.93 -3.65 11.07
C LYS A 51 8.29 -3.19 12.48
N ASP A 52 7.94 -1.95 12.80
CA ASP A 52 8.21 -1.38 14.11
C ASP A 52 7.68 -2.29 15.22
N ARG A 53 6.43 -2.72 15.06
CA ARG A 53 5.80 -3.59 16.04
C ARG A 53 6.36 -5.01 15.95
N ASN A 54 7.12 -5.27 14.90
CA ASN A 54 7.71 -6.59 14.69
C ASN A 54 6.63 -7.65 14.50
N ASP A 55 5.49 -7.23 13.97
CA ASP A 55 4.38 -8.14 13.73
C ASP A 55 3.63 -7.76 12.46
N PRO A 56 3.14 -8.77 11.72
CA PRO A 56 2.40 -8.56 10.48
C PRO A 56 1.02 -7.95 10.72
N PHE A 57 0.69 -6.92 9.93
CA PHE A 57 -0.60 -6.25 10.06
C PHE A 57 -1.72 -7.11 9.48
N ALA A 58 -2.46 -7.77 10.37
CA ALA A 58 -3.57 -8.62 9.95
C ALA A 58 -4.88 -7.84 9.92
N PHE A 59 -5.46 -7.72 8.73
CA PHE A 59 -6.72 -6.99 8.56
C PHE A 59 -7.61 -7.68 7.54
N VAL A 60 -8.92 -7.48 7.67
CA VAL A 60 -9.88 -8.08 6.76
C VAL A 60 -9.98 -7.28 5.45
N LEU A 61 -9.77 -7.97 4.34
CA LEU A 61 -9.85 -7.32 3.03
C LEU A 61 -11.30 -7.12 2.60
N GLY A 62 -11.64 -5.88 2.25
CA GLY A 62 -12.99 -5.58 1.82
C GLY A 62 -13.31 -4.10 1.93
N GLY A 63 -12.96 -3.50 3.06
CA GLY A 63 -13.22 -2.09 3.27
C GLY A 63 -13.79 -1.80 4.63
N GLY A 64 -13.59 -0.58 5.12
CA GLY A 64 -14.09 -0.20 6.43
C GLY A 64 -13.03 0.49 7.27
N MET A 65 -11.89 -0.16 7.43
CA MET A 65 -10.80 0.39 8.23
C MET A 65 -9.65 0.84 7.34
N VAL A 66 -9.58 0.27 6.14
CA VAL A 66 -8.52 0.60 5.19
C VAL A 66 -9.00 1.66 4.20
N ILE A 67 -8.11 2.04 3.28
CA ILE A 67 -8.43 3.05 2.28
C ILE A 67 -8.66 2.40 0.92
N LYS A 68 -9.24 3.17 0.00
CA LYS A 68 -9.51 2.67 -1.35
C LYS A 68 -8.26 2.02 -1.95
N GLY A 69 -7.15 2.76 -1.92
CA GLY A 69 -5.91 2.25 -2.46
C GLY A 69 -5.49 0.94 -1.82
N TRP A 70 -5.91 0.74 -0.57
CA TRP A 70 -5.57 -0.48 0.16
C TRP A 70 -6.35 -1.67 -0.37
N ASP A 71 -7.68 -1.57 -0.33
CA ASP A 71 -8.55 -2.64 -0.81
C ASP A 71 -8.19 -3.03 -2.25
N GLU A 72 -8.02 -2.02 -3.10
CA GLU A 72 -7.68 -2.26 -4.50
C GLU A 72 -6.28 -2.86 -4.62
N GLY A 73 -5.33 -2.32 -3.87
CA GLY A 73 -3.97 -2.82 -3.92
C GLY A 73 -3.87 -4.26 -3.47
N VAL A 74 -4.34 -4.54 -2.26
CA VAL A 74 -4.30 -5.89 -1.71
C VAL A 74 -5.14 -6.85 -2.56
N GLN A 75 -6.23 -6.33 -3.12
CA GLN A 75 -7.11 -7.14 -3.95
C GLN A 75 -6.32 -7.87 -5.03
N GLY A 76 -5.21 -7.29 -5.45
CA GLY A 76 -4.38 -7.89 -6.47
C GLY A 76 -3.10 -8.48 -5.91
N MET A 77 -2.59 -7.86 -4.85
CA MET A 77 -1.36 -8.33 -4.22
C MET A 77 -1.43 -9.82 -3.91
N LYS A 78 -0.29 -10.49 -3.98
CA LYS A 78 -0.23 -11.93 -3.71
C LYS A 78 0.64 -12.22 -2.49
N VAL A 79 0.33 -13.30 -1.80
CA VAL A 79 1.08 -13.69 -0.60
C VAL A 79 2.57 -13.77 -0.90
N GLY A 80 3.37 -13.05 -0.09
CA GLY A 80 4.80 -13.06 -0.28
C GLY A 80 5.25 -12.05 -1.32
N GLY A 81 4.30 -11.31 -1.88
CA GLY A 81 4.61 -10.32 -2.88
C GLY A 81 4.78 -8.93 -2.30
N VAL A 82 5.73 -8.17 -2.83
CA VAL A 82 5.99 -6.82 -2.36
C VAL A 82 5.89 -5.81 -3.48
N ARG A 83 5.09 -4.77 -3.28
CA ARG A 83 4.91 -3.73 -4.28
C ARG A 83 4.68 -2.37 -3.63
N ARG A 84 5.26 -1.33 -4.23
CA ARG A 84 5.12 0.02 -3.70
C ARG A 84 3.86 0.69 -4.22
N LEU A 85 2.84 0.76 -3.38
CA LEU A 85 1.57 1.38 -3.76
C LEU A 85 1.60 2.88 -3.52
N THR A 86 1.44 3.65 -4.59
CA THR A 86 1.44 5.11 -4.50
C THR A 86 0.02 5.67 -4.54
N ILE A 87 -0.36 6.36 -3.46
CA ILE A 87 -1.69 6.95 -3.37
C ILE A 87 -1.62 8.47 -3.28
N PRO A 88 -2.42 9.15 -4.11
CA PRO A 88 -2.46 10.62 -4.14
C PRO A 88 -3.10 11.20 -2.89
N PRO A 89 -3.01 12.53 -2.74
CA PRO A 89 -3.56 13.25 -1.59
C PRO A 89 -5.09 13.26 -1.61
N GLN A 90 -5.67 12.74 -2.69
CA GLN A 90 -7.12 12.70 -2.82
C GLN A 90 -7.67 11.37 -2.30
N LEU A 91 -7.06 10.27 -2.73
CA LEU A 91 -7.49 8.95 -2.31
C LEU A 91 -6.68 8.46 -1.12
N GLY A 92 -6.13 9.41 -0.36
CA GLY A 92 -5.34 9.06 0.81
C GLY A 92 -5.65 9.93 2.01
N TYR A 93 -4.71 10.80 2.37
CA TYR A 93 -4.89 11.69 3.50
C TYR A 93 -6.05 12.64 3.28
N GLY A 94 -6.34 12.92 2.01
CA GLY A 94 -7.44 13.81 1.68
C GLY A 94 -6.97 15.23 1.42
N ALA A 95 -7.86 16.06 0.87
CA ALA A 95 -7.54 17.45 0.59
C ALA A 95 -7.16 18.20 1.85
N ARG A 96 -7.68 17.75 2.99
CA ARG A 96 -7.38 18.37 4.27
C ARG A 96 -5.89 18.33 4.58
N GLY A 97 -5.34 17.12 4.64
CA GLY A 97 -3.93 16.96 4.92
C GLY A 97 -3.65 16.83 6.41
N ALA A 98 -2.41 16.49 6.75
CA ALA A 98 -2.01 16.33 8.14
C ALA A 98 -1.75 17.69 8.80
N GLY A 99 -1.80 17.72 10.12
CA GLY A 99 -1.57 18.95 10.85
C GLY A 99 -0.15 19.47 10.67
N GLY A 100 0.81 18.55 10.58
CA GLY A 100 2.20 18.94 10.41
C GLY A 100 3.06 17.81 9.92
N VAL A 101 2.55 17.05 8.95
CA VAL A 101 3.29 15.93 8.38
C VAL A 101 3.28 15.97 6.86
N ILE A 102 2.12 15.75 6.27
CA ILE A 102 1.98 15.77 4.82
C ILE A 102 1.37 17.08 4.34
N PRO A 103 2.04 17.75 3.39
CA PRO A 103 1.59 19.02 2.83
C PRO A 103 0.35 18.85 1.95
N PRO A 104 -0.29 19.98 1.61
CA PRO A 104 -1.50 19.98 0.77
C PRO A 104 -1.20 19.59 -0.67
N ASN A 105 -1.99 18.64 -1.19
CA ASN A 105 -1.81 18.17 -2.55
C ASN A 105 -0.46 17.49 -2.73
N ALA A 106 -0.18 16.50 -1.88
CA ALA A 106 1.08 15.77 -1.95
C ALA A 106 0.84 14.28 -2.16
N THR A 107 1.74 13.64 -2.91
CA THR A 107 1.63 12.21 -3.19
C THR A 107 2.24 11.39 -2.08
N LEU A 108 1.46 10.46 -1.53
CA LEU A 108 1.93 9.59 -0.45
C LEU A 108 2.39 8.25 -1.00
N VAL A 109 3.60 7.84 -0.61
CA VAL A 109 4.17 6.58 -1.07
C VAL A 109 4.08 5.52 0.03
N PHE A 110 3.26 4.50 -0.20
CA PHE A 110 3.07 3.43 0.76
C PHE A 110 3.55 2.09 0.18
N GLU A 111 4.33 1.36 0.96
CA GLU A 111 4.84 0.07 0.52
C GLU A 111 4.08 -1.08 1.18
N VAL A 112 3.56 -1.99 0.36
CA VAL A 112 2.81 -3.13 0.87
C VAL A 112 3.56 -4.43 0.61
N GLU A 113 3.66 -5.27 1.65
CA GLU A 113 4.35 -6.54 1.54
C GLU A 113 3.51 -7.66 2.16
N LEU A 114 2.88 -8.45 1.29
CA LEU A 114 2.04 -9.56 1.74
C LEU A 114 2.89 -10.65 2.37
N LEU A 115 2.52 -11.04 3.59
CA LEU A 115 3.25 -12.09 4.31
C LEU A 115 2.43 -13.37 4.38
N ASP A 116 1.11 -13.22 4.47
CA ASP A 116 0.21 -14.37 4.54
C ASP A 116 -1.24 -13.93 4.50
N VAL A 117 -2.15 -14.88 4.30
CA VAL A 117 -3.57 -14.58 4.24
C VAL A 117 -4.24 -14.80 5.59
N GLY A 1 20.06 -7.15 -10.74
CA GLY A 1 19.46 -8.38 -10.27
C GLY A 1 18.45 -8.95 -11.25
N PRO A 2 18.03 -10.21 -11.02
CA PRO A 2 17.06 -10.88 -11.88
C PRO A 2 15.66 -10.29 -11.76
N GLY A 3 15.01 -10.09 -12.90
CA GLY A 3 13.67 -9.53 -12.90
C GLY A 3 13.67 -8.02 -13.09
N SER A 4 12.61 -7.49 -13.68
CA SER A 4 12.49 -6.06 -13.92
C SER A 4 11.35 -5.47 -13.11
N MET A 5 11.09 -4.18 -13.32
CA MET A 5 10.03 -3.49 -12.60
C MET A 5 9.18 -2.66 -13.56
N THR A 6 7.92 -2.44 -13.19
CA THR A 6 7.01 -1.66 -14.01
C THR A 6 6.01 -0.89 -13.15
N VAL A 7 5.72 0.34 -13.55
CA VAL A 7 4.78 1.18 -12.82
C VAL A 7 3.63 1.63 -13.73
N VAL A 8 2.41 1.30 -13.34
CA VAL A 8 1.23 1.67 -14.10
C VAL A 8 0.27 2.51 -13.27
N THR A 9 -0.42 3.44 -13.93
CA THR A 9 -1.36 4.31 -13.25
C THR A 9 -2.79 4.06 -13.73
N THR A 10 -3.75 4.30 -12.84
CA THR A 10 -5.16 4.09 -13.18
C THR A 10 -5.82 5.41 -13.60
N GLU A 11 -7.12 5.34 -13.89
CA GLU A 11 -7.86 6.53 -14.30
C GLU A 11 -8.25 7.38 -13.09
N SER A 12 -8.33 6.74 -11.92
CA SER A 12 -8.69 7.43 -10.69
C SER A 12 -7.47 8.11 -10.08
N GLY A 13 -6.29 7.55 -10.32
CA GLY A 13 -5.08 8.12 -9.78
C GLY A 13 -4.22 7.09 -9.07
N LEU A 14 -4.86 6.06 -8.54
CA LEU A 14 -4.14 5.00 -7.83
C LEU A 14 -3.00 4.45 -8.67
N LYS A 15 -1.84 4.29 -8.06
CA LYS A 15 -0.66 3.77 -8.75
C LYS A 15 0.00 2.66 -7.94
N TYR A 16 0.66 1.74 -8.65
CA TYR A 16 1.34 0.63 -7.99
C TYR A 16 2.47 0.09 -8.86
N GLU A 17 3.63 -0.11 -8.25
CA GLU A 17 4.79 -0.61 -8.97
C GLU A 17 5.34 -1.86 -8.29
N ASP A 18 5.39 -2.97 -9.05
CA ASP A 18 5.90 -4.23 -8.51
C ASP A 18 7.29 -4.04 -7.91
N LEU A 19 7.48 -4.59 -6.71
CA LEU A 19 8.76 -4.48 -6.02
C LEU A 19 9.37 -5.86 -5.81
N THR A 20 8.52 -6.88 -5.69
CA THR A 20 8.99 -8.24 -5.48
C THR A 20 7.90 -9.25 -5.84
N GLU A 21 8.15 -10.05 -6.87
CA GLU A 21 7.19 -11.06 -7.31
C GLU A 21 6.80 -11.98 -6.15
N GLY A 22 5.51 -12.25 -6.03
CA GLY A 22 5.03 -13.12 -4.96
C GLY A 22 4.35 -14.36 -5.49
N SER A 23 4.77 -15.52 -4.98
CA SER A 23 4.20 -16.79 -5.40
C SER A 23 3.54 -17.52 -4.24
N GLY A 24 2.35 -17.07 -3.86
CA GLY A 24 1.64 -17.68 -2.76
C GLY A 24 0.13 -17.71 -2.99
N ALA A 25 -0.55 -16.69 -2.50
CA ALA A 25 -2.00 -16.60 -2.65
C ALA A 25 -2.46 -15.15 -2.70
N GLU A 26 -3.33 -14.84 -3.66
CA GLU A 26 -3.85 -13.48 -3.82
C GLU A 26 -4.91 -13.18 -2.77
N ALA A 27 -4.76 -12.05 -2.09
CA ALA A 27 -5.72 -11.65 -1.07
C ALA A 27 -7.14 -11.65 -1.60
N ARG A 28 -8.05 -12.29 -0.87
CA ARG A 28 -9.44 -12.38 -1.28
C ARG A 28 -10.28 -11.34 -0.54
N ALA A 29 -11.27 -10.78 -1.24
CA ALA A 29 -12.15 -9.78 -0.65
C ALA A 29 -13.05 -10.38 0.42
N GLY A 30 -13.07 -9.76 1.60
CA GLY A 30 -13.88 -10.25 2.69
C GLY A 30 -13.12 -11.21 3.59
N GLN A 31 -11.84 -11.41 3.29
CA GLN A 31 -11.01 -12.32 4.09
C GLN A 31 -9.87 -11.56 4.76
N THR A 32 -9.48 -12.02 5.95
CA THR A 32 -8.41 -11.38 6.69
C THR A 32 -7.04 -11.72 6.09
N VAL A 33 -6.09 -10.83 6.29
CA VAL A 33 -4.74 -11.03 5.77
C VAL A 33 -3.73 -10.14 6.49
N SER A 34 -2.54 -10.68 6.74
CA SER A 34 -1.49 -9.93 7.42
C SER A 34 -0.42 -9.45 6.44
N VAL A 35 -0.16 -8.15 6.44
CA VAL A 35 0.83 -7.58 5.54
C VAL A 35 1.59 -6.44 6.23
N HIS A 36 2.69 -6.01 5.61
CA HIS A 36 3.50 -4.93 6.15
C HIS A 36 3.31 -3.65 5.34
N TYR A 37 3.09 -2.55 6.03
CA TYR A 37 2.89 -1.26 5.37
C TYR A 37 3.99 -0.28 5.76
N THR A 38 4.43 0.52 4.79
CA THR A 38 5.48 1.50 5.03
C THR A 38 5.13 2.84 4.39
N GLY A 39 4.91 3.85 5.23
CA GLY A 39 4.58 5.17 4.72
C GLY A 39 5.80 6.00 4.40
N TRP A 40 5.87 6.50 3.17
CA TRP A 40 7.00 7.32 2.73
C TRP A 40 6.51 8.61 2.06
N LEU A 41 7.14 9.72 2.42
CA LEU A 41 6.78 11.02 1.87
C LEU A 41 7.32 11.16 0.45
N THR A 42 6.89 12.22 -0.23
CA THR A 42 7.32 12.48 -1.60
C THR A 42 8.85 12.49 -1.70
N ASP A 43 9.50 13.03 -0.67
CA ASP A 43 10.95 13.10 -0.64
C ASP A 43 11.55 11.81 -0.10
N GLY A 44 10.72 11.00 0.54
CA GLY A 44 11.18 9.74 1.10
C GLY A 44 11.03 9.68 2.60
N GLN A 45 10.80 10.84 3.22
CA GLN A 45 10.65 10.91 4.67
C GLN A 45 9.60 9.91 5.15
N LYS A 46 10.05 8.89 5.88
CA LYS A 46 9.15 7.87 6.41
C LYS A 46 8.28 8.43 7.53
N PHE A 47 6.99 8.13 7.48
CA PHE A 47 6.06 8.61 8.50
C PHE A 47 5.17 7.47 9.00
N ASP A 48 5.61 6.23 8.78
CA ASP A 48 4.86 5.07 9.20
C ASP A 48 5.60 3.78 8.84
N SER A 49 5.74 2.89 9.83
CA SER A 49 6.44 1.63 9.62
C SER A 49 5.80 0.52 10.45
N SER A 50 5.29 -0.50 9.77
CA SER A 50 4.65 -1.63 10.44
C SER A 50 5.68 -2.46 11.20
N LYS A 51 6.92 -2.47 10.71
CA LYS A 51 7.99 -3.22 11.33
C LYS A 51 8.23 -2.73 12.76
N ASP A 52 7.83 -1.50 13.04
CA ASP A 52 8.01 -0.91 14.36
C ASP A 52 7.43 -1.82 15.43
N ARG A 53 6.20 -2.29 15.20
CA ARG A 53 5.53 -3.15 16.15
C ARG A 53 6.12 -4.56 16.13
N ASN A 54 6.96 -4.81 15.13
CA ASN A 54 7.61 -6.12 15.00
C ASN A 54 6.56 -7.21 14.75
N ASP A 55 5.43 -6.82 14.19
CA ASP A 55 4.36 -7.76 13.91
C ASP A 55 3.60 -7.36 12.64
N PRO A 56 3.07 -8.36 11.92
CA PRO A 56 2.32 -8.13 10.68
C PRO A 56 0.96 -7.48 10.94
N PHE A 57 0.54 -6.62 10.02
CA PHE A 57 -0.73 -5.93 10.15
C PHE A 57 -1.87 -6.76 9.56
N ALA A 58 -2.63 -7.40 10.43
CA ALA A 58 -3.76 -8.23 10.00
C ALA A 58 -5.04 -7.42 9.91
N PHE A 59 -5.60 -7.32 8.72
CA PHE A 59 -6.82 -6.58 8.50
C PHE A 59 -7.78 -7.33 7.57
N VAL A 60 -9.00 -6.82 7.43
CA VAL A 60 -9.99 -7.45 6.57
C VAL A 60 -9.96 -6.86 5.17
N LEU A 61 -9.99 -7.73 4.16
CA LEU A 61 -9.96 -7.29 2.76
C LEU A 61 -11.29 -6.65 2.37
N GLY A 62 -11.23 -5.43 1.87
CA GLY A 62 -12.44 -4.74 1.46
C GLY A 62 -12.37 -3.24 1.72
N GLY A 63 -12.55 -2.86 2.97
CA GLY A 63 -12.52 -1.45 3.33
C GLY A 63 -12.56 -1.23 4.82
N GLY A 64 -12.04 -2.19 5.59
CA GLY A 64 -12.04 -2.07 7.03
C GLY A 64 -10.74 -1.51 7.57
N MET A 65 -10.79 -0.28 8.07
CA MET A 65 -9.61 0.38 8.62
C MET A 65 -8.55 0.58 7.54
N VAL A 66 -8.98 0.57 6.28
CA VAL A 66 -8.07 0.76 5.16
C VAL A 66 -8.60 1.80 4.18
N ILE A 67 -7.76 2.18 3.22
CA ILE A 67 -8.15 3.18 2.23
C ILE A 67 -8.40 2.52 0.87
N LYS A 68 -9.02 3.28 -0.03
CA LYS A 68 -9.31 2.77 -1.37
C LYS A 68 -8.09 2.11 -1.99
N GLY A 69 -7.00 2.85 -2.06
CA GLY A 69 -5.77 2.31 -2.62
C GLY A 69 -5.34 1.02 -1.96
N TRP A 70 -5.68 0.88 -0.68
CA TRP A 70 -5.31 -0.32 0.08
C TRP A 70 -6.07 -1.54 -0.45
N ASP A 71 -7.40 -1.47 -0.41
CA ASP A 71 -8.22 -2.57 -0.88
C ASP A 71 -7.87 -2.95 -2.31
N GLU A 72 -7.72 -1.95 -3.17
CA GLU A 72 -7.37 -2.18 -4.56
C GLU A 72 -6.03 -2.90 -4.68
N GLY A 73 -5.07 -2.47 -3.88
CA GLY A 73 -3.75 -3.08 -3.90
C GLY A 73 -3.77 -4.53 -3.46
N VAL A 74 -4.15 -4.76 -2.20
CA VAL A 74 -4.21 -6.11 -1.66
C VAL A 74 -5.14 -6.99 -2.48
N GLN A 75 -6.11 -6.37 -3.15
CA GLN A 75 -7.07 -7.10 -3.97
C GLN A 75 -6.35 -7.97 -5.00
N GLY A 76 -5.11 -7.60 -5.32
CA GLY A 76 -4.33 -8.36 -6.28
C GLY A 76 -3.05 -8.90 -5.69
N MET A 77 -2.53 -8.22 -4.67
CA MET A 77 -1.30 -8.64 -4.02
C MET A 77 -1.36 -10.11 -3.62
N LYS A 78 -0.22 -10.79 -3.70
CA LYS A 78 -0.15 -12.20 -3.35
C LYS A 78 0.79 -12.42 -2.16
N VAL A 79 0.55 -13.51 -1.43
CA VAL A 79 1.37 -13.82 -0.27
C VAL A 79 2.85 -13.86 -0.63
N GLY A 80 3.64 -13.09 0.11
CA GLY A 80 5.07 -13.04 -0.15
C GLY A 80 5.43 -12.05 -1.24
N GLY A 81 4.42 -11.39 -1.79
CA GLY A 81 4.65 -10.42 -2.84
C GLY A 81 4.74 -8.99 -2.33
N VAL A 82 5.70 -8.24 -2.85
CA VAL A 82 5.88 -6.85 -2.42
C VAL A 82 5.61 -5.88 -3.57
N ARG A 83 4.84 -4.84 -3.29
CA ARG A 83 4.51 -3.84 -4.31
C ARG A 83 4.37 -2.46 -3.69
N ARG A 84 4.89 -1.45 -4.38
CA ARG A 84 4.83 -0.08 -3.90
C ARG A 84 3.54 0.60 -4.34
N LEU A 85 2.60 0.73 -3.41
CA LEU A 85 1.31 1.35 -3.70
C LEU A 85 1.37 2.85 -3.47
N THR A 86 1.20 3.62 -4.55
CA THR A 86 1.25 5.07 -4.47
C THR A 86 -0.16 5.66 -4.49
N ILE A 87 -0.50 6.39 -3.43
CA ILE A 87 -1.82 7.01 -3.33
C ILE A 87 -1.71 8.53 -3.30
N PRO A 88 -2.54 9.19 -4.12
CA PRO A 88 -2.56 10.66 -4.20
C PRO A 88 -3.12 11.31 -2.95
N PRO A 89 -3.00 12.64 -2.87
CA PRO A 89 -3.49 13.41 -1.72
C PRO A 89 -5.01 13.44 -1.66
N GLN A 90 -5.66 12.88 -2.67
CA GLN A 90 -7.11 12.85 -2.71
C GLN A 90 -7.64 11.51 -2.20
N LEU A 91 -7.05 10.43 -2.67
CA LEU A 91 -7.47 9.09 -2.26
C LEU A 91 -6.65 8.61 -1.06
N GLY A 92 -5.96 9.54 -0.41
CA GLY A 92 -5.16 9.20 0.75
C GLY A 92 -5.70 9.78 2.03
N TYR A 93 -5.15 10.92 2.44
CA TYR A 93 -5.59 11.58 3.67
C TYR A 93 -6.54 12.72 3.36
N GLY A 94 -6.42 13.29 2.17
CA GLY A 94 -7.27 14.39 1.76
C GLY A 94 -6.50 15.67 1.53
N ALA A 95 -7.22 16.75 1.25
CA ALA A 95 -6.59 18.05 1.01
C ALA A 95 -6.01 18.62 2.29
N ARG A 96 -6.53 18.16 3.41
CA ARG A 96 -6.06 18.64 4.72
C ARG A 96 -4.81 17.88 5.15
N GLY A 97 -4.68 16.64 4.67
CA GLY A 97 -3.52 15.83 5.03
C GLY A 97 -3.68 15.17 6.39
N ALA A 98 -2.84 14.18 6.66
CA ALA A 98 -2.87 13.46 7.92
C ALA A 98 -2.16 14.24 9.03
N GLY A 99 -2.87 14.52 10.10
CA GLY A 99 -2.29 15.26 11.21
C GLY A 99 -1.62 16.54 10.77
N GLY A 100 -0.32 16.63 10.96
CA GLY A 100 0.41 17.83 10.57
C GLY A 100 1.77 17.51 9.95
N VAL A 101 1.93 16.26 9.51
CA VAL A 101 3.18 15.83 8.90
C VAL A 101 3.06 15.76 7.38
N ILE A 102 1.87 15.39 6.92
CA ILE A 102 1.62 15.27 5.48
C ILE A 102 1.02 16.57 4.93
N PRO A 103 1.57 17.03 3.79
CA PRO A 103 1.10 18.27 3.14
C PRO A 103 -0.28 18.10 2.52
N PRO A 104 -0.90 19.22 2.13
CA PRO A 104 -2.23 19.22 1.51
C PRO A 104 -2.22 18.62 0.11
N ASN A 105 -1.27 19.07 -0.72
CA ASN A 105 -1.15 18.57 -2.08
C ASN A 105 0.19 17.89 -2.30
N ALA A 106 0.16 16.56 -2.39
CA ALA A 106 1.38 15.78 -2.60
C ALA A 106 1.07 14.30 -2.71
N THR A 107 1.90 13.57 -3.45
CA THR A 107 1.71 12.14 -3.63
C THR A 107 2.34 11.34 -2.49
N LEU A 108 1.57 10.45 -1.89
CA LEU A 108 2.06 9.63 -0.79
C LEU A 108 2.50 8.26 -1.29
N VAL A 109 3.72 7.87 -0.94
CA VAL A 109 4.27 6.59 -1.36
C VAL A 109 4.18 5.57 -0.23
N PHE A 110 3.34 4.55 -0.42
CA PHE A 110 3.17 3.51 0.59
C PHE A 110 3.59 2.15 0.04
N GLU A 111 4.38 1.42 0.83
CA GLU A 111 4.86 0.10 0.42
C GLU A 111 4.09 -0.99 1.16
N VAL A 112 3.49 -1.90 0.40
CA VAL A 112 2.74 -3.01 0.98
C VAL A 112 3.35 -4.36 0.60
N GLU A 113 3.56 -5.20 1.61
CA GLU A 113 4.15 -6.51 1.39
C GLU A 113 3.32 -7.60 2.07
N LEU A 114 2.80 -8.53 1.28
CA LEU A 114 1.99 -9.62 1.79
C LEU A 114 2.84 -10.58 2.62
N LEU A 115 2.42 -10.83 3.85
CA LEU A 115 3.15 -11.73 4.74
C LEU A 115 2.43 -13.08 4.83
N ASP A 116 1.16 -13.04 5.20
CA ASP A 116 0.36 -14.26 5.32
C ASP A 116 -1.13 -13.95 5.20
N VAL A 117 -1.92 -14.99 4.96
CA VAL A 117 -3.36 -14.84 4.81
C VAL A 117 -4.11 -15.65 5.87
N GLY A 1 5.37 -11.66 -20.04
CA GLY A 1 6.63 -10.96 -20.12
C GLY A 1 7.23 -10.68 -18.76
N PRO A 2 8.27 -9.83 -18.71
CA PRO A 2 8.94 -9.46 -17.47
C PRO A 2 8.07 -8.60 -16.56
N GLY A 3 8.02 -8.96 -15.28
CA GLY A 3 7.21 -8.21 -14.33
C GLY A 3 8.04 -7.20 -13.56
N SER A 4 9.07 -6.66 -14.19
CA SER A 4 9.94 -5.68 -13.55
C SER A 4 10.32 -4.57 -14.52
N MET A 5 10.90 -3.49 -13.99
CA MET A 5 11.32 -2.37 -14.81
C MET A 5 10.13 -1.80 -15.59
N THR A 6 8.95 -1.87 -14.99
CA THR A 6 7.74 -1.36 -15.62
C THR A 6 6.73 -0.90 -14.58
N VAL A 7 6.20 0.30 -14.77
CA VAL A 7 5.21 0.86 -13.85
C VAL A 7 4.00 1.39 -14.59
N VAL A 8 2.82 1.07 -14.09
CA VAL A 8 1.57 1.53 -14.71
C VAL A 8 0.72 2.31 -13.73
N THR A 9 0.03 3.33 -14.23
CA THR A 9 -0.82 4.17 -13.39
C THR A 9 -2.26 4.14 -13.88
N THR A 10 -3.20 4.18 -12.93
CA THR A 10 -4.62 4.15 -13.27
C THR A 10 -5.13 5.55 -13.59
N GLU A 11 -6.42 5.65 -13.88
CA GLU A 11 -7.03 6.93 -14.21
C GLU A 11 -7.36 7.72 -12.95
N SER A 12 -7.77 7.01 -11.91
CA SER A 12 -8.12 7.64 -10.64
C SER A 12 -6.90 8.27 -9.99
N GLY A 13 -5.72 7.70 -10.28
CA GLY A 13 -4.49 8.21 -9.71
C GLY A 13 -3.69 7.13 -9.01
N LEU A 14 -4.37 6.10 -8.54
CA LEU A 14 -3.71 5.00 -7.84
C LEU A 14 -2.55 4.46 -8.66
N LYS A 15 -1.43 4.20 -7.99
CA LYS A 15 -0.24 3.67 -8.65
C LYS A 15 0.39 2.55 -7.82
N TYR A 16 1.20 1.72 -8.49
CA TYR A 16 1.87 0.62 -7.81
C TYR A 16 3.15 0.23 -8.54
N GLU A 17 4.16 -0.18 -7.77
CA GLU A 17 5.44 -0.58 -8.34
C GLU A 17 5.89 -1.93 -7.79
N ASP A 18 6.04 -2.90 -8.68
CA ASP A 18 6.46 -4.24 -8.28
C ASP A 18 7.82 -4.20 -7.60
N LEU A 19 7.90 -4.76 -6.40
CA LEU A 19 9.14 -4.78 -5.64
C LEU A 19 9.65 -6.21 -5.47
N THR A 20 8.73 -7.15 -5.37
CA THR A 20 9.07 -8.56 -5.20
C THR A 20 7.91 -9.46 -5.57
N GLU A 21 8.11 -10.34 -6.54
CA GLU A 21 7.07 -11.26 -6.97
C GLU A 21 6.59 -12.13 -5.82
N GLY A 22 5.31 -12.45 -5.81
CA GLY A 22 4.75 -13.27 -4.76
C GLY A 22 3.89 -14.40 -5.29
N SER A 23 4.50 -15.57 -5.48
CA SER A 23 3.79 -16.73 -5.99
C SER A 23 3.17 -17.54 -4.85
N GLY A 24 2.32 -16.89 -4.07
CA GLY A 24 1.67 -17.56 -2.96
C GLY A 24 0.17 -17.69 -3.15
N ALA A 25 -0.54 -16.59 -2.98
CA ALA A 25 -1.99 -16.57 -3.13
C ALA A 25 -2.53 -15.15 -3.11
N GLU A 26 -3.31 -14.80 -4.13
CA GLU A 26 -3.89 -13.47 -4.23
C GLU A 26 -4.96 -13.27 -3.16
N ALA A 27 -4.93 -12.12 -2.50
CA ALA A 27 -5.90 -11.81 -1.45
C ALA A 27 -7.33 -11.99 -1.97
N ARG A 28 -8.21 -12.45 -1.09
CA ARG A 28 -9.60 -12.67 -1.46
C ARG A 28 -10.52 -11.69 -0.72
N ALA A 29 -11.59 -11.27 -1.39
CA ALA A 29 -12.54 -10.34 -0.80
C ALA A 29 -13.24 -10.96 0.41
N GLY A 30 -13.22 -10.24 1.53
CA GLY A 30 -13.85 -10.74 2.75
C GLY A 30 -12.98 -11.73 3.48
N GLN A 31 -11.77 -11.95 2.98
CA GLN A 31 -10.84 -12.89 3.60
C GLN A 31 -9.84 -12.15 4.48
N THR A 32 -9.59 -12.69 5.66
CA THR A 32 -8.64 -12.09 6.60
C THR A 32 -7.20 -12.40 6.21
N VAL A 33 -6.37 -11.37 6.13
CA VAL A 33 -4.97 -11.54 5.78
C VAL A 33 -4.10 -10.53 6.52
N SER A 34 -2.80 -10.85 6.63
CA SER A 34 -1.85 -9.98 7.31
C SER A 34 -0.78 -9.48 6.35
N VAL A 35 -0.51 -8.19 6.41
CA VAL A 35 0.50 -7.57 5.54
C VAL A 35 1.25 -6.46 6.27
N HIS A 36 2.32 -5.98 5.65
CA HIS A 36 3.12 -4.92 6.25
C HIS A 36 2.99 -3.62 5.45
N TYR A 37 2.74 -2.52 6.14
CA TYR A 37 2.59 -1.22 5.50
C TYR A 37 3.69 -0.26 5.93
N THR A 38 4.18 0.53 4.98
CA THR A 38 5.24 1.48 5.25
C THR A 38 4.94 2.84 4.61
N GLY A 39 4.61 3.82 5.45
CA GLY A 39 4.31 5.15 4.94
C GLY A 39 5.56 5.96 4.66
N TRP A 40 5.64 6.53 3.46
CA TRP A 40 6.79 7.33 3.07
C TRP A 40 6.34 8.65 2.45
N LEU A 41 6.98 9.74 2.85
CA LEU A 41 6.64 11.07 2.33
C LEU A 41 7.26 11.27 0.95
N THR A 42 6.83 12.33 0.27
CA THR A 42 7.35 12.65 -1.05
C THR A 42 8.86 12.75 -1.05
N ASP A 43 9.40 13.40 -0.02
CA ASP A 43 10.85 13.56 0.11
C ASP A 43 11.51 12.26 0.58
N GLY A 44 10.71 11.38 1.18
CA GLY A 44 11.23 10.13 1.68
C GLY A 44 11.10 9.99 3.18
N GLN A 45 10.48 10.98 3.81
CA GLN A 45 10.29 10.97 5.25
C GLN A 45 9.29 9.90 5.67
N LYS A 46 9.78 8.88 6.36
CA LYS A 46 8.93 7.78 6.81
C LYS A 46 8.05 8.22 7.97
N PHE A 47 6.78 7.87 7.92
CA PHE A 47 5.83 8.23 8.96
C PHE A 47 4.99 7.02 9.37
N ASP A 48 5.49 5.83 9.09
CA ASP A 48 4.78 4.60 9.43
C ASP A 48 5.59 3.37 9.01
N SER A 49 5.87 2.50 9.98
CA SER A 49 6.63 1.29 9.72
C SER A 49 6.28 0.19 10.70
N SER A 50 5.37 -0.69 10.30
CA SER A 50 4.94 -1.79 11.15
C SER A 50 6.05 -2.82 11.33
N LYS A 51 6.99 -2.83 10.39
CA LYS A 51 8.12 -3.76 10.44
C LYS A 51 9.06 -3.41 11.58
N ASP A 52 9.42 -2.14 11.69
CA ASP A 52 10.33 -1.67 12.73
C ASP A 52 9.71 -1.93 14.11
N ARG A 53 8.40 -2.13 14.16
CA ARG A 53 7.70 -2.38 15.41
C ARG A 53 7.34 -3.85 15.53
N ASN A 54 7.78 -4.65 14.57
CA ASN A 54 7.50 -6.09 14.58
C ASN A 54 6.01 -6.35 14.76
N ASP A 55 5.19 -5.42 14.28
CA ASP A 55 3.74 -5.55 14.40
C ASP A 55 3.08 -5.50 13.02
N PRO A 56 2.81 -6.68 12.45
CA PRO A 56 2.18 -6.81 11.14
C PRO A 56 0.72 -6.38 11.16
N PHE A 57 0.29 -5.72 10.08
CA PHE A 57 -1.09 -5.25 9.98
C PHE A 57 -2.02 -6.39 9.58
N ALA A 58 -2.81 -6.87 10.54
CA ALA A 58 -3.74 -7.96 10.31
C ALA A 58 -5.16 -7.43 10.10
N PHE A 59 -5.62 -7.46 8.86
CA PHE A 59 -6.96 -6.98 8.53
C PHE A 59 -7.64 -7.91 7.53
N VAL A 60 -8.85 -7.53 7.11
CA VAL A 60 -9.60 -8.33 6.16
C VAL A 60 -9.90 -7.53 4.88
N LEU A 61 -9.80 -8.20 3.74
CA LEU A 61 -10.05 -7.56 2.45
C LEU A 61 -11.41 -6.88 2.46
N GLY A 62 -11.43 -5.60 2.09
CA GLY A 62 -12.68 -4.84 2.04
C GLY A 62 -13.37 -4.80 3.39
N GLY A 63 -12.61 -5.09 4.46
CA GLY A 63 -13.17 -5.07 5.79
C GLY A 63 -13.03 -3.72 6.46
N GLY A 64 -13.09 -2.66 5.68
CA GLY A 64 -12.96 -1.32 6.22
C GLY A 64 -11.60 -1.09 6.87
N MET A 65 -11.45 0.05 7.53
CA MET A 65 -10.20 0.39 8.19
C MET A 65 -9.07 0.54 7.18
N VAL A 66 -9.43 0.66 5.91
CA VAL A 66 -8.45 0.81 4.84
C VAL A 66 -8.88 1.86 3.84
N ILE A 67 -7.98 2.21 2.94
CA ILE A 67 -8.27 3.22 1.91
C ILE A 67 -8.47 2.58 0.55
N LYS A 68 -9.00 3.33 -0.40
CA LYS A 68 -9.24 2.84 -1.75
C LYS A 68 -8.00 2.13 -2.29
N GLY A 69 -6.88 2.84 -2.29
CA GLY A 69 -5.64 2.25 -2.78
C GLY A 69 -5.30 0.95 -2.09
N TRP A 70 -5.72 0.81 -0.84
CA TRP A 70 -5.46 -0.38 -0.07
C TRP A 70 -6.22 -1.58 -0.62
N ASP A 71 -7.55 -1.47 -0.65
CA ASP A 71 -8.40 -2.54 -1.15
C ASP A 71 -7.99 -2.93 -2.57
N GLU A 72 -7.77 -1.94 -3.42
CA GLU A 72 -7.37 -2.19 -4.80
C GLU A 72 -6.03 -2.91 -4.85
N GLY A 73 -5.10 -2.49 -4.01
CA GLY A 73 -3.79 -3.11 -3.97
C GLY A 73 -3.85 -4.57 -3.57
N VAL A 74 -4.28 -4.83 -2.35
CA VAL A 74 -4.38 -6.19 -1.84
C VAL A 74 -5.28 -7.04 -2.74
N GLN A 75 -6.22 -6.39 -3.40
CA GLN A 75 -7.15 -7.08 -4.28
C GLN A 75 -6.40 -7.90 -5.33
N GLY A 76 -5.15 -7.52 -5.59
CA GLY A 76 -4.34 -8.23 -6.56
C GLY A 76 -3.08 -8.81 -5.96
N MET A 77 -2.57 -8.17 -4.92
CA MET A 77 -1.36 -8.63 -4.25
C MET A 77 -1.49 -10.08 -3.81
N LYS A 78 -0.37 -10.79 -3.77
CA LYS A 78 -0.36 -12.19 -3.37
C LYS A 78 0.52 -12.40 -2.15
N VAL A 79 0.31 -13.52 -1.46
CA VAL A 79 1.09 -13.84 -0.27
C VAL A 79 2.58 -13.78 -0.56
N GLY A 80 3.29 -12.98 0.22
CA GLY A 80 4.73 -12.85 0.03
C GLY A 80 5.09 -11.84 -1.04
N GLY A 81 4.07 -11.22 -1.64
CA GLY A 81 4.29 -10.24 -2.68
C GLY A 81 4.51 -8.84 -2.12
N VAL A 82 5.56 -8.18 -2.59
CA VAL A 82 5.87 -6.83 -2.15
C VAL A 82 5.79 -5.83 -3.29
N ARG A 83 5.00 -4.78 -3.10
CA ARG A 83 4.83 -3.75 -4.12
C ARG A 83 4.62 -2.38 -3.48
N ARG A 84 5.21 -1.35 -4.09
CA ARG A 84 5.09 0.00 -3.58
C ARG A 84 3.83 0.68 -4.13
N LEU A 85 2.80 0.78 -3.29
CA LEU A 85 1.56 1.40 -3.70
C LEU A 85 1.60 2.92 -3.47
N THR A 86 1.41 3.67 -4.56
CA THR A 86 1.43 5.12 -4.48
C THR A 86 0.02 5.70 -4.50
N ILE A 87 -0.35 6.39 -3.42
CA ILE A 87 -1.67 6.99 -3.32
C ILE A 87 -1.59 8.51 -3.34
N PRO A 88 -2.43 9.14 -4.19
CA PRO A 88 -2.46 10.60 -4.32
C PRO A 88 -3.04 11.28 -3.09
N PRO A 89 -2.94 12.61 -3.04
CA PRO A 89 -3.46 13.40 -1.92
C PRO A 89 -4.98 13.42 -1.87
N GLN A 90 -5.61 12.83 -2.89
CA GLN A 90 -7.06 12.78 -2.96
C GLN A 90 -7.59 11.47 -2.42
N LEU A 91 -6.90 10.37 -2.75
CA LEU A 91 -7.30 9.05 -2.29
C LEU A 91 -6.59 8.68 -1.00
N GLY A 92 -6.11 9.70 -0.28
CA GLY A 92 -5.43 9.46 0.98
C GLY A 92 -6.08 10.18 2.14
N TYR A 93 -5.43 11.22 2.62
CA TYR A 93 -5.95 12.00 3.75
C TYR A 93 -6.96 13.05 3.27
N GLY A 94 -6.76 13.53 2.04
CA GLY A 94 -7.65 14.53 1.49
C GLY A 94 -7.28 15.94 1.92
N ALA A 95 -8.25 16.84 1.87
CA ALA A 95 -8.02 18.22 2.26
C ALA A 95 -7.51 18.32 3.69
N ARG A 96 -7.85 17.32 4.50
CA ARG A 96 -7.43 17.29 5.90
C ARG A 96 -5.91 17.20 6.00
N GLY A 97 -5.36 16.09 5.56
CA GLY A 97 -3.92 15.89 5.61
C GLY A 97 -3.41 15.73 7.02
N ALA A 98 -2.36 14.92 7.18
CA ALA A 98 -1.78 14.68 8.49
C ALA A 98 -1.23 15.97 9.10
N GLY A 99 -1.11 15.98 10.42
CA GLY A 99 -0.59 17.16 11.11
C GLY A 99 0.89 17.35 10.89
N GLY A 100 1.29 18.56 10.51
CA GLY A 100 2.69 18.85 10.29
C GLY A 100 3.19 18.30 8.96
N VAL A 101 3.19 16.98 8.83
CA VAL A 101 3.64 16.33 7.61
C VAL A 101 2.48 16.07 6.66
N ILE A 102 2.79 15.55 5.48
CA ILE A 102 1.76 15.24 4.49
C ILE A 102 1.08 16.52 4.00
N PRO A 103 1.79 17.30 3.18
CA PRO A 103 1.26 18.55 2.64
C PRO A 103 0.16 18.32 1.62
N PRO A 104 -0.55 19.40 1.25
CA PRO A 104 -1.65 19.34 0.28
C PRO A 104 -1.15 19.07 -1.13
N ASN A 105 -2.00 18.43 -1.93
CA ASN A 105 -1.65 18.11 -3.32
C ASN A 105 -0.30 17.39 -3.38
N ALA A 106 -0.03 16.54 -2.40
CA ALA A 106 1.21 15.79 -2.34
C ALA A 106 0.96 14.30 -2.54
N THR A 107 1.91 13.63 -3.18
CA THR A 107 1.80 12.19 -3.42
C THR A 107 2.39 11.38 -2.27
N LEU A 108 1.58 10.48 -1.72
CA LEU A 108 2.03 9.65 -0.61
C LEU A 108 2.49 8.29 -1.11
N VAL A 109 3.69 7.89 -0.71
CA VAL A 109 4.26 6.61 -1.11
C VAL A 109 4.14 5.58 0.01
N PHE A 110 3.30 4.57 -0.21
CA PHE A 110 3.09 3.52 0.78
C PHE A 110 3.55 2.16 0.24
N GLU A 111 4.31 1.43 1.05
CA GLU A 111 4.80 0.12 0.66
C GLU A 111 3.99 -0.99 1.32
N VAL A 112 3.53 -1.94 0.51
CA VAL A 112 2.75 -3.06 1.02
C VAL A 112 3.47 -4.39 0.80
N GLU A 113 3.53 -5.20 1.85
CA GLU A 113 4.21 -6.50 1.77
C GLU A 113 3.31 -7.60 2.34
N LEU A 114 2.70 -8.38 1.46
CA LEU A 114 1.83 -9.47 1.88
C LEU A 114 2.60 -10.50 2.69
N LEU A 115 2.15 -10.72 3.93
CA LEU A 115 2.80 -11.69 4.81
C LEU A 115 2.10 -13.04 4.74
N ASP A 116 0.79 -13.04 4.97
CA ASP A 116 0.00 -14.27 4.94
C ASP A 116 -1.46 -13.97 4.64
N VAL A 117 -2.23 -15.01 4.34
CA VAL A 117 -3.64 -14.86 4.04
C VAL A 117 -4.45 -16.04 4.58
N GLY A 1 13.25 -5.70 -7.46
CA GLY A 1 14.57 -5.10 -7.40
C GLY A 1 15.44 -5.51 -8.57
N PRO A 2 15.87 -6.78 -8.59
CA PRO A 2 16.72 -7.32 -9.66
C PRO A 2 15.96 -7.44 -10.98
N GLY A 3 16.52 -6.84 -12.03
CA GLY A 3 15.90 -6.90 -13.34
C GLY A 3 15.24 -5.60 -13.72
N SER A 4 14.52 -5.60 -14.84
CA SER A 4 13.84 -4.41 -15.33
C SER A 4 12.60 -4.12 -14.48
N MET A 5 11.89 -3.06 -14.85
CA MET A 5 10.67 -2.67 -14.13
C MET A 5 9.96 -1.53 -14.86
N THR A 6 8.77 -1.20 -14.37
CA THR A 6 7.98 -0.12 -14.97
C THR A 6 6.89 0.36 -14.02
N VAL A 7 6.22 1.45 -14.39
CA VAL A 7 5.16 2.01 -13.56
C VAL A 7 3.91 2.28 -14.40
N VAL A 8 2.81 1.63 -14.04
CA VAL A 8 1.55 1.81 -14.75
C VAL A 8 0.49 2.42 -13.84
N THR A 9 -0.35 3.28 -14.41
CA THR A 9 -1.40 3.94 -13.66
C THR A 9 -2.78 3.58 -14.21
N THR A 10 -3.76 3.46 -13.32
CA THR A 10 -5.12 3.12 -13.72
C THR A 10 -5.97 4.37 -13.90
N GLU A 11 -7.26 4.18 -14.13
CA GLU A 11 -8.19 5.30 -14.31
C GLU A 11 -8.59 5.90 -12.97
N SER A 12 -8.53 5.09 -11.92
CA SER A 12 -8.90 5.55 -10.58
C SER A 12 -7.94 6.64 -10.11
N GLY A 13 -6.72 6.63 -10.63
CA GLY A 13 -5.74 7.63 -10.25
C GLY A 13 -4.55 7.02 -9.52
N LEU A 14 -4.83 6.11 -8.61
CA LEU A 14 -3.78 5.45 -7.84
C LEU A 14 -2.77 4.78 -8.76
N LYS A 15 -1.62 4.39 -8.19
CA LYS A 15 -0.58 3.73 -8.97
C LYS A 15 0.11 2.65 -8.14
N TYR A 16 0.90 1.81 -8.80
CA TYR A 16 1.62 0.74 -8.13
C TYR A 16 2.87 0.35 -8.90
N GLU A 17 3.87 -0.17 -8.19
CA GLU A 17 5.12 -0.59 -8.82
C GLU A 17 5.62 -1.89 -8.22
N ASP A 18 5.73 -2.92 -9.04
CA ASP A 18 6.19 -4.22 -8.60
C ASP A 18 7.51 -4.10 -7.84
N LEU A 19 7.62 -4.80 -6.72
CA LEU A 19 8.83 -4.77 -5.91
C LEU A 19 9.43 -6.16 -5.77
N THR A 20 8.57 -7.17 -5.64
CA THR A 20 9.01 -8.54 -5.50
C THR A 20 7.89 -9.53 -5.81
N GLU A 21 8.19 -10.53 -6.62
CA GLU A 21 7.20 -11.53 -7.00
C GLU A 21 6.75 -12.33 -5.78
N GLY A 22 5.45 -12.60 -5.71
CA GLY A 22 4.91 -13.36 -4.60
C GLY A 22 4.74 -14.83 -4.92
N SER A 23 3.77 -15.13 -5.79
CA SER A 23 3.50 -16.51 -6.19
C SER A 23 3.01 -17.33 -5.00
N GLY A 24 2.28 -16.67 -4.10
CA GLY A 24 1.76 -17.35 -2.93
C GLY A 24 0.26 -17.54 -2.98
N ALA A 25 -0.48 -16.43 -2.95
CA ALA A 25 -1.93 -16.47 -3.01
C ALA A 25 -2.52 -15.08 -3.00
N GLU A 26 -3.30 -14.76 -4.03
CA GLU A 26 -3.93 -13.45 -4.14
C GLU A 26 -4.94 -13.23 -3.02
N ALA A 27 -4.76 -12.14 -2.29
CA ALA A 27 -5.66 -11.82 -1.18
C ALA A 27 -7.11 -11.82 -1.63
N ARG A 28 -7.97 -12.44 -0.82
CA ARG A 28 -9.39 -12.53 -1.15
C ARG A 28 -10.18 -11.44 -0.42
N ALA A 29 -11.33 -11.09 -0.97
CA ALA A 29 -12.18 -10.06 -0.38
C ALA A 29 -13.01 -10.63 0.77
N GLY A 30 -13.20 -9.82 1.81
CA GLY A 30 -13.97 -10.26 2.95
C GLY A 30 -13.20 -11.20 3.85
N GLN A 31 -11.94 -11.44 3.50
CA GLN A 31 -11.08 -12.33 4.28
C GLN A 31 -9.92 -11.58 4.89
N THR A 32 -9.46 -12.04 6.06
CA THR A 32 -8.35 -11.40 6.74
C THR A 32 -7.04 -11.61 6.00
N VAL A 33 -6.02 -10.82 6.35
CA VAL A 33 -4.72 -10.92 5.70
C VAL A 33 -3.67 -10.10 6.46
N SER A 34 -2.48 -10.66 6.60
CA SER A 34 -1.40 -9.99 7.30
C SER A 34 -0.35 -9.47 6.31
N VAL A 35 -0.12 -8.17 6.33
CA VAL A 35 0.85 -7.55 5.43
C VAL A 35 1.58 -6.40 6.13
N HIS A 36 2.70 -5.97 5.54
CA HIS A 36 3.49 -4.89 6.09
C HIS A 36 3.33 -3.62 5.27
N TYR A 37 3.06 -2.51 5.94
CA TYR A 37 2.88 -1.23 5.27
C TYR A 37 3.95 -0.23 5.69
N THR A 38 4.47 0.52 4.72
CA THR A 38 5.51 1.51 4.98
C THR A 38 5.19 2.83 4.30
N GLY A 39 4.93 3.87 5.09
CA GLY A 39 4.62 5.17 4.54
C GLY A 39 5.86 5.99 4.26
N TRP A 40 5.95 6.53 3.05
CA TRP A 40 7.10 7.34 2.65
C TRP A 40 6.65 8.64 2.00
N LEU A 41 7.27 9.74 2.39
CA LEU A 41 6.93 11.05 1.84
C LEU A 41 7.53 11.23 0.45
N THR A 42 7.13 12.30 -0.23
CA THR A 42 7.62 12.58 -1.57
C THR A 42 9.15 12.73 -1.57
N ASP A 43 9.69 13.20 -0.46
CA ASP A 43 11.13 13.38 -0.32
C ASP A 43 11.80 12.09 0.12
N GLY A 44 11.02 11.18 0.70
CA GLY A 44 11.56 9.92 1.16
C GLY A 44 11.40 9.75 2.66
N GLN A 45 11.14 10.85 3.36
CA GLN A 45 10.96 10.81 4.81
C GLN A 45 9.84 9.86 5.20
N LYS A 46 10.18 8.79 5.91
CA LYS A 46 9.19 7.80 6.34
C LYS A 46 8.33 8.37 7.46
N PHE A 47 7.04 8.02 7.44
CA PHE A 47 6.11 8.49 8.45
C PHE A 47 5.16 7.37 8.88
N ASP A 48 5.60 6.13 8.69
CA ASP A 48 4.79 4.97 9.06
C ASP A 48 5.53 3.67 8.74
N SER A 49 5.70 2.84 9.75
CA SER A 49 6.40 1.56 9.59
C SER A 49 5.92 0.55 10.62
N SER A 50 5.08 -0.38 10.18
CA SER A 50 4.54 -1.41 11.07
C SER A 50 5.66 -2.28 11.62
N LYS A 51 6.78 -2.31 10.92
CA LYS A 51 7.94 -3.10 11.34
C LYS A 51 8.47 -2.61 12.68
N ASP A 52 8.16 -1.37 13.02
CA ASP A 52 8.60 -0.79 14.28
C ASP A 52 8.21 -1.67 15.46
N ARG A 53 6.95 -2.10 15.48
CA ARG A 53 6.45 -2.95 16.55
C ARG A 53 6.90 -4.40 16.36
N ASN A 54 7.57 -4.65 15.24
CA ASN A 54 8.06 -5.99 14.93
C ASN A 54 6.90 -6.98 14.78
N ASP A 55 5.81 -6.50 14.18
CA ASP A 55 4.63 -7.34 13.98
C ASP A 55 3.88 -6.90 12.73
N PRO A 56 3.37 -7.90 11.97
CA PRO A 56 2.63 -7.65 10.73
C PRO A 56 1.27 -7.03 10.99
N PHE A 57 0.70 -6.40 9.97
CA PHE A 57 -0.61 -5.76 10.08
C PHE A 57 -1.71 -6.66 9.54
N ALA A 58 -2.44 -7.31 10.43
CA ALA A 58 -3.51 -8.20 10.04
C ALA A 58 -4.85 -7.46 10.01
N PHE A 59 -5.42 -7.31 8.82
CA PHE A 59 -6.69 -6.61 8.66
C PHE A 59 -7.63 -7.42 7.78
N VAL A 60 -8.84 -6.90 7.58
CA VAL A 60 -9.84 -7.56 6.75
C VAL A 60 -9.96 -6.90 5.38
N LEU A 61 -9.83 -7.69 4.34
CA LEU A 61 -9.92 -7.18 2.97
C LEU A 61 -11.21 -6.37 2.78
N GLY A 62 -11.05 -5.10 2.42
CA GLY A 62 -12.21 -4.24 2.22
C GLY A 62 -13.17 -4.28 3.38
N GLY A 63 -12.68 -3.89 4.56
CA GLY A 63 -13.53 -3.89 5.74
C GLY A 63 -13.98 -2.48 6.12
N GLY A 64 -13.07 -1.52 6.05
CA GLY A 64 -13.40 -0.16 6.40
C GLY A 64 -12.25 0.58 7.05
N MET A 65 -11.28 -0.17 7.55
CA MET A 65 -10.11 0.42 8.21
C MET A 65 -8.96 0.55 7.22
N VAL A 66 -9.28 0.87 5.97
CA VAL A 66 -8.27 1.04 4.94
C VAL A 66 -8.69 2.09 3.91
N ILE A 67 -7.82 2.34 2.94
CA ILE A 67 -8.11 3.32 1.90
C ILE A 67 -8.33 2.64 0.55
N LYS A 68 -8.87 3.38 -0.41
CA LYS A 68 -9.14 2.85 -1.73
C LYS A 68 -7.92 2.12 -2.28
N GLY A 69 -6.78 2.81 -2.31
CA GLY A 69 -5.56 2.21 -2.80
C GLY A 69 -5.22 0.91 -2.10
N TRP A 70 -5.62 0.81 -0.83
CA TRP A 70 -5.35 -0.40 -0.05
C TRP A 70 -6.17 -1.57 -0.57
N ASP A 71 -7.49 -1.42 -0.57
CA ASP A 71 -8.37 -2.48 -1.05
C ASP A 71 -7.98 -2.92 -2.45
N GLU A 72 -7.75 -1.95 -3.33
CA GLU A 72 -7.38 -2.25 -4.71
C GLU A 72 -6.06 -3.01 -4.76
N GLY A 73 -5.11 -2.62 -3.93
CA GLY A 73 -3.83 -3.28 -3.89
C GLY A 73 -3.93 -4.73 -3.44
N VAL A 74 -4.37 -4.93 -2.21
CA VAL A 74 -4.52 -6.27 -1.65
C VAL A 74 -5.44 -7.12 -2.52
N GLN A 75 -6.36 -6.46 -3.23
CA GLN A 75 -7.30 -7.16 -4.10
C GLN A 75 -6.56 -7.94 -5.19
N GLY A 76 -5.29 -7.59 -5.41
CA GLY A 76 -4.51 -8.25 -6.42
C GLY A 76 -3.22 -8.84 -5.87
N MET A 77 -2.65 -8.16 -4.88
CA MET A 77 -1.41 -8.63 -4.26
C MET A 77 -1.52 -10.08 -3.82
N LYS A 78 -0.39 -10.79 -3.86
CA LYS A 78 -0.37 -12.19 -3.46
C LYS A 78 0.52 -12.40 -2.24
N VAL A 79 0.27 -13.48 -1.51
CA VAL A 79 1.05 -13.79 -0.32
C VAL A 79 2.55 -13.83 -0.63
N GLY A 80 3.31 -13.03 0.12
CA GLY A 80 4.75 -12.98 -0.09
C GLY A 80 5.14 -12.02 -1.20
N GLY A 81 4.14 -11.36 -1.79
CA GLY A 81 4.41 -10.42 -2.86
C GLY A 81 4.57 -9.00 -2.35
N VAL A 82 5.59 -8.32 -2.85
CA VAL A 82 5.85 -6.94 -2.44
C VAL A 82 5.66 -5.97 -3.60
N ARG A 83 4.89 -4.91 -3.36
CA ARG A 83 4.62 -3.91 -4.39
C ARG A 83 4.48 -2.53 -3.77
N ARG A 84 5.03 -1.52 -4.44
CA ARG A 84 4.97 -0.15 -3.96
C ARG A 84 3.69 0.53 -4.43
N LEU A 85 2.72 0.67 -3.53
CA LEU A 85 1.45 1.31 -3.86
C LEU A 85 1.54 2.83 -3.66
N THR A 86 1.26 3.56 -4.73
CA THR A 86 1.30 5.02 -4.68
C THR A 86 -0.10 5.61 -4.60
N ILE A 87 -0.36 6.35 -3.52
CA ILE A 87 -1.66 6.97 -3.33
C ILE A 87 -1.55 8.49 -3.30
N PRO A 88 -2.43 9.16 -4.05
CA PRO A 88 -2.46 10.63 -4.12
C PRO A 88 -2.92 11.27 -2.83
N PRO A 89 -2.79 12.60 -2.74
CA PRO A 89 -3.20 13.36 -1.57
C PRO A 89 -4.71 13.40 -1.39
N GLN A 90 -5.43 12.86 -2.37
CA GLN A 90 -6.89 12.84 -2.32
C GLN A 90 -7.40 11.48 -1.86
N LEU A 91 -6.80 10.42 -2.37
CA LEU A 91 -7.18 9.06 -2.01
C LEU A 91 -6.36 8.56 -0.82
N GLY A 92 -5.69 9.48 -0.13
CA GLY A 92 -4.88 9.11 1.00
C GLY A 92 -5.39 9.72 2.30
N TYR A 93 -4.95 10.93 2.59
CA TYR A 93 -5.36 11.62 3.82
C TYR A 93 -6.36 12.73 3.50
N GLY A 94 -6.35 13.20 2.26
CA GLY A 94 -7.27 14.26 1.85
C GLY A 94 -6.54 15.53 1.46
N ALA A 95 -7.30 16.50 0.98
CA ALA A 95 -6.73 17.78 0.58
C ALA A 95 -5.98 18.45 1.73
N ARG A 96 -6.44 18.20 2.94
CA ARG A 96 -5.82 18.77 4.14
C ARG A 96 -4.60 17.95 4.55
N GLY A 97 -4.64 16.66 4.27
CA GLY A 97 -3.55 15.78 4.62
C GLY A 97 -3.71 15.15 5.99
N ALA A 98 -2.69 14.43 6.45
CA ALA A 98 -2.74 13.78 7.75
C ALA A 98 -3.15 14.76 8.84
N GLY A 99 -3.62 14.23 9.97
CA GLY A 99 -4.03 15.08 11.07
C GLY A 99 -2.86 15.62 11.85
N GLY A 100 -1.99 16.36 11.18
CA GLY A 100 -0.82 16.93 11.84
C GLY A 100 0.40 16.96 10.93
N VAL A 101 0.63 15.87 10.21
CA VAL A 101 1.77 15.78 9.31
C VAL A 101 1.31 15.65 7.86
N ILE A 102 2.27 15.50 6.96
CA ILE A 102 1.97 15.35 5.54
C ILE A 102 1.36 16.64 4.98
N PRO A 103 1.89 17.10 3.84
CA PRO A 103 1.40 18.32 3.17
C PRO A 103 0.02 18.13 2.57
N PRO A 104 -0.61 19.25 2.17
CA PRO A 104 -1.95 19.25 1.57
C PRO A 104 -1.95 18.63 0.17
N ASN A 105 -1.02 19.07 -0.67
CA ASN A 105 -0.91 18.56 -2.03
C ASN A 105 0.43 17.87 -2.25
N ALA A 106 0.40 16.54 -2.35
CA ALA A 106 1.61 15.76 -2.56
C ALA A 106 1.30 14.28 -2.71
N THR A 107 2.14 13.57 -3.44
CA THR A 107 1.95 12.14 -3.66
C THR A 107 2.56 11.32 -2.53
N LEU A 108 1.75 10.44 -1.94
CA LEU A 108 2.21 9.59 -0.84
C LEU A 108 2.64 8.22 -1.35
N VAL A 109 3.86 7.83 -1.02
CA VAL A 109 4.40 6.54 -1.43
C VAL A 109 4.30 5.52 -0.31
N PHE A 110 3.45 4.50 -0.50
CA PHE A 110 3.27 3.46 0.50
C PHE A 110 3.70 2.10 -0.05
N GLU A 111 4.48 1.36 0.74
CA GLU A 111 4.96 0.05 0.34
C GLU A 111 4.19 -1.06 1.04
N VAL A 112 3.64 -1.98 0.26
CA VAL A 112 2.88 -3.10 0.81
C VAL A 112 3.60 -4.42 0.62
N GLU A 113 3.75 -5.16 1.70
CA GLU A 113 4.44 -6.45 1.65
C GLU A 113 3.55 -7.56 2.20
N LEU A 114 2.97 -8.35 1.30
CA LEU A 114 2.10 -9.44 1.69
C LEU A 114 2.87 -10.52 2.45
N LEU A 115 2.42 -10.82 3.66
CA LEU A 115 3.08 -11.83 4.49
C LEU A 115 2.28 -13.12 4.49
N ASP A 116 0.98 -13.01 4.72
CA ASP A 116 0.11 -14.18 4.76
C ASP A 116 -1.36 -13.77 4.71
N VAL A 117 -2.24 -14.74 4.52
CA VAL A 117 -3.68 -14.48 4.45
C VAL A 117 -4.37 -14.86 5.76
N GLY A 1 17.69 -8.75 -8.65
CA GLY A 1 18.09 -7.35 -8.77
C GLY A 1 16.95 -6.45 -9.17
N PRO A 2 16.04 -6.19 -8.22
CA PRO A 2 14.87 -5.33 -8.46
C PRO A 2 15.26 -3.87 -8.64
N GLY A 3 14.26 -3.02 -8.87
CA GLY A 3 14.51 -1.60 -9.04
C GLY A 3 13.28 -0.84 -9.51
N SER A 4 13.04 0.31 -8.90
CA SER A 4 11.88 1.12 -9.25
C SER A 4 12.18 2.00 -10.47
N MET A 5 11.92 1.45 -11.65
CA MET A 5 12.16 2.17 -12.89
C MET A 5 10.84 2.57 -13.55
N THR A 6 10.10 1.58 -14.03
CA THR A 6 8.82 1.84 -14.69
C THR A 6 7.66 1.56 -13.74
N VAL A 7 6.98 2.63 -13.32
CA VAL A 7 5.83 2.50 -12.41
C VAL A 7 4.51 2.65 -13.16
N VAL A 8 3.66 1.64 -13.04
CA VAL A 8 2.36 1.66 -13.71
C VAL A 8 1.36 2.51 -12.94
N THR A 9 0.46 3.17 -13.66
CA THR A 9 -0.55 4.01 -13.05
C THR A 9 -1.93 3.73 -13.63
N THR A 10 -2.96 3.81 -12.78
CA THR A 10 -4.32 3.56 -13.21
C THR A 10 -5.03 4.87 -13.56
N GLU A 11 -6.29 4.76 -13.95
CA GLU A 11 -7.08 5.93 -14.32
C GLU A 11 -7.64 6.62 -13.08
N SER A 12 -7.99 5.83 -12.07
CA SER A 12 -8.54 6.36 -10.83
C SER A 12 -7.52 7.26 -10.13
N GLY A 13 -6.24 6.98 -10.36
CA GLY A 13 -5.19 7.77 -9.75
C GLY A 13 -4.18 6.92 -8.99
N LEU A 14 -4.68 5.94 -8.26
CA LEU A 14 -3.81 5.05 -7.48
C LEU A 14 -2.72 4.45 -8.38
N LYS A 15 -1.56 4.21 -7.79
CA LYS A 15 -0.43 3.64 -8.52
C LYS A 15 0.26 2.55 -7.70
N TYR A 16 0.98 1.68 -8.38
CA TYR A 16 1.68 0.58 -7.72
C TYR A 16 2.88 0.13 -8.55
N GLU A 17 3.98 -0.19 -7.87
CA GLU A 17 5.20 -0.65 -8.54
C GLU A 17 5.65 -1.99 -7.98
N ASP A 18 5.81 -2.97 -8.87
CA ASP A 18 6.25 -4.30 -8.47
C ASP A 18 7.70 -4.27 -7.98
N LEU A 19 7.92 -4.80 -6.79
CA LEU A 19 9.25 -4.85 -6.20
C LEU A 19 9.71 -6.28 -6.00
N THR A 20 8.77 -7.16 -5.67
CA THR A 20 9.09 -8.57 -5.44
C THR A 20 7.94 -9.46 -5.90
N GLU A 21 8.21 -10.30 -6.89
CA GLU A 21 7.19 -11.22 -7.41
C GLU A 21 6.70 -12.16 -6.32
N GLY A 22 5.38 -12.23 -6.16
CA GLY A 22 4.80 -13.10 -5.14
C GLY A 22 4.06 -14.27 -5.75
N SER A 23 4.62 -15.47 -5.59
CA SER A 23 4.01 -16.68 -6.13
C SER A 23 3.36 -17.51 -5.02
N GLY A 24 2.26 -16.99 -4.48
CA GLY A 24 1.55 -17.68 -3.42
C GLY A 24 0.05 -17.72 -3.64
N ALA A 25 -0.62 -16.61 -3.34
CA ALA A 25 -2.06 -16.53 -3.51
C ALA A 25 -2.54 -15.08 -3.39
N GLU A 26 -3.36 -14.65 -4.35
CA GLU A 26 -3.89 -13.29 -4.34
C GLU A 26 -4.75 -13.03 -3.12
N ALA A 27 -4.52 -11.91 -2.46
CA ALA A 27 -5.27 -11.54 -1.26
C ALA A 27 -6.77 -11.63 -1.52
N ARG A 28 -7.44 -12.51 -0.79
CA ARG A 28 -8.88 -12.69 -0.93
C ARG A 28 -9.65 -11.56 -0.26
N ALA A 29 -10.90 -11.38 -0.64
CA ALA A 29 -11.74 -10.33 -0.07
C ALA A 29 -12.66 -10.89 1.00
N GLY A 30 -12.95 -10.07 2.00
CA GLY A 30 -13.82 -10.49 3.09
C GLY A 30 -13.13 -11.41 4.07
N GLN A 31 -11.82 -11.63 3.85
CA GLN A 31 -11.05 -12.50 4.72
C GLN A 31 -9.92 -11.71 5.40
N THR A 32 -9.51 -12.18 6.57
CA THR A 32 -8.45 -11.53 7.32
C THR A 32 -7.07 -11.89 6.76
N VAL A 33 -6.37 -10.90 6.23
CA VAL A 33 -5.04 -11.11 5.67
C VAL A 33 -3.98 -10.36 6.47
N SER A 34 -2.79 -10.94 6.54
CA SER A 34 -1.68 -10.32 7.27
C SER A 34 -0.62 -9.82 6.31
N VAL A 35 -0.36 -8.52 6.34
CA VAL A 35 0.65 -7.92 5.47
C VAL A 35 1.36 -6.77 6.17
N HIS A 36 2.52 -6.40 5.66
CA HIS A 36 3.31 -5.32 6.24
C HIS A 36 3.18 -4.05 5.41
N TYR A 37 2.90 -2.93 6.08
CA TYR A 37 2.74 -1.65 5.40
C TYR A 37 3.79 -0.64 5.88
N THR A 38 4.20 0.24 4.99
CA THR A 38 5.20 1.26 5.31
C THR A 38 4.81 2.62 4.75
N GLY A 39 5.16 3.67 5.47
CA GLY A 39 4.83 5.01 5.02
C GLY A 39 6.08 5.83 4.69
N TRP A 40 6.11 6.37 3.48
CA TRP A 40 7.26 7.17 3.04
C TRP A 40 6.79 8.44 2.35
N LEU A 41 7.41 9.56 2.70
CA LEU A 41 7.05 10.85 2.11
C LEU A 41 7.65 11.00 0.71
N THR A 42 7.31 12.09 0.04
CA THR A 42 7.81 12.34 -1.30
C THR A 42 9.33 12.37 -1.34
N ASP A 43 9.93 12.99 -0.32
CA ASP A 43 11.39 13.09 -0.23
C ASP A 43 11.98 11.79 0.32
N GLY A 44 11.12 10.96 0.92
CA GLY A 44 11.58 9.70 1.47
C GLY A 44 11.37 9.62 2.97
N GLN A 45 11.10 10.77 3.59
CA GLN A 45 10.88 10.83 5.03
C GLN A 45 9.81 9.83 5.46
N LYS A 46 10.22 8.80 6.19
CA LYS A 46 9.30 7.77 6.65
C LYS A 46 8.41 8.30 7.78
N PHE A 47 7.13 7.96 7.73
CA PHE A 47 6.19 8.40 8.76
C PHE A 47 5.23 7.28 9.12
N ASP A 48 5.68 6.04 8.96
CA ASP A 48 4.86 4.87 9.29
C ASP A 48 5.64 3.59 9.07
N SER A 49 5.66 2.72 10.08
CA SER A 49 6.37 1.46 10.00
C SER A 49 5.66 0.38 10.82
N SER A 50 4.82 -0.40 10.15
CA SER A 50 4.07 -1.47 10.81
C SER A 50 5.02 -2.45 11.50
N LYS A 51 6.25 -2.51 11.02
CA LYS A 51 7.26 -3.39 11.60
C LYS A 51 7.67 -2.92 12.99
N ASP A 52 7.36 -1.66 13.30
CA ASP A 52 7.70 -1.09 14.59
C ASP A 52 7.13 -1.94 15.73
N ARG A 53 5.89 -2.39 15.57
CA ARG A 53 5.23 -3.21 16.58
C ARG A 53 5.77 -4.64 16.54
N ASN A 54 6.61 -4.92 15.56
CA ASN A 54 7.20 -6.26 15.42
C ASN A 54 6.11 -7.30 15.13
N ASP A 55 5.24 -6.99 14.18
CA ASP A 55 4.16 -7.89 13.80
C ASP A 55 3.45 -7.40 12.54
N PRO A 56 3.03 -8.34 11.70
CA PRO A 56 2.33 -8.04 10.44
C PRO A 56 0.93 -7.49 10.68
N PHE A 57 0.55 -6.51 9.88
CA PHE A 57 -0.77 -5.89 9.99
C PHE A 57 -1.87 -6.88 9.61
N ALA A 58 -2.59 -7.36 10.62
CA ALA A 58 -3.67 -8.32 10.40
C ALA A 58 -5.00 -7.59 10.20
N PHE A 59 -5.40 -7.42 8.94
CA PHE A 59 -6.64 -6.76 8.62
C PHE A 59 -7.40 -7.51 7.52
N VAL A 60 -8.72 -7.34 7.49
CA VAL A 60 -9.55 -7.99 6.49
C VAL A 60 -9.69 -7.15 5.23
N LEU A 61 -9.51 -7.77 4.07
CA LEU A 61 -9.62 -7.07 2.80
C LEU A 61 -11.07 -6.72 2.49
N GLY A 62 -11.30 -5.45 2.16
CA GLY A 62 -12.65 -5.01 1.84
C GLY A 62 -13.52 -4.87 3.08
N GLY A 63 -12.93 -5.08 4.24
CA GLY A 63 -13.68 -4.98 5.49
C GLY A 63 -13.69 -3.57 6.04
N GLY A 64 -12.63 -2.81 5.77
CA GLY A 64 -12.56 -1.45 6.25
C GLY A 64 -11.24 -1.14 6.94
N MET A 65 -11.20 -0.05 7.69
CA MET A 65 -9.99 0.35 8.40
C MET A 65 -8.84 0.58 7.44
N VAL A 66 -9.18 0.86 6.18
CA VAL A 66 -8.16 1.11 5.15
C VAL A 66 -8.66 2.14 4.13
N ILE A 67 -7.81 2.44 3.16
CA ILE A 67 -8.15 3.41 2.12
C ILE A 67 -8.38 2.72 0.78
N LYS A 68 -8.98 3.45 -0.15
CA LYS A 68 -9.25 2.91 -1.49
C LYS A 68 -8.00 2.25 -2.07
N GLY A 69 -6.89 2.99 -2.06
CA GLY A 69 -5.65 2.46 -2.58
C GLY A 69 -5.24 1.17 -1.92
N TRP A 70 -5.62 1.01 -0.65
CA TRP A 70 -5.27 -0.20 0.11
C TRP A 70 -6.06 -1.40 -0.41
N ASP A 71 -7.38 -1.28 -0.40
CA ASP A 71 -8.24 -2.37 -0.88
C ASP A 71 -7.86 -2.79 -2.29
N GLU A 72 -7.68 -1.80 -3.17
CA GLU A 72 -7.31 -2.07 -4.55
C GLU A 72 -5.95 -2.73 -4.64
N GLY A 73 -5.00 -2.25 -3.84
CA GLY A 73 -3.66 -2.80 -3.85
C GLY A 73 -3.65 -4.27 -3.47
N VAL A 74 -4.07 -4.57 -2.24
CA VAL A 74 -4.09 -5.94 -1.75
C VAL A 74 -5.00 -6.82 -2.63
N GLN A 75 -6.02 -6.20 -3.22
CA GLN A 75 -6.94 -6.92 -4.07
C GLN A 75 -6.20 -7.68 -5.18
N GLY A 76 -5.01 -7.17 -5.53
CA GLY A 76 -4.21 -7.81 -6.56
C GLY A 76 -2.95 -8.43 -6.01
N MET A 77 -2.42 -7.85 -4.94
CA MET A 77 -1.19 -8.36 -4.33
C MET A 77 -1.31 -9.85 -4.05
N LYS A 78 -0.19 -10.55 -4.13
CA LYS A 78 -0.15 -11.99 -3.88
C LYS A 78 0.68 -12.31 -2.64
N VAL A 79 0.39 -13.45 -2.02
CA VAL A 79 1.12 -13.87 -0.82
C VAL A 79 2.62 -13.88 -1.08
N GLY A 80 3.36 -13.14 -0.25
CA GLY A 80 4.80 -13.07 -0.40
C GLY A 80 5.24 -12.05 -1.42
N GLY A 81 4.27 -11.36 -2.02
CA GLY A 81 4.58 -10.35 -3.02
C GLY A 81 4.73 -8.97 -2.41
N VAL A 82 5.71 -8.22 -2.90
CA VAL A 82 5.97 -6.86 -2.41
C VAL A 82 5.87 -5.84 -3.53
N ARG A 83 5.08 -4.80 -3.30
CA ARG A 83 4.90 -3.74 -4.30
C ARG A 83 4.71 -2.39 -3.61
N ARG A 84 5.28 -1.34 -4.22
CA ARG A 84 5.17 0.00 -3.66
C ARG A 84 3.89 0.68 -4.15
N LEU A 85 2.92 0.80 -3.25
CA LEU A 85 1.65 1.42 -3.59
C LEU A 85 1.72 2.94 -3.40
N THR A 86 1.61 3.68 -4.50
CA THR A 86 1.66 5.13 -4.46
C THR A 86 0.26 5.74 -4.49
N ILE A 87 -0.10 6.44 -3.43
CA ILE A 87 -1.42 7.07 -3.33
C ILE A 87 -1.29 8.59 -3.24
N PRO A 88 -2.08 9.29 -4.07
CA PRO A 88 -2.09 10.76 -4.11
C PRO A 88 -2.69 11.37 -2.85
N PRO A 89 -2.55 12.70 -2.71
CA PRO A 89 -3.09 13.42 -1.56
C PRO A 89 -4.60 13.49 -1.56
N GLN A 90 -5.21 12.98 -2.63
CA GLN A 90 -6.67 12.97 -2.75
C GLN A 90 -7.25 11.66 -2.26
N LEU A 91 -6.61 10.56 -2.63
CA LEU A 91 -7.06 9.23 -2.23
C LEU A 91 -6.35 8.77 -0.96
N GLY A 92 -5.88 9.73 -0.17
CA GLY A 92 -5.19 9.41 1.06
C GLY A 92 -5.98 9.81 2.29
N TYR A 93 -5.60 10.93 2.91
CA TYR A 93 -6.28 11.42 4.09
C TYR A 93 -7.59 12.11 3.74
N GLY A 94 -7.54 12.94 2.70
CA GLY A 94 -8.73 13.65 2.27
C GLY A 94 -8.83 15.03 2.88
N ALA A 95 -10.06 15.46 3.18
CA ALA A 95 -10.28 16.77 3.77
C ALA A 95 -9.53 16.92 5.09
N ARG A 96 -9.26 15.80 5.74
CA ARG A 96 -8.55 15.80 7.01
C ARG A 96 -7.15 16.39 6.84
N GLY A 97 -6.30 15.69 6.11
CA GLY A 97 -4.95 16.15 5.89
C GLY A 97 -4.14 16.20 7.16
N ALA A 98 -2.81 16.25 7.02
CA ALA A 98 -1.92 16.30 8.17
C ALA A 98 -1.39 17.71 8.40
N GLY A 99 -0.92 17.97 9.61
CA GLY A 99 -0.40 19.28 9.94
C GLY A 99 0.64 19.76 8.93
N GLY A 100 1.90 19.41 9.17
CA GLY A 100 2.97 19.81 8.28
C GLY A 100 3.74 18.63 7.72
N VAL A 101 3.06 17.50 7.57
CA VAL A 101 3.68 16.30 7.04
C VAL A 101 3.02 15.86 5.73
N ILE A 102 1.73 16.18 5.59
CA ILE A 102 0.99 15.81 4.39
C ILE A 102 0.43 17.05 3.69
N PRO A 103 1.31 17.80 3.01
CA PRO A 103 0.93 19.01 2.28
C PRO A 103 0.06 18.71 1.07
N PRO A 104 -0.53 19.78 0.49
CA PRO A 104 -1.40 19.65 -0.69
C PRO A 104 -0.62 19.29 -1.94
N ASN A 105 -1.26 18.53 -2.84
CA ASN A 105 -0.62 18.11 -4.09
C ASN A 105 0.62 17.27 -3.81
N ALA A 106 0.67 16.67 -2.61
CA ALA A 106 1.80 15.83 -2.23
C ALA A 106 1.45 14.36 -2.34
N THR A 107 2.27 13.63 -3.09
CA THR A 107 2.04 12.19 -3.29
C THR A 107 2.65 11.38 -2.15
N LEU A 108 1.86 10.50 -1.56
CA LEU A 108 2.32 9.66 -0.46
C LEU A 108 2.74 8.28 -0.97
N VAL A 109 3.96 7.88 -0.63
CA VAL A 109 4.48 6.59 -1.04
C VAL A 109 4.35 5.56 0.08
N PHE A 110 3.48 4.57 -0.14
CA PHE A 110 3.25 3.53 0.85
C PHE A 110 3.63 2.16 0.29
N GLU A 111 4.38 1.38 1.07
CA GLU A 111 4.81 0.06 0.66
C GLU A 111 3.88 -1.01 1.22
N VAL A 112 3.54 -1.99 0.38
CA VAL A 112 2.68 -3.08 0.79
C VAL A 112 3.27 -4.43 0.44
N GLU A 113 3.47 -5.27 1.46
CA GLU A 113 4.04 -6.59 1.26
C GLU A 113 3.16 -7.66 1.89
N LEU A 114 2.57 -8.51 1.06
CA LEU A 114 1.71 -9.59 1.54
C LEU A 114 2.52 -10.65 2.29
N LEU A 115 2.11 -10.94 3.52
CA LEU A 115 2.79 -11.94 4.33
C LEU A 115 1.94 -13.21 4.47
N ASP A 116 0.62 -13.03 4.46
CA ASP A 116 -0.29 -14.16 4.59
C ASP A 116 -1.72 -13.73 4.29
N VAL A 117 -2.58 -14.70 3.99
CA VAL A 117 -3.98 -14.42 3.70
C VAL A 117 -4.87 -15.57 4.13
N GLY A 1 19.27 -5.51 -12.26
CA GLY A 1 18.29 -4.99 -13.20
C GLY A 1 17.95 -3.54 -12.92
N PRO A 2 16.96 -3.01 -13.67
CA PRO A 2 16.52 -1.62 -13.52
C PRO A 2 15.78 -1.38 -12.22
N GLY A 3 14.97 -2.36 -11.81
CA GLY A 3 14.21 -2.24 -10.58
C GLY A 3 12.84 -2.86 -10.68
N SER A 4 11.88 -2.09 -11.18
CA SER A 4 10.50 -2.58 -11.32
C SER A 4 10.33 -3.34 -12.64
N MET A 5 9.19 -4.00 -12.78
CA MET A 5 8.90 -4.77 -13.99
C MET A 5 7.98 -3.99 -14.91
N THR A 6 6.71 -3.84 -14.51
CA THR A 6 5.73 -3.12 -15.31
C THR A 6 5.15 -1.95 -14.52
N VAL A 7 5.02 -0.81 -15.18
CA VAL A 7 4.48 0.39 -14.55
C VAL A 7 3.09 0.72 -15.11
N VAL A 8 2.06 0.42 -14.33
CA VAL A 8 0.69 0.69 -14.75
C VAL A 8 -0.02 1.60 -13.75
N THR A 9 -0.87 2.48 -14.27
CA THR A 9 -1.61 3.42 -13.44
C THR A 9 -3.10 3.36 -13.72
N THR A 10 -3.92 3.52 -12.68
CA THR A 10 -5.37 3.47 -12.82
C THR A 10 -5.90 4.83 -13.27
N GLU A 11 -7.23 4.92 -13.39
CA GLU A 11 -7.87 6.16 -13.81
C GLU A 11 -8.01 7.13 -12.65
N SER A 12 -8.29 6.58 -11.46
CA SER A 12 -8.46 7.40 -10.27
C SER A 12 -7.14 8.07 -9.89
N GLY A 13 -6.03 7.43 -10.23
CA GLY A 13 -4.72 7.98 -9.91
C GLY A 13 -3.84 7.00 -9.18
N LEU A 14 -4.47 6.06 -8.46
CA LEU A 14 -3.73 5.07 -7.70
C LEU A 14 -2.71 4.35 -8.58
N LYS A 15 -1.50 4.16 -8.04
CA LYS A 15 -0.43 3.49 -8.78
C LYS A 15 0.28 2.47 -7.89
N TYR A 16 1.02 1.57 -8.52
CA TYR A 16 1.75 0.54 -7.80
C TYR A 16 2.95 0.05 -8.60
N GLU A 17 4.04 -0.26 -7.90
CA GLU A 17 5.26 -0.74 -8.55
C GLU A 17 5.66 -2.10 -8.00
N ASP A 18 5.70 -3.10 -8.87
CA ASP A 18 6.08 -4.45 -8.47
C ASP A 18 7.55 -4.51 -8.09
N LEU A 19 7.82 -4.87 -6.84
CA LEU A 19 9.19 -4.97 -6.34
C LEU A 19 9.60 -6.42 -6.18
N THR A 20 8.63 -7.29 -5.89
CA THR A 20 8.90 -8.71 -5.70
C THR A 20 7.64 -9.54 -5.96
N GLU A 21 7.69 -10.37 -7.00
CA GLU A 21 6.56 -11.22 -7.36
C GLU A 21 6.24 -12.20 -6.23
N GLY A 22 4.97 -12.55 -6.11
CA GLY A 22 4.55 -13.48 -5.07
C GLY A 22 3.60 -14.53 -5.59
N SER A 23 4.14 -15.67 -6.00
CA SER A 23 3.34 -16.76 -6.52
C SER A 23 2.72 -17.58 -5.39
N GLY A 24 1.95 -16.91 -4.54
CA GLY A 24 1.32 -17.59 -3.42
C GLY A 24 -0.19 -17.61 -3.54
N ALA A 25 -0.82 -16.46 -3.31
CA ALA A 25 -2.27 -16.35 -3.39
C ALA A 25 -2.73 -14.91 -3.25
N GLU A 26 -3.63 -14.48 -4.12
CA GLU A 26 -4.15 -13.12 -4.09
C GLU A 26 -4.99 -12.89 -2.84
N ALA A 27 -4.80 -11.73 -2.22
CA ALA A 27 -5.54 -11.38 -1.01
C ALA A 27 -7.04 -11.51 -1.23
N ARG A 28 -7.68 -12.38 -0.45
CA ARG A 28 -9.12 -12.60 -0.56
C ARG A 28 -9.89 -11.53 0.20
N ALA A 29 -11.17 -11.39 -0.13
CA ALA A 29 -12.02 -10.40 0.53
C ALA A 29 -12.84 -11.03 1.64
N GLY A 30 -13.15 -10.24 2.66
CA GLY A 30 -13.92 -10.74 3.79
C GLY A 30 -13.07 -11.52 4.77
N GLN A 31 -11.79 -11.66 4.47
CA GLN A 31 -10.88 -12.40 5.34
C GLN A 31 -9.77 -11.49 5.86
N THR A 32 -9.22 -11.83 7.02
CA THR A 32 -8.16 -11.04 7.62
C THR A 32 -6.79 -11.51 7.15
N VAL A 33 -6.13 -10.68 6.33
CA VAL A 33 -4.81 -11.01 5.82
C VAL A 33 -3.73 -10.20 6.52
N SER A 34 -2.57 -10.82 6.73
CA SER A 34 -1.45 -10.16 7.39
C SER A 34 -0.44 -9.66 6.37
N VAL A 35 -0.21 -8.35 6.37
CA VAL A 35 0.74 -7.74 5.45
C VAL A 35 1.49 -6.58 6.11
N HIS A 36 2.66 -6.26 5.57
CA HIS A 36 3.47 -5.18 6.12
C HIS A 36 3.28 -3.91 5.29
N TYR A 37 3.05 -2.80 5.97
CA TYR A 37 2.86 -1.51 5.31
C TYR A 37 3.89 -0.49 5.77
N THR A 38 4.31 0.38 4.86
CA THR A 38 5.29 1.40 5.17
C THR A 38 4.90 2.75 4.57
N GLY A 39 5.22 3.82 5.28
CA GLY A 39 4.89 5.15 4.81
C GLY A 39 6.12 5.99 4.50
N TRP A 40 6.20 6.49 3.27
CA TRP A 40 7.33 7.30 2.86
C TRP A 40 6.86 8.59 2.18
N LEU A 41 7.49 9.70 2.54
CA LEU A 41 7.13 11.00 1.95
C LEU A 41 7.73 11.15 0.56
N THR A 42 7.35 12.22 -0.13
CA THR A 42 7.86 12.48 -1.47
C THR A 42 9.37 12.44 -1.51
N ASP A 43 10.01 13.05 -0.52
CA ASP A 43 11.46 13.08 -0.44
C ASP A 43 12.01 11.76 0.08
N GLY A 44 11.13 10.98 0.71
CA GLY A 44 11.54 9.70 1.25
C GLY A 44 11.37 9.63 2.76
N GLN A 45 11.13 10.77 3.38
CA GLN A 45 10.95 10.84 4.83
C GLN A 45 9.90 9.83 5.29
N LYS A 46 10.35 8.84 6.05
CA LYS A 46 9.46 7.81 6.56
C LYS A 46 8.60 8.35 7.70
N PHE A 47 7.30 8.04 7.66
CA PHE A 47 6.38 8.49 8.68
C PHE A 47 5.45 7.37 9.12
N ASP A 48 5.89 6.13 8.91
CA ASP A 48 5.09 4.96 9.27
C ASP A 48 5.84 3.67 8.93
N SER A 49 5.95 2.78 9.91
CA SER A 49 6.63 1.51 9.72
C SER A 49 6.09 0.45 10.66
N SER A 50 5.15 -0.34 10.16
CA SER A 50 4.54 -1.41 10.96
C SER A 50 5.61 -2.35 11.53
N LYS A 51 6.74 -2.42 10.84
CA LYS A 51 7.84 -3.28 11.27
C LYS A 51 8.37 -2.83 12.63
N ASP A 52 8.07 -1.59 13.00
CA ASP A 52 8.52 -1.04 14.27
C ASP A 52 8.10 -1.94 15.43
N ARG A 53 6.84 -2.38 15.40
CA ARG A 53 6.31 -3.25 16.44
C ARG A 53 6.81 -4.68 16.28
N ASN A 54 7.55 -4.92 15.20
CA ASN A 54 8.08 -6.25 14.92
C ASN A 54 6.96 -7.25 14.69
N ASP A 55 5.89 -6.80 14.06
CA ASP A 55 4.75 -7.67 13.78
C ASP A 55 3.97 -7.16 12.56
N PRO A 56 3.42 -8.11 11.78
CA PRO A 56 2.65 -7.78 10.58
C PRO A 56 1.31 -7.13 10.90
N PHE A 57 0.69 -6.53 9.89
CA PHE A 57 -0.59 -5.87 10.07
C PHE A 57 -1.73 -6.72 9.51
N ALA A 58 -2.49 -7.34 10.41
CA ALA A 58 -3.61 -8.18 10.00
C ALA A 58 -4.90 -7.38 9.95
N PHE A 59 -5.50 -7.31 8.76
CA PHE A 59 -6.74 -6.57 8.57
C PHE A 59 -7.66 -7.29 7.58
N VAL A 60 -8.96 -7.06 7.72
CA VAL A 60 -9.94 -7.69 6.84
C VAL A 60 -10.06 -6.94 5.51
N LEU A 61 -9.71 -7.62 4.43
CA LEU A 61 -9.76 -7.01 3.10
C LEU A 61 -11.21 -6.79 2.68
N GLY A 62 -11.53 -5.55 2.31
CA GLY A 62 -12.88 -5.23 1.88
C GLY A 62 -13.76 -4.77 3.03
N GLY A 63 -13.14 -4.27 4.09
CA GLY A 63 -13.88 -3.81 5.24
C GLY A 63 -14.05 -2.30 5.25
N GLY A 64 -13.54 -1.65 6.28
CA GLY A 64 -13.65 -0.21 6.39
C GLY A 64 -12.59 0.39 7.29
N MET A 65 -11.38 -0.16 7.22
CA MET A 65 -10.27 0.33 8.04
C MET A 65 -9.05 0.64 7.17
N VAL A 66 -9.30 0.94 5.90
CA VAL A 66 -8.23 1.26 4.97
C VAL A 66 -8.68 2.27 3.92
N ILE A 67 -7.78 2.63 3.02
CA ILE A 67 -8.09 3.58 1.96
C ILE A 67 -8.33 2.87 0.64
N LYS A 68 -8.92 3.59 -0.32
CA LYS A 68 -9.20 3.03 -1.63
C LYS A 68 -7.97 2.34 -2.21
N GLY A 69 -6.85 3.05 -2.21
CA GLY A 69 -5.62 2.50 -2.74
C GLY A 69 -5.23 1.21 -2.05
N TRP A 70 -5.61 1.07 -0.78
CA TRP A 70 -5.29 -0.13 -0.02
C TRP A 70 -6.11 -1.31 -0.50
N ASP A 71 -7.44 -1.17 -0.47
CA ASP A 71 -8.34 -2.23 -0.90
C ASP A 71 -7.98 -2.69 -2.31
N GLU A 72 -7.79 -1.74 -3.21
CA GLU A 72 -7.45 -2.05 -4.60
C GLU A 72 -6.06 -2.70 -4.68
N GLY A 73 -5.13 -2.19 -3.87
CA GLY A 73 -3.78 -2.73 -3.87
C GLY A 73 -3.73 -4.17 -3.43
N VAL A 74 -4.26 -4.45 -2.24
CA VAL A 74 -4.28 -5.81 -1.70
C VAL A 74 -5.18 -6.73 -2.52
N GLN A 75 -6.20 -6.13 -3.14
CA GLN A 75 -7.13 -6.89 -3.96
C GLN A 75 -6.40 -7.66 -5.06
N GLY A 76 -5.21 -7.18 -5.42
CA GLY A 76 -4.44 -7.83 -6.45
C GLY A 76 -3.18 -8.46 -5.91
N MET A 77 -2.57 -7.83 -4.91
CA MET A 77 -1.36 -8.35 -4.30
C MET A 77 -1.52 -9.81 -3.91
N LYS A 78 -0.41 -10.54 -3.91
CA LYS A 78 -0.43 -11.96 -3.56
C LYS A 78 0.47 -12.23 -2.36
N VAL A 79 0.31 -13.40 -1.76
CA VAL A 79 1.11 -13.79 -0.60
C VAL A 79 2.60 -13.70 -0.91
N GLY A 80 3.32 -12.89 -0.14
CA GLY A 80 4.75 -12.73 -0.35
C GLY A 80 5.07 -11.71 -1.41
N GLY A 81 4.03 -11.10 -1.98
CA GLY A 81 4.23 -10.10 -3.02
C GLY A 81 4.50 -8.73 -2.44
N VAL A 82 5.60 -8.12 -2.86
CA VAL A 82 5.97 -6.78 -2.38
C VAL A 82 5.94 -5.77 -3.52
N ARG A 83 5.17 -4.71 -3.34
CA ARG A 83 5.05 -3.67 -4.35
C ARG A 83 4.83 -2.31 -3.70
N ARG A 84 5.43 -1.27 -4.29
CA ARG A 84 5.30 0.08 -3.76
C ARG A 84 4.05 0.75 -4.31
N LEU A 85 3.04 0.89 -3.45
CA LEU A 85 1.78 1.52 -3.84
C LEU A 85 1.86 3.04 -3.68
N THR A 86 1.64 3.76 -4.78
CA THR A 86 1.69 5.22 -4.77
C THR A 86 0.28 5.80 -4.72
N ILE A 87 0.01 6.58 -3.67
CA ILE A 87 -1.30 7.20 -3.51
C ILE A 87 -1.18 8.72 -3.44
N PRO A 88 -2.03 9.41 -4.22
CA PRO A 88 -2.03 10.88 -4.26
C PRO A 88 -2.56 11.49 -2.98
N PRO A 89 -2.43 12.83 -2.85
CA PRO A 89 -2.89 13.57 -1.68
C PRO A 89 -4.41 13.61 -1.58
N GLN A 90 -5.08 13.09 -2.60
CA GLN A 90 -6.54 13.07 -2.62
C GLN A 90 -7.08 11.76 -2.06
N LEU A 91 -6.59 10.65 -2.60
CA LEU A 91 -7.03 9.33 -2.15
C LEU A 91 -6.33 8.94 -0.85
N GLY A 92 -5.32 9.72 -0.47
CA GLY A 92 -4.59 9.45 0.76
C GLY A 92 -4.82 10.51 1.81
N TYR A 93 -5.32 10.10 2.97
CA TYR A 93 -5.58 11.02 4.07
C TYR A 93 -6.58 12.09 3.65
N GLY A 94 -7.34 11.81 2.59
CA GLY A 94 -8.33 12.75 2.10
C GLY A 94 -7.70 13.93 1.40
N ALA A 95 -8.52 14.72 0.71
CA ALA A 95 -8.04 15.89 -0.01
C ALA A 95 -7.34 16.86 0.94
N ARG A 96 -7.67 16.76 2.23
CA ARG A 96 -7.07 17.63 3.24
C ARG A 96 -5.74 17.06 3.73
N GLY A 97 -5.72 15.76 3.99
CA GLY A 97 -4.52 15.11 4.46
C GLY A 97 -4.57 14.78 5.94
N ALA A 98 -3.48 14.27 6.48
CA ALA A 98 -3.41 13.90 7.89
C ALA A 98 -3.24 15.13 8.77
N GLY A 99 -3.82 15.10 9.96
CA GLY A 99 -3.72 16.23 10.87
C GLY A 99 -2.29 16.65 11.09
N GLY A 100 -1.94 17.83 10.58
CA GLY A 100 -0.59 18.34 10.73
C GLY A 100 0.40 17.64 9.82
N VAL A 101 0.67 16.37 10.11
CA VAL A 101 1.61 15.60 9.31
C VAL A 101 1.16 15.51 7.85
N ILE A 102 2.12 15.35 6.95
CA ILE A 102 1.83 15.26 5.53
C ILE A 102 1.30 16.58 4.99
N PRO A 103 1.90 17.05 3.89
CA PRO A 103 1.51 18.31 3.25
C PRO A 103 0.13 18.22 2.59
N PRO A 104 -0.41 19.39 2.20
CA PRO A 104 -1.72 19.46 1.55
C PRO A 104 -1.70 18.89 0.14
N ASN A 105 -0.72 19.30 -0.66
CA ASN A 105 -0.60 18.81 -2.03
C ASN A 105 0.75 18.12 -2.24
N ALA A 106 0.71 16.79 -2.30
CA ALA A 106 1.92 16.01 -2.50
C ALA A 106 1.60 14.53 -2.65
N THR A 107 2.44 13.81 -3.39
CA THR A 107 2.24 12.38 -3.61
C THR A 107 2.83 11.56 -2.46
N LEU A 108 2.02 10.68 -1.90
CA LEU A 108 2.47 9.83 -0.80
C LEU A 108 2.89 8.45 -1.31
N VAL A 109 4.05 8.00 -0.86
CA VAL A 109 4.58 6.70 -1.27
C VAL A 109 4.44 5.68 -0.14
N PHE A 110 3.57 4.69 -0.34
CA PHE A 110 3.34 3.65 0.65
C PHE A 110 3.71 2.28 0.10
N GLU A 111 4.47 1.52 0.88
CA GLU A 111 4.90 0.19 0.47
C GLU A 111 4.01 -0.89 1.09
N VAL A 112 3.60 -1.84 0.26
CA VAL A 112 2.74 -2.93 0.72
C VAL A 112 3.31 -4.28 0.32
N GLU A 113 3.54 -5.14 1.31
CA GLU A 113 4.08 -6.46 1.06
C GLU A 113 3.29 -7.53 1.81
N LEU A 114 2.59 -8.38 1.05
CA LEU A 114 1.79 -9.44 1.65
C LEU A 114 2.67 -10.47 2.33
N LEU A 115 2.31 -10.83 3.56
CA LEU A 115 3.07 -11.81 4.34
C LEU A 115 2.29 -13.11 4.47
N ASP A 116 1.00 -12.99 4.78
CA ASP A 116 0.14 -14.17 4.93
C ASP A 116 -1.32 -13.79 4.77
N VAL A 117 -2.18 -14.80 4.64
CA VAL A 117 -3.61 -14.58 4.49
C VAL A 117 -4.37 -14.96 5.75
#